data_4M2T
#
_entry.id   4M2T
#
_cell.length_a   97.742
_cell.length_b   114.978
_cell.length_c   375.810
_cell.angle_alpha   90.00
_cell.angle_beta   90.00
_cell.angle_gamma   90.00
#
_symmetry.space_group_name_H-M   'P 21 21 21'
#
loop_
_entity.id
_entity.type
_entity.pdbx_description
1 polymer 'Multidrug resistance protein 1A'
2 non-polymer (4S,11S,18S)-4,11,18-tri(propan-2-yl)-6,13,20-triselena-3,10,17,22,23,24-hexaazatetracyclo[17.2.1.1~5,8~.1~12,15~]tetracosa-1(21),5(24),7,12(23),14,19(22)-hexaene-2,9,16-trione
#
_entity_poly.entity_id   1
_entity_poly.type   'polypeptide(L)'
_entity_poly.pdbx_seq_one_letter_code
;MELEEDLKGRADKNFSKMGKKSKKEKKEKKPAVSVLTMFRYAGWLDRLYMLVGTLAAIIHGVALPLMMLIFGDMTDSFAS
VGQVSKQSTQMSEADKRAMFAKLEEEMTTYAYYYTGIGAGVLIVAYIQVSFWCLAAGRQIHKIRQKFFHAIMNQEIGWFD
VHDVGELNTRLTDDVSKINEGIGDKIGMFFQAMATFFGGFIIGFTRGWKLTLVILAISPVLGLSAGIWAKILSSFTDKEL
HAYAKAGAVAEEVLAAIRTVIAFGGQKKELERYNNNLEEAKRLGIKKAITANISMGAAFLLIYASYALAFWYGTSLVISK
EYSIGQVLTVFFSVLIGAFSVGQASPNIEAFANARGAAYEVFKIIDNKPSIDSFSKSGHKPDNIQGNLEFKNIHFSYPSR
KEVQILKGLNLKVKSGQTVALVGNSGCGKSTTVQLMQRLYDPLDGMVSIDGQDIRTINVRYLREIIGVVSQEPVLFATTI
AENIRYGREDVTMDEIEKAVKEANAYDFIMKLPHQFDTLVGERGAQLSGGQKQRIAIARALVRNPKILLLDEATSALDTE
SEAVVQAALDKAREGRTTIVIAHRLSTVRNADVIAGFDGGVIVEQGNHDELMREKGIYFKLVMTQTAGNEIELGNEACKS
KDEIDNLDMSSKDSGSSLIRRRSTRKSICGPHDQDRKLSTKEALDEDVPPASFWRILKLNSTEWPYFVVGIFCAIINGGL
QPAFSVIFSKVVGVFTNGGPPETQRQNSNLFSLLFLILGIISFITFFLQGFTFGKAGEILTKRLRYMVFKSMLRQDVSWF
DDPKNTTGALTTRLANDAAQVKGATGSRLAVIFQNIANLGTGIIISLIYGWQLTLLLLAIVPIIAIAGVVEMKMLSGQAL
KDKKELEGSGKIATEAIENFRTVVSLTREQKFETMYAQSLQIPYRNAMKKAHVFGITFSFTQAMMYFSYAACFRFGAYLV
TQQLMTFENVLLVFSAIVFGAMAVGQVSSFAPDYAKATVSASHIIRIIEKTPEIDSYSTQGLKPNMLEGNVQFSGVVFNY
PTRPSIPVLQGLSLEVKKGQTLALVGSSGCGKSTVVQLLERFYDPMAGSVFLDGKEIKQLNVQWLRAQLGIVSQEPILFD
CSIAENIAYGDNSRVVSYEEIVRAAKEANIHQFIDSLPDKYNTRVGDKGTQLSGGQKQRIAIARALVRQPHILLLDEATS
ALDTESEKVVQEALDKAREGRTCIVIAHRLSTIQNADLIVVIQNGKVKEHGTHQQLLAQKGIYFSMVSVQAGAKRSHHHH
HH
;
_entity_poly.pdbx_strand_id   A,B
#
loop_
_chem_comp.id
_chem_comp.type
_chem_comp.name
_chem_comp.formula
2J8 non-polymer (4S,11S,18S)-4,11,18-tri(propan-2-yl)-6,13,20-triselena-3,10,17,22,23,24-hexaazatetracyclo[17.2.1.1~5,8~.1~12,15~]tetracosa-1(21),5(24),7,12(23),14,19(22)-hexaene-2,9,16-trione 'C24 H30 N6 O3 Se3'
#
# COMPACT_ATOMS: atom_id res chain seq x y z
N LYS A 30 -18.24 38.77 12.21
CA LYS A 30 -18.08 37.35 11.93
C LYS A 30 -19.42 36.62 11.87
N PRO A 31 -19.69 35.94 10.74
CA PRO A 31 -20.97 35.25 10.45
C PRO A 31 -21.13 33.96 11.23
N ALA A 32 -22.36 33.46 11.35
CA ALA A 32 -22.61 32.24 12.11
C ALA A 32 -24.00 31.63 11.85
N VAL A 33 -24.02 30.30 11.77
CA VAL A 33 -25.24 29.56 11.48
C VAL A 33 -26.07 29.36 12.72
N SER A 34 -27.38 29.25 12.54
CA SER A 34 -28.28 28.86 13.61
C SER A 34 -27.91 27.45 14.05
N VAL A 35 -27.98 27.23 15.35
CA VAL A 35 -27.58 25.96 15.95
C VAL A 35 -28.37 24.78 15.38
N LEU A 36 -29.65 25.00 15.11
CA LEU A 36 -30.49 23.93 14.57
C LEU A 36 -30.03 23.49 13.18
N THR A 37 -29.55 24.45 12.39
CA THR A 37 -29.18 24.18 11.01
C THR A 37 -27.90 23.35 10.93
N MET A 38 -27.04 23.50 11.92
CA MET A 38 -25.70 22.91 11.87
C MET A 38 -25.68 21.40 11.99
N PHE A 39 -26.69 20.81 12.60
CA PHE A 39 -26.69 19.37 12.76
C PHE A 39 -27.54 18.71 11.68
N ARG A 40 -27.82 19.48 10.62
CA ARG A 40 -28.72 19.06 9.56
C ARG A 40 -28.41 17.69 8.98
N TYR A 41 -27.14 17.30 9.00
CA TYR A 41 -26.74 16.04 8.42
C TYR A 41 -26.63 14.91 9.45
N ALA A 42 -27.32 15.08 10.57
CA ALA A 42 -27.46 14.01 11.55
C ALA A 42 -28.74 13.25 11.26
N GLY A 43 -28.73 11.94 11.49
CA GLY A 43 -29.91 11.12 11.22
C GLY A 43 -30.53 10.46 12.44
N TRP A 44 -30.97 9.23 12.26
CA TRP A 44 -31.53 8.40 13.32
C TRP A 44 -30.45 8.14 14.37
N LEU A 45 -29.51 7.29 14.00
CA LEU A 45 -28.43 6.86 14.88
C LEU A 45 -27.64 8.04 15.42
N ASP A 46 -27.57 9.12 14.66
CA ASP A 46 -26.82 10.31 15.06
C ASP A 46 -27.47 11.01 16.25
N ARG A 47 -28.75 11.35 16.10
CA ARG A 47 -29.48 11.96 17.19
C ARG A 47 -29.47 11.01 18.39
N LEU A 48 -29.60 9.72 18.11
CA LEU A 48 -29.53 8.70 19.15
C LEU A 48 -28.23 8.82 19.95
N TYR A 49 -27.11 8.82 19.24
CA TYR A 49 -25.80 8.90 19.86
C TYR A 49 -25.64 10.19 20.65
N MET A 50 -26.04 11.31 20.07
CA MET A 50 -25.94 12.59 20.75
C MET A 50 -26.71 12.61 22.06
N LEU A 51 -27.91 12.04 22.04
CA LEU A 51 -28.77 12.03 23.22
C LEU A 51 -28.26 11.11 24.31
N VAL A 52 -27.90 9.88 23.94
CA VAL A 52 -27.34 8.94 24.89
C VAL A 52 -26.10 9.55 25.54
N GLY A 53 -25.22 10.06 24.67
CA GLY A 53 -23.98 10.67 25.10
C GLY A 53 -24.19 11.80 26.06
N THR A 54 -25.00 12.79 25.67
CA THR A 54 -25.29 13.93 26.52
C THR A 54 -25.89 13.51 27.85
N LEU A 55 -26.72 12.48 27.82
CA LEU A 55 -27.34 11.97 29.05
C LEU A 55 -26.27 11.42 29.99
N ALA A 56 -25.31 10.69 29.44
CA ALA A 56 -24.20 10.19 30.26
C ALA A 56 -23.27 11.32 30.71
N ALA A 57 -23.24 12.38 29.93
CA ALA A 57 -22.41 13.54 30.23
C ALA A 57 -22.98 14.27 31.43
N ILE A 58 -24.30 14.36 31.47
CA ILE A 58 -24.97 14.98 32.59
C ILE A 58 -24.64 14.25 33.89
N ILE A 59 -24.75 12.93 33.88
CA ILE A 59 -24.52 12.16 35.09
C ILE A 59 -23.04 12.04 35.45
N HIS A 60 -22.18 12.17 34.46
CA HIS A 60 -20.75 12.25 34.75
C HIS A 60 -20.50 13.59 35.43
N GLY A 61 -21.29 14.59 35.05
CA GLY A 61 -21.12 15.94 35.57
C GLY A 61 -21.37 16.07 37.06
N VAL A 62 -22.40 15.38 37.54
CA VAL A 62 -22.78 15.47 38.94
C VAL A 62 -22.02 14.50 39.82
N ALA A 63 -21.05 13.81 39.23
CA ALA A 63 -20.28 12.81 39.97
C ALA A 63 -19.38 13.48 40.99
N LEU A 64 -18.72 14.55 40.56
CA LEU A 64 -17.81 15.27 41.42
C LEU A 64 -18.47 15.94 42.64
N PRO A 65 -19.59 16.69 42.45
CA PRO A 65 -20.25 17.27 43.62
C PRO A 65 -20.70 16.21 44.63
N LEU A 66 -21.27 15.11 44.12
CA LEU A 66 -21.60 13.97 44.96
C LEU A 66 -20.35 13.54 45.73
N MET A 67 -19.23 13.44 45.03
CA MET A 67 -17.96 13.10 45.67
C MET A 67 -17.65 14.05 46.83
N MET A 68 -17.87 15.35 46.61
CA MET A 68 -17.68 16.36 47.66
C MET A 68 -18.55 16.12 48.91
N LEU A 69 -19.86 15.96 48.68
CA LEU A 69 -20.79 15.67 49.77
C LEU A 69 -20.32 14.46 50.57
N ILE A 70 -20.01 13.38 49.85
CA ILE A 70 -19.53 12.17 50.52
C ILE A 70 -18.28 12.47 51.35
N PHE A 71 -17.42 13.34 50.83
CA PHE A 71 -16.21 13.72 51.57
C PHE A 71 -16.55 14.44 52.88
N GLY A 72 -17.51 15.35 52.83
CA GLY A 72 -17.99 15.99 54.04
C GLY A 72 -18.51 14.99 55.07
N ASP A 73 -19.44 14.14 54.62
CA ASP A 73 -19.98 13.08 55.46
C ASP A 73 -18.88 12.21 56.06
N MET A 74 -17.77 12.11 55.33
CA MET A 74 -16.61 11.35 55.80
C MET A 74 -15.91 12.05 56.96
N THR A 75 -15.50 13.31 56.75
CA THR A 75 -14.78 14.05 57.80
C THR A 75 -15.58 14.21 59.08
N ASP A 76 -16.90 14.39 58.93
CA ASP A 76 -17.80 14.46 60.06
C ASP A 76 -17.59 13.28 61.03
N SER A 77 -17.22 12.12 60.47
CA SER A 77 -17.11 10.90 61.24
C SER A 77 -15.84 10.84 62.09
N PHE A 78 -14.76 11.42 61.58
CA PHE A 78 -13.52 11.48 62.34
C PHE A 78 -13.62 12.55 63.43
N ALA A 79 -14.29 13.65 63.08
CA ALA A 79 -14.57 14.71 64.05
C ALA A 79 -15.15 14.18 65.37
N SER A 80 -15.95 13.12 65.28
CA SER A 80 -16.58 12.54 66.44
C SER A 80 -15.60 11.78 67.33
N VAL A 81 -14.64 11.11 66.71
CA VAL A 81 -13.71 10.28 67.48
C VAL A 81 -12.50 11.06 68.01
N GLY A 82 -12.24 12.24 67.46
CA GLY A 82 -11.14 13.06 67.96
C GLY A 82 -11.33 13.61 69.37
N GLN A 83 -12.41 14.35 69.55
CA GLN A 83 -12.68 15.12 70.76
C GLN A 83 -12.84 14.28 72.04
N VAL A 84 -13.39 13.08 71.91
CA VAL A 84 -13.64 12.21 73.06
C VAL A 84 -12.34 11.62 73.61
N SER A 85 -11.44 11.21 72.72
CA SER A 85 -10.15 10.66 73.13
C SER A 85 -9.11 11.75 73.37
N LYS A 86 -9.45 13.00 73.07
CA LYS A 86 -8.58 14.13 73.41
C LYS A 86 -8.61 14.45 74.91
N GLN A 87 -9.69 15.09 75.36
CA GLN A 87 -9.81 15.59 76.73
C GLN A 87 -9.74 14.52 77.83
N SER A 88 -8.77 14.66 78.72
CA SER A 88 -8.63 13.77 79.88
C SER A 88 -8.63 12.30 79.46
N THR A 89 -9.26 11.47 80.26
CA THR A 89 -9.41 10.05 79.95
C THR A 89 -10.79 9.59 80.41
N GLN A 90 -11.49 8.87 79.54
CA GLN A 90 -12.86 8.46 79.84
C GLN A 90 -13.00 6.94 79.98
N MET A 91 -13.23 6.25 78.86
CA MET A 91 -13.34 4.80 78.85
C MET A 91 -12.32 4.17 77.89
N SER A 92 -11.35 3.45 78.44
CA SER A 92 -10.26 2.88 77.65
C SER A 92 -10.70 1.65 76.82
N GLU A 93 -11.43 0.73 77.47
CA GLU A 93 -11.88 -0.50 76.82
C GLU A 93 -13.23 -0.32 76.11
N ALA A 94 -13.91 0.80 76.41
CA ALA A 94 -15.21 1.09 75.82
C ALA A 94 -15.12 2.19 74.76
N ASP A 95 -13.90 2.46 74.28
CA ASP A 95 -13.67 3.42 73.21
C ASP A 95 -13.44 2.72 71.87
N LYS A 96 -12.63 1.66 71.88
CA LYS A 96 -12.36 0.84 70.70
C LYS A 96 -13.65 0.30 70.05
N ARG A 97 -14.70 0.17 70.86
CA ARG A 97 -15.98 -0.32 70.40
C ARG A 97 -16.83 0.81 69.83
N ALA A 98 -16.71 1.98 70.45
CA ALA A 98 -17.56 3.13 70.13
C ALA A 98 -16.92 4.07 69.11
N MET A 99 -15.62 3.92 68.92
CA MET A 99 -14.87 4.80 68.02
C MET A 99 -14.22 4.02 66.90
N PHE A 100 -13.28 3.14 67.26
CA PHE A 100 -12.57 2.31 66.30
C PHE A 100 -13.53 1.43 65.51
N ALA A 101 -14.47 0.80 66.22
CA ALA A 101 -15.38 -0.16 65.59
C ALA A 101 -16.44 0.56 64.78
N LYS A 102 -16.78 1.77 65.21
CA LYS A 102 -17.79 2.59 64.55
C LYS A 102 -17.29 3.11 63.20
N LEU A 103 -16.07 3.65 63.22
CA LEU A 103 -15.47 4.23 62.02
C LEU A 103 -15.27 3.23 60.89
N GLU A 104 -14.80 2.03 61.20
CA GLU A 104 -14.61 1.00 60.17
C GLU A 104 -15.94 0.65 59.52
N GLU A 105 -16.98 0.62 60.34
CA GLU A 105 -18.33 0.34 59.87
C GLU A 105 -18.84 1.47 58.99
N GLU A 106 -18.36 2.68 59.24
CA GLU A 106 -18.76 3.82 58.40
C GLU A 106 -17.94 3.90 57.09
N MET A 107 -16.70 3.43 57.16
CA MET A 107 -15.80 3.51 56.02
C MET A 107 -15.97 2.35 55.05
N THR A 108 -16.52 1.24 55.55
CA THR A 108 -16.82 0.11 54.68
C THR A 108 -17.95 0.46 53.71
N THR A 109 -18.80 1.38 54.13
CA THR A 109 -19.89 1.87 53.27
C THR A 109 -19.46 3.09 52.46
N TYR A 110 -18.71 4.00 53.11
CA TYR A 110 -18.14 5.14 52.39
C TYR A 110 -17.30 4.66 51.20
N ALA A 111 -16.54 3.59 51.40
CA ALA A 111 -15.72 3.01 50.34
C ALA A 111 -16.59 2.55 49.19
N TYR A 112 -17.68 1.85 49.52
CA TYR A 112 -18.64 1.42 48.51
C TYR A 112 -19.20 2.61 47.73
N TYR A 113 -19.38 3.74 48.41
CA TYR A 113 -19.85 4.95 47.73
C TYR A 113 -18.82 5.52 46.76
N TYR A 114 -17.63 5.83 47.27
CA TYR A 114 -16.53 6.29 46.44
C TYR A 114 -16.38 5.38 45.21
N THR A 115 -16.00 4.14 45.47
CA THR A 115 -15.75 3.16 44.42
C THR A 115 -16.94 2.98 43.48
N GLY A 116 -18.16 2.96 44.02
CA GLY A 116 -19.35 2.89 43.21
C GLY A 116 -19.41 4.03 42.20
N ILE A 117 -19.32 5.25 42.70
CA ILE A 117 -19.36 6.43 41.83
C ILE A 117 -18.29 6.38 40.76
N GLY A 118 -17.07 5.99 41.14
CA GLY A 118 -15.99 5.88 40.19
C GLY A 118 -16.27 4.88 39.08
N ALA A 119 -16.67 3.67 39.48
CA ALA A 119 -16.98 2.61 38.53
C ALA A 119 -18.08 3.03 37.58
N GLY A 120 -19.06 3.78 38.09
CA GLY A 120 -20.07 4.33 37.22
C GLY A 120 -19.45 5.33 36.26
N VAL A 121 -18.55 6.13 36.80
CA VAL A 121 -17.92 7.23 36.07
C VAL A 121 -17.17 6.74 34.84
N LEU A 122 -16.43 5.65 34.95
CA LEU A 122 -15.74 5.13 33.77
C LEU A 122 -16.73 4.84 32.63
N ILE A 123 -17.84 4.18 32.98
CA ILE A 123 -18.85 3.81 31.99
C ILE A 123 -19.46 5.03 31.32
N VAL A 124 -19.97 5.94 32.14
CA VAL A 124 -20.67 7.11 31.59
C VAL A 124 -19.75 8.09 30.85
N ALA A 125 -18.48 8.13 31.25
CA ALA A 125 -17.50 8.96 30.54
C ALA A 125 -17.27 8.33 29.19
N TYR A 126 -17.14 7.00 29.19
CA TYR A 126 -16.98 6.26 27.96
C TYR A 126 -18.11 6.60 27.01
N ILE A 127 -19.35 6.39 27.44
CA ILE A 127 -20.51 6.70 26.62
C ILE A 127 -20.43 8.13 26.08
N GLN A 128 -20.07 9.07 26.95
CA GLN A 128 -19.95 10.46 26.57
C GLN A 128 -19.01 10.69 25.37
N VAL A 129 -17.72 10.50 25.60
CA VAL A 129 -16.74 10.77 24.54
C VAL A 129 -16.97 9.89 23.30
N SER A 130 -17.21 8.60 23.52
CA SER A 130 -17.45 7.63 22.45
C SER A 130 -18.58 8.08 21.52
N PHE A 131 -19.77 8.27 22.09
CA PHE A 131 -20.92 8.63 21.27
C PHE A 131 -20.78 9.99 20.60
N TRP A 132 -20.29 10.97 21.33
CA TRP A 132 -20.20 12.32 20.75
C TRP A 132 -19.20 12.37 19.58
N CYS A 133 -18.02 11.80 19.80
CA CYS A 133 -17.00 11.66 18.77
C CYS A 133 -17.57 10.93 17.56
N LEU A 134 -18.32 9.88 17.84
CA LEU A 134 -18.91 9.04 16.79
C LEU A 134 -19.88 9.83 15.90
N ALA A 135 -20.95 10.32 16.51
CA ALA A 135 -21.97 11.06 15.77
C ALA A 135 -21.38 12.23 15.02
N ALA A 136 -20.47 12.94 15.68
CA ALA A 136 -19.75 14.03 15.02
C ALA A 136 -19.04 13.56 13.75
N GLY A 137 -18.23 12.50 13.88
CA GLY A 137 -17.48 11.97 12.76
C GLY A 137 -18.38 11.62 11.59
N ARG A 138 -19.38 10.79 11.87
CA ARG A 138 -20.35 10.37 10.86
C ARG A 138 -20.97 11.56 10.15
N GLN A 139 -21.33 12.59 10.89
CA GLN A 139 -21.85 13.81 10.26
C GLN A 139 -20.83 14.42 9.31
N ILE A 140 -19.63 14.62 9.85
CA ILE A 140 -18.57 15.30 9.12
C ILE A 140 -18.29 14.60 7.79
N HIS A 141 -18.31 13.27 7.79
CA HIS A 141 -18.06 12.47 6.58
C HIS A 141 -18.97 12.91 5.44
N LYS A 142 -20.25 13.07 5.75
CA LYS A 142 -21.19 13.58 4.78
C LYS A 142 -20.86 15.03 4.45
N ILE A 143 -20.62 15.84 5.47
CA ILE A 143 -20.40 17.26 5.27
C ILE A 143 -19.30 17.58 4.25
N ARG A 144 -18.12 16.99 4.44
CA ARG A 144 -16.99 17.19 3.53
C ARG A 144 -17.31 16.73 2.10
N GLN A 145 -17.94 15.57 2.00
CA GLN A 145 -18.30 15.03 0.69
C GLN A 145 -19.22 15.98 -0.07
N LYS A 146 -20.31 16.40 0.58
CA LYS A 146 -21.23 17.29 -0.08
C LYS A 146 -20.64 18.67 -0.35
N PHE A 147 -19.69 19.10 0.50
CA PHE A 147 -18.97 20.34 0.24
C PHE A 147 -18.20 20.21 -1.07
N PHE A 148 -17.54 19.07 -1.26
CA PHE A 148 -16.74 18.85 -2.44
C PHE A 148 -17.62 18.82 -3.69
N HIS A 149 -18.67 18.01 -3.62
CA HIS A 149 -19.62 17.89 -4.73
C HIS A 149 -20.19 19.26 -5.08
N ALA A 150 -20.43 20.07 -4.06
CA ALA A 150 -21.04 21.38 -4.27
C ALA A 150 -20.04 22.36 -4.88
N ILE A 151 -18.76 22.12 -4.61
CA ILE A 151 -17.72 22.92 -5.25
C ILE A 151 -17.67 22.56 -6.74
N MET A 152 -17.81 21.27 -7.03
CA MET A 152 -17.84 20.81 -8.42
C MET A 152 -19.07 21.29 -9.18
N ASN A 153 -20.17 21.43 -8.46
CA ASN A 153 -21.45 21.78 -9.05
C ASN A 153 -21.41 23.21 -9.60
N GLN A 154 -20.65 24.06 -8.92
CA GLN A 154 -20.55 25.46 -9.26
C GLN A 154 -20.05 25.65 -10.68
N GLU A 155 -20.62 26.63 -11.38
CA GLU A 155 -20.13 26.99 -12.71
C GLU A 155 -18.81 27.71 -12.57
N ILE A 156 -18.21 28.06 -13.70
CA ILE A 156 -16.93 28.75 -13.68
C ILE A 156 -17.07 30.20 -13.24
N GLY A 157 -18.27 30.75 -13.37
CA GLY A 157 -18.53 32.13 -13.00
C GLY A 157 -18.29 32.29 -11.51
N TRP A 158 -18.51 31.19 -10.79
CA TRP A 158 -18.29 31.09 -9.35
C TRP A 158 -16.79 31.07 -9.05
N PHE A 159 -16.03 30.42 -9.92
CA PHE A 159 -14.58 30.31 -9.74
C PHE A 159 -13.87 31.57 -10.22
N ASP A 160 -14.63 32.47 -10.82
CA ASP A 160 -14.05 33.75 -11.22
C ASP A 160 -14.01 34.66 -10.01
N VAL A 161 -15.12 34.68 -9.27
CA VAL A 161 -15.24 35.60 -8.15
C VAL A 161 -14.57 35.06 -6.91
N HIS A 162 -14.18 33.80 -6.93
CA HIS A 162 -13.60 33.18 -5.74
C HIS A 162 -12.15 32.75 -5.91
N ASP A 163 -11.39 32.90 -4.84
CA ASP A 163 -10.01 32.45 -4.82
C ASP A 163 -9.99 30.95 -4.59
N VAL A 164 -9.30 30.22 -5.45
CA VAL A 164 -9.26 28.76 -5.35
C VAL A 164 -8.34 28.28 -4.23
N GLY A 165 -7.33 29.08 -3.92
CA GLY A 165 -6.38 28.73 -2.87
C GLY A 165 -7.04 28.61 -1.52
N GLU A 166 -7.88 29.57 -1.17
CA GLU A 166 -8.56 29.57 0.12
C GLU A 166 -9.68 28.55 0.16
N LEU A 167 -10.27 28.30 -1.01
CA LEU A 167 -11.33 27.31 -1.13
C LEU A 167 -10.79 25.90 -0.86
N ASN A 168 -9.65 25.56 -1.46
CA ASN A 168 -9.10 24.22 -1.27
C ASN A 168 -8.66 23.97 0.15
N THR A 169 -8.12 25.01 0.78
CA THR A 169 -7.73 24.93 2.17
C THR A 169 -8.99 24.95 3.05
N ARG A 170 -10.10 25.46 2.52
CA ARG A 170 -11.31 25.53 3.33
C ARG A 170 -11.88 24.13 3.52
N LEU A 171 -11.71 23.28 2.50
CA LEU A 171 -12.21 21.91 2.54
C LEU A 171 -11.46 21.07 3.57
N THR A 172 -10.23 21.48 3.89
CA THR A 172 -9.45 20.79 4.90
C THR A 172 -9.55 21.51 6.25
N ASP A 173 -9.38 22.83 6.24
CA ASP A 173 -9.36 23.59 7.48
C ASP A 173 -10.72 23.81 8.13
N ASP A 174 -11.70 24.29 7.35
CA ASP A 174 -13.02 24.61 7.90
C ASP A 174 -13.87 23.38 8.24
N VAL A 175 -13.71 22.31 7.49
CA VAL A 175 -14.42 21.07 7.78
C VAL A 175 -13.84 20.41 9.03
N SER A 176 -12.52 20.45 9.15
CA SER A 176 -11.86 19.96 10.35
C SER A 176 -12.21 20.87 11.53
N LYS A 177 -12.57 22.11 11.22
CA LYS A 177 -12.92 23.10 12.24
C LYS A 177 -14.36 22.93 12.72
N ILE A 178 -15.21 22.37 11.86
CA ILE A 178 -16.59 22.11 12.25
C ILE A 178 -16.70 20.71 12.88
N ASN A 179 -15.74 19.85 12.56
CA ASN A 179 -15.59 18.56 13.25
C ASN A 179 -15.38 18.79 14.74
N GLU A 180 -14.57 19.80 15.05
CA GLU A 180 -14.30 20.20 16.42
C GLU A 180 -15.35 21.24 16.82
N GLY A 181 -16.28 20.84 17.67
CA GLY A 181 -17.39 21.71 18.01
C GLY A 181 -18.72 21.00 17.94
N ILE A 182 -18.74 19.80 17.35
CA ILE A 182 -19.93 18.97 17.35
C ILE A 182 -19.55 17.59 17.83
N GLY A 183 -18.36 17.50 18.41
CA GLY A 183 -17.86 16.25 18.95
C GLY A 183 -17.72 16.27 20.45
N ASP A 184 -16.56 15.84 20.92
CA ASP A 184 -16.28 15.71 22.34
C ASP A 184 -16.51 17.01 23.10
N LYS A 185 -16.26 18.12 22.43
CA LYS A 185 -16.31 19.44 23.06
C LYS A 185 -17.64 19.74 23.73
N ILE A 186 -18.75 19.47 23.06
CA ILE A 186 -20.03 19.78 23.65
C ILE A 186 -20.47 18.74 24.65
N GLY A 187 -19.92 17.53 24.50
CA GLY A 187 -20.04 16.53 25.54
C GLY A 187 -19.47 17.08 26.83
N MET A 188 -18.24 17.58 26.77
CA MET A 188 -17.62 18.18 27.94
C MET A 188 -18.34 19.44 28.39
N PHE A 189 -18.97 20.15 27.47
CA PHE A 189 -19.78 21.30 27.84
C PHE A 189 -20.93 20.87 28.72
N PHE A 190 -21.59 19.78 28.33
CA PHE A 190 -22.69 19.26 29.12
C PHE A 190 -22.23 18.71 30.46
N GLN A 191 -21.08 18.03 30.47
CA GLN A 191 -20.50 17.56 31.73
C GLN A 191 -20.26 18.76 32.65
N ALA A 192 -19.80 19.85 32.06
CA ALA A 192 -19.44 21.04 32.82
C ALA A 192 -20.64 21.76 33.40
N MET A 193 -21.68 21.94 32.60
CA MET A 193 -22.89 22.56 33.12
C MET A 193 -23.58 21.65 34.13
N ALA A 194 -23.45 20.34 33.93
CA ALA A 194 -23.96 19.37 34.89
C ALA A 194 -23.21 19.47 36.22
N THR A 195 -21.93 19.77 36.16
CA THR A 195 -21.16 19.95 37.39
C THR A 195 -21.49 21.28 38.04
N PHE A 196 -21.84 22.27 37.23
CA PHE A 196 -22.26 23.56 37.73
C PHE A 196 -23.56 23.43 38.54
N PHE A 197 -24.57 22.84 37.89
CA PHE A 197 -25.85 22.63 38.54
C PHE A 197 -25.80 21.64 39.71
N GLY A 198 -25.05 20.55 39.53
CA GLY A 198 -24.90 19.58 40.59
C GLY A 198 -24.23 20.20 41.80
N GLY A 199 -23.17 20.97 41.56
CA GLY A 199 -22.43 21.62 42.61
C GLY A 199 -23.21 22.67 43.37
N PHE A 200 -23.98 23.49 42.65
CA PHE A 200 -24.79 24.50 43.35
C PHE A 200 -26.04 23.92 44.01
N ILE A 201 -26.60 22.87 43.43
CA ILE A 201 -27.74 22.18 44.06
C ILE A 201 -27.30 21.49 45.33
N ILE A 202 -26.26 20.66 45.25
CA ILE A 202 -25.71 20.01 46.44
C ILE A 202 -25.28 21.05 47.46
N GLY A 203 -24.69 22.13 46.95
CA GLY A 203 -24.32 23.25 47.78
C GLY A 203 -25.48 23.73 48.63
N PHE A 204 -26.55 24.18 47.98
CA PHE A 204 -27.70 24.72 48.71
C PHE A 204 -28.48 23.69 49.54
N THR A 205 -28.46 22.44 49.11
CA THR A 205 -29.14 21.35 49.82
C THR A 205 -28.44 21.07 51.15
N ARG A 206 -27.12 20.93 51.13
CA ARG A 206 -26.40 20.68 52.38
C ARG A 206 -26.22 21.95 53.20
N GLY A 207 -26.09 23.08 52.52
CA GLY A 207 -25.80 24.33 53.19
C GLY A 207 -26.47 25.53 52.52
N TRP A 208 -27.41 26.14 53.22
CA TRP A 208 -28.13 27.28 52.68
C TRP A 208 -27.25 28.54 52.65
N LYS A 209 -26.64 28.83 53.79
CA LYS A 209 -25.95 30.10 54.01
C LYS A 209 -24.58 30.16 53.31
N LEU A 210 -23.72 29.21 53.66
CA LEU A 210 -22.33 29.17 53.19
C LEU A 210 -22.21 29.33 51.69
N THR A 211 -23.10 28.64 50.97
CA THR A 211 -23.11 28.69 49.53
C THR A 211 -23.44 30.08 49.02
N LEU A 212 -24.28 30.79 49.77
CA LEU A 212 -24.63 32.16 49.38
C LEU A 212 -23.50 33.10 49.71
N VAL A 213 -22.72 32.76 50.73
CA VAL A 213 -21.53 33.53 51.04
C VAL A 213 -20.52 33.39 49.91
N ILE A 214 -20.27 32.15 49.50
CA ILE A 214 -19.29 31.88 48.47
C ILE A 214 -19.73 32.42 47.10
N LEU A 215 -20.99 32.18 46.76
CA LEU A 215 -21.56 32.73 45.53
C LEU A 215 -21.54 34.26 45.60
N ALA A 216 -21.61 34.81 46.80
CA ALA A 216 -21.44 36.25 46.96
C ALA A 216 -20.03 36.64 46.59
N ILE A 217 -19.06 35.79 46.94
CA ILE A 217 -17.67 36.07 46.60
C ILE A 217 -17.41 35.95 45.10
N SER A 218 -18.18 35.08 44.42
CA SER A 218 -17.92 34.76 43.01
C SER A 218 -17.85 35.91 41.99
N PRO A 219 -18.75 36.91 42.07
CA PRO A 219 -18.69 37.93 41.00
C PRO A 219 -17.45 38.82 41.05
N VAL A 220 -16.58 38.64 42.04
CA VAL A 220 -15.38 39.45 42.12
C VAL A 220 -14.17 38.77 41.48
N LEU A 221 -14.36 37.54 41.02
CA LEU A 221 -13.28 36.81 40.33
C LEU A 221 -13.45 36.83 38.81
N GLY A 222 -14.70 36.84 38.35
CA GLY A 222 -15.00 36.93 36.94
C GLY A 222 -14.87 38.36 36.44
N LEU A 223 -15.06 39.31 37.35
CA LEU A 223 -14.83 40.72 37.04
C LEU A 223 -13.32 41.01 37.07
N SER A 224 -12.58 40.17 37.79
CA SER A 224 -11.13 40.31 37.86
C SER A 224 -10.45 39.63 36.67
N ALA A 225 -10.89 38.43 36.34
CA ALA A 225 -10.34 37.70 35.19
C ALA A 225 -10.73 38.37 33.86
N GLY A 226 -11.85 39.09 33.86
CA GLY A 226 -12.34 39.77 32.66
C GLY A 226 -11.67 41.07 32.29
N ILE A 227 -11.13 41.80 33.26
CA ILE A 227 -10.42 43.05 33.00
C ILE A 227 -8.94 42.80 32.71
N TRP A 228 -8.41 41.73 33.27
CA TRP A 228 -6.99 41.43 33.17
C TRP A 228 -6.67 40.70 31.88
N ALA A 229 -7.69 40.07 31.29
CA ALA A 229 -7.55 39.46 29.98
C ALA A 229 -7.50 40.55 28.91
N LYS A 230 -8.39 41.54 29.05
CA LYS A 230 -8.45 42.67 28.13
C LYS A 230 -7.16 43.48 28.17
N ILE A 231 -6.54 43.54 29.35
CA ILE A 231 -5.28 44.24 29.52
C ILE A 231 -4.14 43.54 28.78
N LEU A 232 -4.01 42.24 29.00
CA LEU A 232 -2.98 41.45 28.33
C LEU A 232 -3.19 41.37 26.82
N SER A 233 -4.45 41.27 26.42
CA SER A 233 -4.79 41.18 25.00
C SER A 233 -4.67 42.53 24.30
N SER A 234 -4.62 43.61 25.09
CA SER A 234 -4.46 44.96 24.54
C SER A 234 -3.05 45.17 24.06
N PHE A 235 -2.09 44.58 24.76
CA PHE A 235 -0.69 44.71 24.42
C PHE A 235 -0.25 43.66 23.40
N THR A 236 -1.01 42.57 23.30
CA THR A 236 -0.66 41.46 22.43
C THR A 236 -0.71 41.86 20.96
N ASP A 237 -1.77 42.57 20.59
CA ASP A 237 -1.97 43.03 19.22
C ASP A 237 -1.24 44.33 18.97
N LYS A 238 -0.84 44.98 20.06
CA LYS A 238 0.00 46.18 19.97
C LYS A 238 1.42 45.78 19.63
N GLU A 239 1.79 44.58 20.04
CA GLU A 239 3.12 44.04 19.81
C GLU A 239 3.30 43.59 18.36
N LEU A 240 2.23 43.04 17.79
CA LEU A 240 2.22 42.54 16.43
C LEU A 240 2.63 43.64 15.47
N HIS A 241 2.02 44.81 15.64
CA HIS A 241 2.33 45.94 14.78
C HIS A 241 3.46 46.78 15.37
N ALA A 242 4.04 46.32 16.48
CA ALA A 242 5.19 47.00 17.06
C ALA A 242 6.50 46.52 16.43
N TYR A 243 6.68 45.20 16.35
CA TYR A 243 7.86 44.61 15.73
C TYR A 243 7.81 44.70 14.21
N ALA A 244 6.61 44.83 13.65
CA ALA A 244 6.43 44.84 12.20
C ALA A 244 7.15 46.01 11.52
N LYS A 245 7.70 46.93 12.31
CA LYS A 245 8.57 47.98 11.78
C LYS A 245 9.97 47.43 11.52
N ALA A 246 10.43 46.54 12.40
CA ALA A 246 11.72 45.89 12.23
C ALA A 246 11.62 44.76 11.23
N GLY A 247 10.47 44.10 11.18
CA GLY A 247 10.23 43.03 10.22
C GLY A 247 10.23 43.53 8.78
N ALA A 248 9.86 44.81 8.62
CA ALA A 248 9.82 45.42 7.29
C ALA A 248 11.21 45.48 6.69
N VAL A 249 12.14 46.08 7.43
CA VAL A 249 13.52 46.18 7.02
C VAL A 249 14.21 44.83 7.14
N ALA A 250 13.55 43.90 7.83
CA ALA A 250 14.05 42.54 7.93
C ALA A 250 13.82 41.80 6.62
N GLU A 251 12.65 41.96 6.03
CA GLU A 251 12.39 41.31 4.75
C GLU A 251 12.92 42.15 3.60
N GLU A 252 13.04 43.46 3.83
CA GLU A 252 13.62 44.34 2.83
C GLU A 252 15.09 44.01 2.58
N VAL A 253 15.81 43.66 3.65
CA VAL A 253 17.22 43.28 3.54
C VAL A 253 17.38 41.87 2.99
N LEU A 254 16.69 40.91 3.58
CA LEU A 254 16.83 39.51 3.19
C LEU A 254 16.33 39.22 1.77
N ALA A 255 15.57 40.13 1.19
CA ALA A 255 15.15 40.01 -0.19
C ALA A 255 16.27 40.53 -1.09
N ALA A 256 16.65 41.78 -0.86
CA ALA A 256 17.67 42.45 -1.68
C ALA A 256 19.09 42.10 -1.23
N ILE A 257 19.24 40.96 -0.54
CA ILE A 257 20.50 40.58 0.08
C ILE A 257 21.67 40.52 -0.91
N ARG A 258 21.38 40.13 -2.14
CA ARG A 258 22.42 40.07 -3.16
C ARG A 258 22.97 41.47 -3.36
N THR A 259 22.07 42.44 -3.53
CA THR A 259 22.49 43.82 -3.77
C THR A 259 23.05 44.46 -2.50
N VAL A 260 22.77 43.84 -1.37
CA VAL A 260 23.31 44.32 -0.11
C VAL A 260 24.79 43.96 0.01
N ILE A 261 25.09 42.65 0.01
CA ILE A 261 26.46 42.19 0.20
C ILE A 261 27.36 42.81 -0.85
N ALA A 262 26.84 42.92 -2.06
CA ALA A 262 27.56 43.49 -3.18
C ALA A 262 27.84 44.98 -2.99
N PHE A 263 27.02 45.64 -2.19
CA PHE A 263 27.29 47.03 -1.84
C PHE A 263 27.63 47.13 -0.36
N GLY A 264 27.95 45.98 0.24
CA GLY A 264 28.47 45.89 1.60
C GLY A 264 27.73 46.65 2.68
N GLY A 265 26.45 46.91 2.47
CA GLY A 265 25.67 47.64 3.44
C GLY A 265 25.30 46.83 4.67
N GLN A 266 26.11 45.83 4.98
CA GLN A 266 25.81 44.92 6.08
C GLN A 266 25.79 45.65 7.41
N LYS A 267 26.74 46.56 7.59
CA LYS A 267 26.84 47.39 8.79
C LYS A 267 25.61 48.29 8.96
N LYS A 268 25.36 49.12 7.96
CA LYS A 268 24.23 50.05 7.97
C LYS A 268 22.90 49.35 8.16
N GLU A 269 22.71 48.20 7.52
CA GLU A 269 21.45 47.45 7.63
C GLU A 269 21.32 46.79 8.99
N LEU A 270 22.44 46.38 9.55
CA LEU A 270 22.44 45.87 10.92
C LEU A 270 21.97 46.98 11.87
N GLU A 271 22.56 48.17 11.74
CA GLU A 271 22.17 49.32 12.55
C GLU A 271 20.68 49.65 12.37
N ARG A 272 20.29 49.80 11.10
CA ARG A 272 18.94 50.16 10.69
C ARG A 272 17.91 49.20 11.24
N TYR A 273 18.24 47.91 11.25
CA TYR A 273 17.35 46.92 11.83
C TYR A 273 17.30 47.08 13.34
N ASN A 274 18.45 47.36 13.94
CA ASN A 274 18.52 47.42 15.40
C ASN A 274 17.76 48.59 15.99
N ASN A 275 17.65 49.67 15.24
CA ASN A 275 16.97 50.85 15.76
C ASN A 275 15.46 50.68 15.96
N ASN A 276 14.93 49.55 15.50
CA ASN A 276 13.52 49.25 15.65
C ASN A 276 13.27 48.07 16.58
N LEU A 277 14.27 47.77 17.41
CA LEU A 277 14.17 46.70 18.39
C LEU A 277 13.99 47.26 19.80
N GLU A 278 14.78 48.27 20.13
CA GLU A 278 14.73 48.89 21.45
C GLU A 278 13.55 49.85 21.57
N GLU A 279 12.43 49.50 20.92
CA GLU A 279 11.22 50.31 20.97
C GLU A 279 9.98 49.42 20.98
N ALA A 280 10.16 48.16 20.60
CA ALA A 280 9.04 47.23 20.38
C ALA A 280 9.06 46.01 21.29
N LYS A 281 10.15 45.84 22.04
CA LYS A 281 10.21 44.76 23.02
C LYS A 281 10.22 45.39 24.40
N ARG A 282 10.71 46.62 24.45
CA ARG A 282 10.62 47.44 25.64
C ARG A 282 9.14 47.70 25.91
N LEU A 283 8.36 47.66 24.84
CA LEU A 283 6.90 47.69 24.91
C LEU A 283 6.40 46.38 25.53
N GLY A 284 7.07 45.27 25.19
CA GLY A 284 6.69 43.97 25.70
C GLY A 284 6.97 43.77 27.18
N ILE A 285 8.03 44.40 27.67
CA ILE A 285 8.41 44.33 29.10
C ILE A 285 7.21 44.59 29.99
N LYS A 286 6.61 45.76 29.77
CA LYS A 286 5.45 46.20 30.51
C LYS A 286 4.31 45.19 30.44
N LYS A 287 4.04 44.66 29.25
CA LYS A 287 2.97 43.67 29.10
C LYS A 287 3.27 42.40 29.92
N ALA A 288 4.51 41.93 29.88
CA ALA A 288 4.92 40.78 30.68
C ALA A 288 4.63 41.03 32.16
N ILE A 289 5.03 42.21 32.63
CA ILE A 289 4.75 42.63 34.00
C ILE A 289 3.25 42.58 34.34
N THR A 290 2.43 43.31 33.59
CA THR A 290 1.00 43.36 33.86
C THR A 290 0.32 41.98 33.82
N ALA A 291 0.82 41.07 32.98
CA ALA A 291 0.24 39.73 32.95
C ALA A 291 0.63 38.96 34.21
N ASN A 292 1.88 39.18 34.66
CA ASN A 292 2.33 38.64 35.94
C ASN A 292 1.51 39.15 37.14
N ILE A 293 1.13 40.43 37.08
CA ILE A 293 0.33 41.04 38.15
C ILE A 293 -1.11 40.53 38.06
N SER A 294 -1.55 40.18 36.85
CA SER A 294 -2.84 39.53 36.68
C SER A 294 -2.84 38.24 37.47
N MET A 295 -1.86 37.38 37.18
CA MET A 295 -1.69 36.10 37.89
C MET A 295 -1.64 36.32 39.42
N GLY A 296 -0.86 37.30 39.84
CA GLY A 296 -0.73 37.63 41.25
C GLY A 296 -2.07 37.98 41.88
N ALA A 297 -2.85 38.82 41.21
CA ALA A 297 -4.15 39.26 41.71
C ALA A 297 -5.15 38.11 41.77
N ALA A 298 -5.07 37.21 40.80
CA ALA A 298 -5.89 36.01 40.82
C ALA A 298 -5.60 35.24 42.08
N PHE A 299 -4.31 35.06 42.37
CA PHE A 299 -3.90 34.30 43.55
C PHE A 299 -4.33 34.97 44.86
N LEU A 300 -4.07 36.26 44.97
CA LEU A 300 -4.49 37.06 46.11
C LEU A 300 -5.99 36.94 46.34
N LEU A 301 -6.73 36.92 45.25
CA LEU A 301 -8.19 36.87 45.32
C LEU A 301 -8.75 35.52 45.70
N ILE A 302 -8.21 34.43 45.13
CA ILE A 302 -8.67 33.10 45.48
C ILE A 302 -8.27 32.74 46.91
N TYR A 303 -7.12 33.25 47.34
CA TYR A 303 -6.66 33.02 48.70
C TYR A 303 -7.49 33.83 49.68
N ALA A 304 -7.90 35.02 49.24
CA ALA A 304 -8.84 35.84 50.00
C ALA A 304 -10.17 35.11 50.15
N SER A 305 -10.61 34.46 49.07
CA SER A 305 -11.82 33.67 49.11
C SER A 305 -11.68 32.54 50.13
N TYR A 306 -10.57 31.79 50.07
CA TYR A 306 -10.33 30.72 51.04
C TYR A 306 -10.40 31.25 52.46
N ALA A 307 -9.65 32.30 52.72
CA ALA A 307 -9.62 32.95 54.03
C ALA A 307 -11.02 33.26 54.52
N LEU A 308 -11.74 34.08 53.76
CA LEU A 308 -13.06 34.55 54.15
C LEU A 308 -14.04 33.42 54.37
N ALA A 309 -14.06 32.48 53.43
CA ALA A 309 -14.94 31.32 53.53
C ALA A 309 -14.68 30.48 54.78
N PHE A 310 -13.43 30.17 55.09
CA PHE A 310 -13.15 29.40 56.30
C PHE A 310 -13.35 30.20 57.59
N TRP A 311 -13.12 31.51 57.51
CA TRP A 311 -13.35 32.39 58.63
C TRP A 311 -14.83 32.38 58.99
N TYR A 312 -15.67 32.31 57.98
CA TYR A 312 -17.11 32.22 58.18
C TYR A 312 -17.52 30.83 58.67
N GLY A 313 -17.12 29.81 57.92
CA GLY A 313 -17.51 28.44 58.21
C GLY A 313 -17.05 27.88 59.54
N THR A 314 -15.81 28.17 59.92
CA THR A 314 -15.26 27.65 61.17
C THR A 314 -15.87 28.32 62.39
N SER A 315 -16.18 29.60 62.27
CA SER A 315 -16.92 30.29 63.32
C SER A 315 -18.37 29.81 63.28
N LEU A 316 -18.76 29.22 62.16
CA LEU A 316 -20.13 28.70 61.99
C LEU A 316 -20.28 27.31 62.61
N VAL A 317 -19.18 26.57 62.67
CA VAL A 317 -19.20 25.22 63.26
C VAL A 317 -18.96 25.29 64.77
N ILE A 318 -18.59 26.48 65.27
CA ILE A 318 -18.42 26.68 66.70
C ILE A 318 -19.77 26.90 67.39
N SER A 319 -20.66 27.61 66.69
CA SER A 319 -22.02 27.82 67.18
C SER A 319 -22.83 26.55 66.97
N LYS A 320 -22.17 25.49 66.52
CA LYS A 320 -22.80 24.19 66.33
C LYS A 320 -24.01 24.20 65.38
N GLU A 321 -23.90 24.98 64.32
CA GLU A 321 -24.92 25.02 63.26
C GLU A 321 -24.57 24.03 62.16
N TYR A 322 -23.57 24.40 61.36
CA TYR A 322 -23.02 23.50 60.34
C TYR A 322 -22.03 22.56 60.99
N SER A 323 -21.94 21.35 60.49
CA SER A 323 -20.89 20.45 60.94
C SER A 323 -19.59 20.89 60.30
N ILE A 324 -18.49 20.27 60.69
CA ILE A 324 -17.20 20.57 60.07
C ILE A 324 -17.19 20.02 58.65
N GLY A 325 -17.86 18.89 58.45
CA GLY A 325 -17.90 18.25 57.16
C GLY A 325 -18.85 18.94 56.22
N GLN A 326 -19.85 19.62 56.76
CA GLN A 326 -20.82 20.32 55.92
C GLN A 326 -20.17 21.51 55.24
N VAL A 327 -19.39 22.25 56.02
CA VAL A 327 -18.63 23.39 55.51
C VAL A 327 -17.78 22.96 54.33
N LEU A 328 -17.04 21.85 54.50
CA LEU A 328 -16.27 21.28 53.41
C LEU A 328 -17.14 20.91 52.21
N THR A 329 -18.22 20.19 52.49
CA THR A 329 -19.13 19.76 51.43
C THR A 329 -19.54 20.92 50.55
N VAL A 330 -20.05 21.99 51.15
CA VAL A 330 -20.58 23.10 50.37
C VAL A 330 -19.51 24.03 49.80
N PHE A 331 -18.42 24.22 50.52
CA PHE A 331 -17.34 25.03 50.00
C PHE A 331 -16.80 24.40 48.74
N PHE A 332 -16.52 23.10 48.82
CA PHE A 332 -15.95 22.35 47.71
C PHE A 332 -16.92 22.12 46.55
N SER A 333 -18.19 21.88 46.84
CA SER A 333 -19.15 21.69 45.75
C SER A 333 -19.48 23.01 45.06
N VAL A 334 -19.49 24.12 45.81
CA VAL A 334 -19.74 25.42 45.19
C VAL A 334 -18.53 25.88 44.40
N LEU A 335 -17.36 25.58 44.94
CA LEU A 335 -16.12 25.95 44.27
C LEU A 335 -15.96 25.17 42.96
N ILE A 336 -16.08 23.85 43.04
CA ILE A 336 -15.98 22.99 41.87
C ILE A 336 -17.04 23.41 40.86
N GLY A 337 -18.25 23.65 41.36
CA GLY A 337 -19.33 24.14 40.53
C GLY A 337 -18.99 25.47 39.88
N ALA A 338 -18.08 26.20 40.50
CA ALA A 338 -17.66 27.48 39.95
C ALA A 338 -16.62 27.33 38.84
N PHE A 339 -15.55 26.58 39.11
CA PHE A 339 -14.53 26.36 38.08
C PHE A 339 -15.06 25.57 36.89
N SER A 340 -16.18 24.88 37.10
CA SER A 340 -16.86 24.21 35.99
C SER A 340 -17.07 25.14 34.80
N VAL A 341 -17.50 26.37 35.09
CA VAL A 341 -17.68 27.39 34.06
C VAL A 341 -16.39 27.69 33.31
N GLY A 342 -15.31 27.89 34.07
CA GLY A 342 -14.00 28.20 33.52
C GLY A 342 -13.38 27.05 32.74
N GLN A 343 -13.98 25.88 32.87
CA GLN A 343 -13.58 24.75 32.03
C GLN A 343 -14.75 24.31 31.14
N ALA A 344 -15.70 25.22 30.97
CA ALA A 344 -16.76 25.05 29.99
C ALA A 344 -16.56 26.06 28.87
N SER A 345 -15.90 27.16 29.21
CA SER A 345 -15.67 28.27 28.29
C SER A 345 -15.10 27.89 26.91
N PRO A 346 -13.99 27.11 26.86
CA PRO A 346 -13.51 26.77 25.53
C PRO A 346 -14.41 25.74 24.85
N ASN A 347 -15.08 24.90 25.62
CA ASN A 347 -15.93 23.86 25.05
C ASN A 347 -17.13 24.45 24.33
N ILE A 348 -17.58 25.61 24.82
CA ILE A 348 -18.69 26.32 24.19
C ILE A 348 -18.16 27.25 23.10
N GLU A 349 -16.91 27.66 23.25
CA GLU A 349 -16.27 28.48 22.24
C GLU A 349 -16.03 27.64 20.98
N ALA A 350 -15.65 26.38 21.18
CA ALA A 350 -15.39 25.49 20.07
C ALA A 350 -16.68 25.21 19.29
N PHE A 351 -17.80 25.22 20.01
CA PHE A 351 -19.08 25.04 19.34
C PHE A 351 -19.39 26.28 18.53
N ALA A 352 -19.04 27.44 19.07
CA ALA A 352 -19.41 28.70 18.44
C ALA A 352 -18.76 28.91 17.08
N ASN A 353 -17.44 28.92 17.03
CA ASN A 353 -16.71 29.17 15.79
C ASN A 353 -16.75 27.98 14.81
N ALA A 354 -17.41 26.90 15.22
CA ALA A 354 -17.64 25.76 14.35
C ALA A 354 -18.89 26.05 13.53
N ARG A 355 -19.79 26.83 14.11
CA ARG A 355 -20.93 27.34 13.38
C ARG A 355 -20.48 28.35 12.34
N GLY A 356 -19.52 29.20 12.72
CA GLY A 356 -19.03 30.25 11.85
C GLY A 356 -18.30 29.68 10.64
N ALA A 357 -17.72 28.51 10.81
CA ALA A 357 -17.06 27.82 9.72
C ALA A 357 -18.07 27.03 8.92
N ALA A 358 -19.13 26.57 9.59
CA ALA A 358 -20.19 25.82 8.94
C ALA A 358 -20.97 26.68 7.94
N TYR A 359 -20.93 27.99 8.17
CA TYR A 359 -21.62 28.95 7.32
C TYR A 359 -21.12 28.86 5.88
N GLU A 360 -19.82 29.04 5.71
CA GLU A 360 -19.20 29.01 4.40
C GLU A 360 -19.51 27.71 3.66
N VAL A 361 -19.46 26.59 4.38
CA VAL A 361 -19.60 25.28 3.75
C VAL A 361 -21.02 24.99 3.31
N PHE A 362 -21.97 25.21 4.20
CA PHE A 362 -23.37 24.94 3.88
C PHE A 362 -23.90 25.91 2.85
N LYS A 363 -23.24 27.05 2.72
CA LYS A 363 -23.60 28.04 1.71
C LYS A 363 -23.46 27.43 0.33
N ILE A 364 -22.33 26.76 0.10
CA ILE A 364 -22.02 26.17 -1.18
C ILE A 364 -22.91 24.96 -1.43
N ILE A 365 -23.16 24.18 -0.37
CA ILE A 365 -23.93 22.94 -0.52
C ILE A 365 -25.36 23.24 -0.91
N ASP A 366 -25.94 24.26 -0.31
CA ASP A 366 -27.32 24.64 -0.57
C ASP A 366 -27.40 25.61 -1.76
N ASN A 367 -26.25 25.91 -2.36
CA ASN A 367 -26.21 26.75 -3.54
C ASN A 367 -26.38 25.96 -4.83
N LYS A 368 -27.44 26.24 -5.58
CA LYS A 368 -27.68 25.59 -6.86
C LYS A 368 -27.35 26.58 -7.97
N PRO A 369 -26.41 26.21 -8.85
CA PRO A 369 -25.90 27.14 -9.86
C PRO A 369 -26.90 27.38 -10.98
N SER A 370 -26.53 28.28 -11.90
CA SER A 370 -27.37 28.61 -13.04
C SER A 370 -27.21 27.54 -14.11
N ILE A 371 -26.04 26.91 -14.14
CA ILE A 371 -25.79 25.84 -15.07
C ILE A 371 -25.57 24.50 -14.37
N ASP A 372 -26.57 23.63 -14.45
CA ASP A 372 -26.51 22.27 -13.93
C ASP A 372 -26.80 21.31 -15.08
N SER A 373 -25.83 20.67 -15.72
CA SER A 373 -24.39 20.54 -15.40
C SER A 373 -24.08 19.52 -14.31
N PHE A 374 -25.12 18.84 -13.88
CA PHE A 374 -24.93 17.64 -13.08
C PHE A 374 -26.02 16.64 -13.45
N SER A 375 -27.25 17.14 -13.66
CA SER A 375 -28.37 16.33 -14.13
C SER A 375 -28.86 16.79 -15.50
N LYS A 376 -29.41 15.86 -16.28
CA LYS A 376 -29.94 16.22 -17.60
C LYS A 376 -31.37 16.73 -17.54
N SER A 377 -31.58 17.89 -18.17
CA SER A 377 -32.89 18.51 -18.26
C SER A 377 -33.07 19.06 -19.67
N GLY A 378 -32.03 18.91 -20.49
CA GLY A 378 -32.07 19.34 -21.87
C GLY A 378 -32.11 18.17 -22.83
N HIS A 379 -31.94 18.45 -24.12
CA HIS A 379 -32.02 17.42 -25.14
C HIS A 379 -30.64 16.87 -25.49
N LYS A 380 -30.61 15.71 -26.14
CA LYS A 380 -29.36 15.09 -26.57
C LYS A 380 -29.44 14.66 -28.04
N PRO A 381 -29.28 15.62 -28.96
CA PRO A 381 -29.45 15.36 -30.40
C PRO A 381 -28.55 14.24 -30.90
N ASP A 382 -29.10 13.41 -31.78
CA ASP A 382 -28.40 12.24 -32.29
C ASP A 382 -28.01 12.41 -33.74
N ASN A 383 -28.25 13.61 -34.28
CA ASN A 383 -27.99 13.89 -35.70
C ASN A 383 -26.51 13.72 -36.14
N ILE A 384 -25.55 14.45 -35.56
CA ILE A 384 -25.78 15.55 -34.62
C ILE A 384 -25.40 16.86 -35.31
N GLN A 385 -25.21 16.79 -36.62
CA GLN A 385 -24.91 17.94 -37.46
C GLN A 385 -23.59 18.61 -37.06
N GLY A 386 -23.70 19.76 -36.38
CA GLY A 386 -22.53 20.51 -35.94
C GLY A 386 -22.42 21.89 -36.56
N ASN A 387 -23.57 22.51 -36.82
CA ASN A 387 -23.58 23.87 -37.35
C ASN A 387 -23.65 24.91 -36.25
N LEU A 388 -22.71 25.85 -36.28
CA LEU A 388 -22.61 26.87 -35.26
C LEU A 388 -23.26 28.18 -35.65
N GLU A 389 -23.83 28.87 -34.67
CA GLU A 389 -24.39 30.19 -34.89
C GLU A 389 -24.37 31.07 -33.63
N PHE A 390 -24.00 32.33 -33.83
CA PHE A 390 -24.01 33.34 -32.78
C PHE A 390 -24.84 34.53 -33.26
N LYS A 391 -25.99 34.75 -32.61
CA LYS A 391 -26.91 35.83 -32.95
C LYS A 391 -26.99 36.92 -31.88
N ASN A 392 -26.57 38.13 -32.24
CA ASN A 392 -26.63 39.30 -31.37
C ASN A 392 -26.07 39.04 -29.98
N ILE A 393 -24.83 38.58 -29.93
CA ILE A 393 -24.26 38.21 -28.65
C ILE A 393 -23.67 39.40 -27.92
N HIS A 394 -24.33 39.80 -26.83
CA HIS A 394 -23.77 40.79 -25.93
C HIS A 394 -23.37 40.09 -24.64
N PHE A 395 -22.14 40.27 -24.21
CA PHE A 395 -21.67 39.62 -23.00
C PHE A 395 -20.57 40.39 -22.27
N SER A 396 -20.56 40.28 -20.95
CA SER A 396 -19.49 40.81 -20.12
C SER A 396 -19.18 39.85 -18.97
N TYR A 397 -17.91 39.75 -18.61
CA TYR A 397 -17.47 38.87 -17.54
C TYR A 397 -18.12 39.22 -16.21
N PRO A 398 -18.34 38.22 -15.34
CA PRO A 398 -19.00 38.44 -14.05
C PRO A 398 -18.10 39.13 -13.03
N SER A 399 -16.78 39.05 -13.21
CA SER A 399 -15.87 39.74 -12.30
C SER A 399 -15.98 41.26 -12.47
N ARG A 400 -15.98 41.72 -13.71
CA ARG A 400 -16.14 43.14 -14.01
C ARG A 400 -17.29 43.42 -14.96
N LYS A 401 -18.48 43.56 -14.39
CA LYS A 401 -19.68 43.85 -15.17
C LYS A 401 -19.61 45.26 -15.77
N GLU A 402 -18.73 46.08 -15.22
CA GLU A 402 -18.57 47.47 -15.67
C GLU A 402 -18.07 47.60 -17.12
N VAL A 403 -17.28 46.63 -17.55
CA VAL A 403 -16.73 46.66 -18.91
C VAL A 403 -17.32 45.58 -19.83
N GLN A 404 -18.06 46.04 -20.84
CA GLN A 404 -18.71 45.15 -21.80
C GLN A 404 -17.71 44.63 -22.82
N ILE A 405 -17.78 43.33 -23.10
CA ILE A 405 -16.79 42.66 -23.97
C ILE A 405 -17.28 42.50 -25.40
N LEU A 406 -18.38 41.76 -25.58
CA LEU A 406 -18.97 41.57 -26.90
C LEU A 406 -20.21 42.44 -27.04
N LYS A 407 -20.29 43.17 -28.15
CA LYS A 407 -21.44 44.01 -28.44
C LYS A 407 -22.02 43.70 -29.80
N GLY A 408 -23.11 42.94 -29.82
CA GLY A 408 -23.74 42.56 -31.07
C GLY A 408 -22.83 41.67 -31.88
N LEU A 409 -22.48 40.54 -31.30
CA LEU A 409 -21.58 39.58 -31.95
C LEU A 409 -22.38 38.61 -32.81
N ASN A 410 -22.14 38.63 -34.11
CA ASN A 410 -22.83 37.73 -35.04
C ASN A 410 -21.87 36.89 -35.86
N LEU A 411 -21.95 35.57 -35.73
CA LEU A 411 -21.01 34.70 -36.45
C LEU A 411 -21.54 33.30 -36.66
N LYS A 412 -21.60 32.87 -37.91
CA LYS A 412 -22.05 31.52 -38.22
C LYS A 412 -20.89 30.63 -38.67
N VAL A 413 -20.94 29.35 -38.31
CA VAL A 413 -19.95 28.38 -38.76
C VAL A 413 -20.59 27.15 -39.40
N LYS A 414 -20.36 26.96 -40.69
CA LYS A 414 -20.93 25.83 -41.42
C LYS A 414 -20.30 24.51 -40.99
N SER A 415 -20.92 23.40 -41.36
CA SER A 415 -20.45 22.07 -40.97
C SER A 415 -19.10 21.74 -41.57
N GLY A 416 -18.22 21.16 -40.76
CA GLY A 416 -16.89 20.77 -41.21
C GLY A 416 -15.98 21.94 -41.60
N GLN A 417 -16.51 23.15 -41.50
CA GLN A 417 -15.80 24.36 -41.89
C GLN A 417 -14.90 24.81 -40.73
N THR A 418 -13.71 25.33 -41.07
CA THR A 418 -12.79 25.83 -40.04
C THR A 418 -12.71 27.36 -40.05
N VAL A 419 -13.05 27.98 -38.91
CA VAL A 419 -13.05 29.44 -38.81
C VAL A 419 -12.02 29.94 -37.79
N ALA A 420 -11.15 30.83 -38.25
CA ALA A 420 -10.11 31.39 -37.40
C ALA A 420 -10.54 32.74 -36.87
N LEU A 421 -10.23 33.00 -35.60
CA LEU A 421 -10.59 34.27 -34.98
C LEU A 421 -9.37 35.16 -34.78
N VAL A 422 -9.46 36.40 -35.27
CA VAL A 422 -8.31 37.30 -35.25
C VAL A 422 -8.71 38.73 -34.97
N GLY A 423 -7.75 39.64 -35.09
CA GLY A 423 -8.03 41.06 -34.98
C GLY A 423 -7.28 41.75 -33.86
N ASN A 424 -6.87 40.98 -32.86
CA ASN A 424 -6.18 41.51 -31.69
C ASN A 424 -6.96 42.61 -30.96
N SER A 425 -8.25 42.37 -30.75
CA SER A 425 -9.11 43.31 -30.05
C SER A 425 -8.86 43.23 -28.55
N GLY A 426 -9.29 42.13 -27.95
CA GLY A 426 -9.14 41.90 -26.52
C GLY A 426 -9.44 40.46 -26.13
N CYS A 427 -10.00 40.28 -24.93
CA CYS A 427 -10.37 38.96 -24.43
C CYS A 427 -11.41 38.30 -25.33
N GLY A 428 -12.30 39.12 -25.89
CA GLY A 428 -13.44 38.69 -26.70
C GLY A 428 -13.28 37.41 -27.49
N LYS A 429 -12.18 37.30 -28.22
CA LYS A 429 -11.81 36.08 -28.93
C LYS A 429 -12.10 34.84 -28.08
N SER A 430 -11.25 34.63 -27.06
CA SER A 430 -11.39 33.49 -26.16
C SER A 430 -12.80 33.40 -25.58
N THR A 431 -13.41 34.57 -25.33
CA THR A 431 -14.74 34.62 -24.76
C THR A 431 -15.72 33.80 -25.60
N THR A 432 -15.67 34.01 -26.91
CA THR A 432 -16.52 33.27 -27.84
C THR A 432 -16.34 31.78 -27.64
N VAL A 433 -15.08 31.35 -27.58
CA VAL A 433 -14.75 29.96 -27.34
C VAL A 433 -15.39 29.53 -26.02
N GLN A 434 -15.16 30.34 -24.99
CA GLN A 434 -15.69 30.05 -23.66
C GLN A 434 -17.21 30.03 -23.72
N LEU A 435 -17.79 30.89 -24.54
CA LEU A 435 -19.25 30.95 -24.60
C LEU A 435 -19.76 29.70 -25.31
N MET A 436 -18.94 29.16 -26.20
CA MET A 436 -19.37 28.08 -27.08
C MET A 436 -19.54 26.76 -26.34
N GLN A 437 -18.72 26.56 -25.31
CA GLN A 437 -18.84 25.38 -24.47
C GLN A 437 -19.76 25.70 -23.29
N ARG A 438 -20.42 26.85 -23.38
CA ARG A 438 -21.34 27.33 -22.35
C ARG A 438 -20.73 27.32 -20.95
N LEU A 439 -19.53 27.88 -20.83
CA LEU A 439 -18.95 28.17 -19.53
C LEU A 439 -19.83 29.23 -18.89
N TYR A 440 -19.83 30.41 -19.48
CA TYR A 440 -20.72 31.48 -19.05
C TYR A 440 -21.98 31.43 -19.92
N ASP A 441 -22.92 32.32 -19.65
CA ASP A 441 -24.06 32.53 -20.53
C ASP A 441 -24.07 33.99 -20.95
N PRO A 442 -24.55 34.27 -22.17
CA PRO A 442 -24.56 35.65 -22.69
C PRO A 442 -25.53 36.53 -21.92
N LEU A 443 -25.25 37.83 -21.87
CA LEU A 443 -26.17 38.79 -21.24
C LEU A 443 -27.42 38.98 -22.09
N ASP A 444 -27.22 39.12 -23.39
CA ASP A 444 -28.33 39.24 -24.34
C ASP A 444 -27.91 38.51 -25.62
N GLY A 445 -28.90 37.98 -26.33
CA GLY A 445 -28.61 37.23 -27.53
C GLY A 445 -28.39 35.77 -27.21
N MET A 446 -28.44 34.93 -28.23
CA MET A 446 -28.38 33.49 -28.04
C MET A 446 -27.30 32.85 -28.89
N VAL A 447 -26.74 31.76 -28.37
CA VAL A 447 -25.80 30.97 -29.15
C VAL A 447 -26.45 29.66 -29.52
N SER A 448 -26.66 29.46 -30.82
CA SER A 448 -27.41 28.32 -31.29
C SER A 448 -26.55 27.32 -32.05
N ILE A 449 -26.59 26.07 -31.62
CA ILE A 449 -26.10 24.96 -32.44
C ILE A 449 -27.31 24.42 -33.19
N ASP A 450 -27.28 24.53 -34.52
CA ASP A 450 -28.40 24.11 -35.38
C ASP A 450 -29.70 24.84 -35.06
N GLY A 451 -30.80 24.10 -35.00
CA GLY A 451 -32.12 24.67 -34.78
C GLY A 451 -32.46 24.96 -33.33
N GLN A 452 -31.75 24.29 -32.41
CA GLN A 452 -32.01 24.47 -30.97
C GLN A 452 -30.94 25.34 -30.32
N ASP A 453 -31.33 26.05 -29.26
CA ASP A 453 -30.40 26.85 -28.48
C ASP A 453 -29.48 25.91 -27.70
N ILE A 454 -28.27 26.38 -27.40
CA ILE A 454 -27.29 25.60 -26.68
C ILE A 454 -27.77 25.36 -25.24
N ARG A 455 -28.71 26.17 -24.81
CA ARG A 455 -29.24 26.07 -23.47
C ARG A 455 -30.37 25.04 -23.41
N THR A 456 -30.88 24.66 -24.56
CA THR A 456 -31.99 23.70 -24.61
C THR A 456 -31.49 22.26 -24.61
N ILE A 457 -30.18 22.10 -24.57
CA ILE A 457 -29.59 20.76 -24.54
C ILE A 457 -28.83 20.55 -23.25
N ASN A 458 -28.85 19.30 -22.79
CA ASN A 458 -28.09 18.90 -21.60
C ASN A 458 -26.65 19.37 -21.71
N VAL A 459 -26.12 19.87 -20.61
CA VAL A 459 -24.79 20.47 -20.60
C VAL A 459 -23.69 19.41 -20.62
N ARG A 460 -23.90 18.32 -19.92
CA ARG A 460 -22.97 17.20 -19.92
C ARG A 460 -22.78 16.70 -21.36
N TYR A 461 -23.88 16.39 -22.00
CA TYR A 461 -23.87 15.94 -23.39
C TYR A 461 -23.34 17.03 -24.31
N LEU A 462 -23.48 18.30 -23.92
CA LEU A 462 -22.96 19.41 -24.72
C LEU A 462 -21.44 19.43 -24.74
N ARG A 463 -20.83 19.22 -23.58
CA ARG A 463 -19.37 19.20 -23.51
C ARG A 463 -18.81 17.83 -23.87
N GLU A 464 -19.68 16.85 -24.03
CA GLU A 464 -19.29 15.55 -24.56
C GLU A 464 -19.14 15.63 -26.08
N ILE A 465 -19.92 16.50 -26.69
CA ILE A 465 -19.87 16.71 -28.14
C ILE A 465 -19.02 17.93 -28.51
N ILE A 466 -18.33 18.50 -27.52
CA ILE A 466 -17.40 19.60 -27.77
C ILE A 466 -16.03 19.28 -27.18
N GLY A 467 -15.00 19.32 -28.03
CA GLY A 467 -13.64 19.08 -27.61
C GLY A 467 -12.89 20.38 -27.52
N VAL A 468 -11.82 20.40 -26.74
CA VAL A 468 -11.12 21.65 -26.50
C VAL A 468 -9.62 21.47 -26.24
N VAL A 469 -8.84 22.39 -26.80
CA VAL A 469 -7.41 22.45 -26.54
C VAL A 469 -7.08 23.86 -26.09
N SER A 470 -6.57 23.98 -24.86
CA SER A 470 -6.29 25.29 -24.30
C SER A 470 -4.85 25.75 -24.58
N GLN A 471 -4.62 27.05 -24.40
CA GLN A 471 -3.30 27.65 -24.59
C GLN A 471 -2.23 26.96 -23.77
N GLU A 472 -2.61 26.52 -22.58
CA GLU A 472 -1.72 25.82 -21.68
C GLU A 472 -2.21 24.40 -21.46
N PRO A 473 -1.41 23.42 -21.87
CA PRO A 473 -1.78 22.02 -21.67
C PRO A 473 -1.77 21.70 -20.19
N VAL A 474 -2.42 20.62 -19.82
CA VAL A 474 -2.52 20.24 -18.41
C VAL A 474 -2.75 18.75 -18.28
N LEU A 475 -1.81 18.09 -17.61
CA LEU A 475 -1.90 16.65 -17.40
C LEU A 475 -2.00 16.33 -15.93
N PHE A 476 -2.92 15.43 -15.60
CA PHE A 476 -3.09 15.04 -14.21
C PHE A 476 -2.02 14.04 -13.79
N ALA A 477 -1.66 14.09 -12.52
CA ALA A 477 -0.64 13.21 -11.97
C ALA A 477 -1.08 11.75 -11.91
N THR A 478 -0.74 11.02 -12.97
CA THR A 478 -0.99 9.58 -13.11
C THR A 478 -0.19 9.05 -14.28
N THR A 479 -0.68 7.95 -14.87
CA THR A 479 -0.11 7.45 -16.12
C THR A 479 -0.73 8.19 -17.30
N ILE A 480 -0.10 8.06 -18.47
CA ILE A 480 -0.62 8.67 -19.69
C ILE A 480 -1.96 8.01 -19.98
N ALA A 481 -2.01 6.70 -19.76
CA ALA A 481 -3.23 5.93 -19.96
C ALA A 481 -4.37 6.55 -19.15
N GLU A 482 -4.12 6.79 -17.86
CA GLU A 482 -5.11 7.36 -16.96
C GLU A 482 -5.51 8.79 -17.35
N ASN A 483 -4.55 9.56 -17.82
CA ASN A 483 -4.84 10.92 -18.30
C ASN A 483 -5.74 10.86 -19.50
N ILE A 484 -5.60 9.80 -20.29
CA ILE A 484 -6.43 9.60 -21.49
C ILE A 484 -7.83 9.12 -21.10
N ARG A 485 -7.90 8.26 -20.09
CA ARG A 485 -9.16 7.75 -19.57
C ARG A 485 -10.03 8.92 -19.13
N TYR A 486 -9.39 9.99 -18.71
CA TYR A 486 -10.08 11.17 -18.22
C TYR A 486 -10.89 11.86 -19.31
N GLY A 487 -10.71 11.44 -20.56
CA GLY A 487 -11.53 11.93 -21.65
C GLY A 487 -12.74 11.05 -21.87
N ARG A 488 -12.58 9.77 -21.54
CA ARG A 488 -13.66 8.79 -21.68
C ARG A 488 -13.26 7.55 -20.89
N GLU A 489 -14.14 7.11 -20.00
CA GLU A 489 -13.80 6.03 -19.08
C GLU A 489 -13.73 4.64 -19.72
N ASP A 490 -14.74 4.30 -20.52
CA ASP A 490 -14.90 2.94 -21.04
C ASP A 490 -14.08 2.64 -22.29
N VAL A 491 -12.88 3.18 -22.36
CA VAL A 491 -12.04 2.99 -23.54
C VAL A 491 -11.03 1.85 -23.40
N THR A 492 -11.01 0.98 -24.40
CA THR A 492 -10.09 -0.14 -24.39
C THR A 492 -8.69 0.37 -24.67
N MET A 493 -7.70 -0.48 -24.42
CA MET A 493 -6.30 -0.11 -24.62
C MET A 493 -6.02 0.15 -26.10
N ASP A 494 -6.67 -0.61 -26.98
CA ASP A 494 -6.52 -0.44 -28.42
C ASP A 494 -7.05 0.93 -28.88
N GLU A 495 -8.18 1.33 -28.32
CA GLU A 495 -8.76 2.64 -28.63
C GLU A 495 -7.81 3.74 -28.17
N ILE A 496 -7.16 3.49 -27.02
CA ILE A 496 -6.19 4.41 -26.46
C ILE A 496 -5.02 4.59 -27.43
N GLU A 497 -4.38 3.49 -27.79
CA GLU A 497 -3.26 3.53 -28.73
C GLU A 497 -3.64 4.24 -30.02
N LYS A 498 -4.80 3.91 -30.56
CA LYS A 498 -5.26 4.52 -31.81
C LYS A 498 -5.37 6.03 -31.65
N ALA A 499 -6.00 6.45 -30.56
CA ALA A 499 -6.15 7.87 -30.26
C ALA A 499 -4.80 8.58 -30.11
N VAL A 500 -3.83 7.88 -29.54
CA VAL A 500 -2.51 8.44 -29.36
C VAL A 500 -1.84 8.66 -30.72
N LYS A 501 -1.92 7.64 -31.57
CA LYS A 501 -1.37 7.72 -32.91
C LYS A 501 -2.00 8.87 -33.67
N GLU A 502 -3.29 9.11 -33.45
CA GLU A 502 -3.98 10.21 -34.13
C GLU A 502 -3.47 11.57 -33.69
N ALA A 503 -2.63 11.58 -32.67
CA ALA A 503 -2.11 12.81 -32.11
C ALA A 503 -0.62 12.94 -32.38
N ASN A 504 -0.10 12.08 -33.25
CA ASN A 504 1.33 12.07 -33.55
C ASN A 504 2.19 11.96 -32.29
N ALA A 505 1.67 11.24 -31.29
CA ALA A 505 2.31 11.19 -29.98
C ALA A 505 2.85 9.79 -29.67
N TYR A 506 2.42 8.80 -30.45
CA TYR A 506 2.75 7.41 -30.20
C TYR A 506 4.26 7.15 -30.17
N ASP A 507 5.01 8.00 -30.86
CA ASP A 507 6.44 7.80 -31.01
C ASP A 507 7.21 7.95 -29.71
N PHE A 508 7.11 9.13 -29.07
CA PHE A 508 7.89 9.42 -27.87
C PHE A 508 7.37 8.70 -26.63
N ILE A 509 6.11 8.30 -26.69
CA ILE A 509 5.53 7.51 -25.61
C ILE A 509 6.15 6.12 -25.61
N MET A 510 6.28 5.52 -26.78
CA MET A 510 6.92 4.21 -26.88
C MET A 510 8.40 4.26 -26.51
N LYS A 511 8.95 5.47 -26.51
CA LYS A 511 10.35 5.70 -26.16
C LYS A 511 10.54 5.90 -24.66
N LEU A 512 9.44 6.07 -23.94
CA LEU A 512 9.47 6.17 -22.50
C LEU A 512 9.77 4.82 -21.88
N PRO A 513 10.39 4.82 -20.69
CA PRO A 513 10.83 3.59 -20.02
C PRO A 513 9.68 2.68 -19.61
N HIS A 514 8.56 3.27 -19.21
CA HIS A 514 7.43 2.50 -18.71
C HIS A 514 6.23 2.57 -19.65
N GLN A 515 6.44 3.09 -20.85
CA GLN A 515 5.41 3.16 -21.88
C GLN A 515 4.16 3.91 -21.42
N PHE A 516 3.01 3.24 -21.49
CA PHE A 516 1.74 3.86 -21.14
C PHE A 516 1.49 3.91 -19.65
N ASP A 517 2.44 3.40 -18.87
CA ASP A 517 2.30 3.45 -17.42
C ASP A 517 3.28 4.47 -16.85
N THR A 518 3.88 5.26 -17.73
CA THR A 518 4.84 6.28 -17.32
C THR A 518 4.12 7.42 -16.60
N LEU A 519 4.68 7.85 -15.47
CA LEU A 519 4.05 8.91 -14.68
C LEU A 519 4.19 10.27 -15.34
N VAL A 520 3.20 11.14 -15.10
CA VAL A 520 3.26 12.51 -15.63
C VAL A 520 2.68 13.52 -14.66
N GLY A 521 2.28 14.66 -15.21
CA GLY A 521 1.66 15.71 -14.43
C GLY A 521 2.65 16.52 -13.62
N GLU A 522 2.24 16.86 -12.40
CA GLU A 522 3.01 17.73 -11.52
C GLU A 522 4.34 17.10 -11.06
N ARG A 523 4.26 15.96 -10.38
CA ARG A 523 5.45 15.33 -9.84
C ARG A 523 5.90 14.14 -10.67
N GLY A 524 7.20 14.05 -10.91
CA GLY A 524 7.77 12.91 -11.62
C GLY A 524 7.65 12.97 -13.13
N ALA A 525 8.77 12.73 -13.81
CA ALA A 525 8.85 12.66 -15.27
C ALA A 525 8.29 13.90 -15.99
N GLN A 526 9.09 14.95 -16.05
CA GLN A 526 8.68 16.18 -16.71
C GLN A 526 8.79 16.05 -18.23
N LEU A 527 7.76 16.48 -18.94
CA LEU A 527 7.74 16.42 -20.40
C LEU A 527 7.71 17.81 -21.00
N SER A 528 8.11 17.90 -22.26
CA SER A 528 8.10 19.18 -22.96
C SER A 528 6.67 19.62 -23.24
N GLY A 529 6.52 20.90 -23.61
CA GLY A 529 5.20 21.48 -23.83
C GLY A 529 4.47 20.87 -25.00
N GLY A 530 5.21 20.53 -26.04
CA GLY A 530 4.62 19.94 -27.23
C GLY A 530 4.08 18.55 -26.98
N GLN A 531 4.87 17.73 -26.30
CA GLN A 531 4.44 16.39 -25.95
C GLN A 531 3.23 16.45 -25.02
N LYS A 532 3.36 17.26 -23.97
CA LYS A 532 2.32 17.45 -22.99
C LYS A 532 1.01 17.87 -23.66
N GLN A 533 1.12 18.78 -24.62
CA GLN A 533 -0.03 19.26 -25.37
C GLN A 533 -0.61 18.16 -26.24
N ARG A 534 0.27 17.38 -26.86
CA ARG A 534 -0.17 16.31 -27.76
C ARG A 534 -0.95 15.23 -27.03
N ILE A 535 -0.54 14.90 -25.80
CA ILE A 535 -1.28 13.91 -25.01
C ILE A 535 -2.69 14.43 -24.78
N ALA A 536 -2.79 15.74 -24.56
CA ALA A 536 -4.08 16.38 -24.36
C ALA A 536 -4.91 16.33 -25.63
N ILE A 537 -4.25 16.50 -26.77
CA ILE A 537 -4.91 16.41 -28.06
C ILE A 537 -5.54 15.02 -28.18
N ALA A 538 -4.76 14.01 -27.82
CA ALA A 538 -5.23 12.63 -27.85
C ALA A 538 -6.42 12.44 -26.92
N ARG A 539 -6.26 12.88 -25.68
CA ARG A 539 -7.32 12.85 -24.69
C ARG A 539 -8.62 13.37 -25.26
N ALA A 540 -8.58 14.55 -25.84
CA ALA A 540 -9.78 15.14 -26.44
C ALA A 540 -10.29 14.26 -27.58
N LEU A 541 -9.36 13.74 -28.38
CA LEU A 541 -9.70 12.91 -29.53
C LEU A 541 -10.43 11.62 -29.15
N VAL A 542 -10.19 11.13 -27.94
CA VAL A 542 -10.85 9.91 -27.49
C VAL A 542 -12.35 10.13 -27.38
N ARG A 543 -12.73 11.35 -27.03
CA ARG A 543 -14.14 11.69 -26.85
C ARG A 543 -14.92 11.59 -28.14
N ASN A 544 -14.22 11.77 -29.26
CA ASN A 544 -14.84 11.94 -30.57
C ASN A 544 -15.92 13.02 -30.56
N PRO A 545 -15.50 14.28 -30.36
CA PRO A 545 -16.46 15.38 -30.43
C PRO A 545 -16.72 15.73 -31.88
N LYS A 546 -17.85 16.36 -32.16
CA LYS A 546 -18.16 16.79 -33.52
C LYS A 546 -17.78 18.25 -33.67
N ILE A 547 -17.48 18.88 -32.55
CA ILE A 547 -17.07 20.28 -32.54
C ILE A 547 -15.74 20.41 -31.83
N LEU A 548 -14.83 21.19 -32.41
CA LEU A 548 -13.48 21.29 -31.87
C LEU A 548 -13.04 22.74 -31.67
N LEU A 549 -12.57 23.03 -30.47
CA LEU A 549 -12.18 24.39 -30.10
C LEU A 549 -10.68 24.48 -29.78
N LEU A 550 -9.98 25.35 -30.51
CA LEU A 550 -8.54 25.53 -30.29
C LEU A 550 -8.20 26.95 -29.85
N ASP A 551 -7.89 27.09 -28.57
CA ASP A 551 -7.56 28.39 -28.00
C ASP A 551 -6.05 28.51 -27.84
N GLU A 552 -5.40 29.14 -28.81
CA GLU A 552 -3.95 29.36 -28.77
C GLU A 552 -3.19 28.03 -28.59
N ALA A 553 -3.59 27.03 -29.36
CA ALA A 553 -3.00 25.70 -29.25
C ALA A 553 -1.48 25.69 -29.50
N THR A 554 -1.06 26.29 -30.61
CA THR A 554 0.35 26.32 -30.99
C THR A 554 1.14 27.34 -30.17
N SER A 555 0.43 28.26 -29.53
CA SER A 555 1.07 29.37 -28.81
C SER A 555 1.94 28.89 -27.65
N ALA A 556 2.92 29.72 -27.29
CA ALA A 556 3.89 29.43 -26.24
C ALA A 556 4.76 28.20 -26.51
N LEU A 557 4.93 27.87 -27.79
CA LEU A 557 5.73 26.72 -28.19
C LEU A 557 6.84 27.12 -29.14
N ASP A 558 7.95 26.37 -29.11
CA ASP A 558 9.03 26.60 -30.06
C ASP A 558 8.53 26.33 -31.47
N THR A 559 9.40 26.58 -32.45
CA THR A 559 9.00 26.42 -33.84
C THR A 559 9.18 25.00 -34.35
N GLU A 560 9.84 24.15 -33.57
CA GLU A 560 10.10 22.76 -33.99
C GLU A 560 9.01 21.81 -33.53
N SER A 561 8.46 22.05 -32.34
CA SER A 561 7.35 21.26 -31.83
C SER A 561 6.03 21.76 -32.39
N GLU A 562 5.98 23.05 -32.72
CA GLU A 562 4.76 23.66 -33.26
C GLU A 562 4.33 22.97 -34.55
N ALA A 563 5.32 22.51 -35.31
CA ALA A 563 5.05 21.79 -36.54
C ALA A 563 4.33 20.49 -36.27
N VAL A 564 4.86 19.70 -35.34
CA VAL A 564 4.27 18.39 -35.03
C VAL A 564 2.89 18.56 -34.42
N VAL A 565 2.80 19.45 -33.42
CA VAL A 565 1.52 19.75 -32.78
C VAL A 565 0.47 20.16 -33.81
N GLN A 566 0.79 21.16 -34.62
CA GLN A 566 -0.15 21.62 -35.65
C GLN A 566 -0.44 20.53 -36.68
N ALA A 567 0.50 19.60 -36.85
CA ALA A 567 0.29 18.45 -37.73
C ALA A 567 -0.80 17.55 -37.18
N ALA A 568 -0.77 17.33 -35.87
CA ALA A 568 -1.82 16.55 -35.21
C ALA A 568 -3.15 17.28 -35.27
N LEU A 569 -3.11 18.60 -35.09
CA LEU A 569 -4.32 19.42 -35.07
C LEU A 569 -5.03 19.43 -36.42
N ASP A 570 -4.28 19.69 -37.49
CA ASP A 570 -4.84 19.72 -38.83
C ASP A 570 -5.52 18.39 -39.20
N LYS A 571 -4.99 17.29 -38.68
CA LYS A 571 -5.59 15.98 -38.93
C LYS A 571 -6.76 15.73 -37.98
N ALA A 572 -6.77 16.46 -36.87
CA ALA A 572 -7.87 16.41 -35.93
C ALA A 572 -9.05 17.26 -36.39
N ARG A 573 -8.79 18.24 -37.25
CA ARG A 573 -9.84 19.10 -37.78
C ARG A 573 -10.69 18.38 -38.81
N GLU A 574 -10.32 17.14 -39.10
CA GLU A 574 -11.00 16.34 -40.12
C GLU A 574 -12.32 15.76 -39.60
N GLY A 575 -13.41 16.10 -40.30
CA GLY A 575 -14.73 15.59 -39.95
C GLY A 575 -15.40 16.41 -38.87
N ARG A 576 -14.71 17.44 -38.39
CA ARG A 576 -15.16 18.23 -37.25
C ARG A 576 -15.28 19.72 -37.59
N THR A 577 -16.25 20.39 -36.98
CA THR A 577 -16.39 21.84 -37.14
C THR A 577 -15.43 22.54 -36.19
N THR A 578 -14.41 23.17 -36.75
CA THR A 578 -13.35 23.74 -35.93
C THR A 578 -13.32 25.25 -35.95
N ILE A 579 -13.21 25.84 -34.76
CA ILE A 579 -12.96 27.26 -34.62
C ILE A 579 -11.63 27.41 -33.88
N VAL A 580 -10.70 28.16 -34.49
CA VAL A 580 -9.33 28.22 -33.99
C VAL A 580 -8.81 29.65 -33.81
N ILE A 581 -8.18 29.91 -32.67
CA ILE A 581 -7.54 31.19 -32.44
C ILE A 581 -6.02 30.98 -32.36
N ALA A 582 -5.29 31.59 -33.29
CA ALA A 582 -3.84 31.47 -33.30
C ALA A 582 -3.19 32.85 -33.31
N HIS A 583 -2.37 33.13 -32.30
CA HIS A 583 -1.64 34.40 -32.24
C HIS A 583 -0.72 34.48 -33.45
N ARG A 584 -0.22 33.34 -33.87
CA ARG A 584 0.56 33.24 -35.09
C ARG A 584 -0.38 33.03 -36.27
N LEU A 585 -0.50 34.06 -37.11
CA LEU A 585 -1.36 34.02 -38.28
C LEU A 585 -0.79 33.10 -39.36
N SER A 586 0.32 32.43 -39.04
CA SER A 586 0.96 31.50 -39.95
C SER A 586 0.00 30.36 -40.29
N THR A 587 -0.58 29.76 -39.25
CA THR A 587 -1.48 28.63 -39.41
C THR A 587 -2.94 29.05 -39.60
N VAL A 588 -3.15 30.36 -39.71
CA VAL A 588 -4.50 30.93 -39.82
C VAL A 588 -5.05 30.91 -41.25
N ARG A 589 -4.22 31.31 -42.20
CA ARG A 589 -4.58 31.40 -43.62
C ARG A 589 -5.21 30.12 -44.14
N ASN A 590 -4.82 29.01 -43.55
CA ASN A 590 -5.28 27.68 -43.94
C ASN A 590 -6.77 27.48 -43.71
N ALA A 591 -7.38 28.36 -42.94
CA ALA A 591 -8.79 28.22 -42.59
C ALA A 591 -9.72 28.51 -43.76
N ASP A 592 -10.99 28.15 -43.59
CA ASP A 592 -12.02 28.42 -44.60
C ASP A 592 -12.50 29.86 -44.50
N VAL A 593 -12.78 30.30 -43.29
CA VAL A 593 -13.29 31.65 -43.06
C VAL A 593 -12.48 32.37 -41.99
N ILE A 594 -11.99 33.55 -42.31
CA ILE A 594 -11.27 34.38 -41.36
C ILE A 594 -12.18 35.48 -40.85
N ALA A 595 -12.37 35.54 -39.53
CA ALA A 595 -13.24 36.53 -38.92
C ALA A 595 -12.46 37.49 -38.03
N GLY A 596 -12.48 38.77 -38.37
CA GLY A 596 -11.74 39.78 -37.62
C GLY A 596 -12.56 40.42 -36.52
N PHE A 597 -11.87 40.95 -35.52
CA PHE A 597 -12.53 41.56 -34.38
C PHE A 597 -12.04 42.99 -34.15
N ASP A 598 -12.92 43.96 -34.34
CA ASP A 598 -12.64 45.31 -33.90
C ASP A 598 -13.63 45.66 -32.81
N GLY A 599 -13.12 45.93 -31.61
CA GLY A 599 -13.98 46.15 -30.47
C GLY A 599 -14.71 44.87 -30.14
N GLY A 600 -16.02 44.99 -29.90
CA GLY A 600 -16.84 43.83 -29.55
C GLY A 600 -17.56 43.24 -30.75
N VAL A 601 -17.61 44.01 -31.83
CA VAL A 601 -18.34 43.61 -33.02
C VAL A 601 -17.41 42.93 -34.03
N ILE A 602 -17.98 42.03 -34.84
CA ILE A 602 -17.27 41.45 -35.97
C ILE A 602 -17.46 42.34 -37.20
N VAL A 603 -16.35 42.83 -37.76
CA VAL A 603 -16.39 43.76 -38.89
C VAL A 603 -16.11 43.08 -40.24
N GLU A 604 -14.89 42.57 -40.39
CA GLU A 604 -14.50 41.92 -41.64
C GLU A 604 -14.50 40.40 -41.54
N GLN A 605 -15.30 39.76 -42.38
CA GLN A 605 -15.43 38.32 -42.41
C GLN A 605 -15.42 37.79 -43.84
N GLY A 606 -14.63 36.74 -44.07
CA GLY A 606 -14.56 36.13 -45.38
C GLY A 606 -13.28 35.35 -45.60
N ASN A 607 -13.01 34.99 -46.85
CA ASN A 607 -11.81 34.23 -47.18
C ASN A 607 -10.55 35.10 -47.05
N HIS A 608 -9.39 34.44 -46.97
CA HIS A 608 -8.09 35.07 -46.81
C HIS A 608 -7.85 36.25 -47.75
N ASP A 609 -8.18 36.02 -49.02
CA ASP A 609 -7.92 36.99 -50.07
C ASP A 609 -8.82 38.22 -49.95
N GLU A 610 -10.06 38.01 -49.52
CA GLU A 610 -10.97 39.13 -49.28
C GLU A 610 -10.39 40.07 -48.24
N LEU A 611 -9.94 39.50 -47.11
CA LEU A 611 -9.38 40.29 -46.01
C LEU A 611 -8.04 40.91 -46.36
N MET A 612 -7.29 40.27 -47.24
CA MET A 612 -6.05 40.86 -47.72
C MET A 612 -6.34 42.06 -48.63
N ARG A 613 -7.33 41.91 -49.50
CA ARG A 613 -7.71 42.93 -50.47
C ARG A 613 -8.36 44.16 -49.84
N GLU A 614 -9.15 43.92 -48.80
CA GLU A 614 -9.87 44.99 -48.11
C GLU A 614 -8.91 45.86 -47.30
N LYS A 615 -7.71 45.34 -47.08
CA LYS A 615 -6.70 46.03 -46.28
C LYS A 615 -7.27 46.41 -44.92
N GLY A 616 -7.95 45.46 -44.29
CA GLY A 616 -8.60 45.70 -43.00
C GLY A 616 -7.69 45.61 -41.80
N ILE A 617 -8.19 44.97 -40.74
CA ILE A 617 -7.45 44.83 -39.49
C ILE A 617 -6.54 43.61 -39.60
N TYR A 618 -7.05 42.58 -40.27
CA TYR A 618 -6.27 41.37 -40.56
C TYR A 618 -5.04 41.73 -41.36
N PHE A 619 -5.24 42.54 -42.38
CA PHE A 619 -4.15 43.04 -43.20
C PHE A 619 -3.14 43.83 -42.37
N LYS A 620 -3.63 44.61 -41.40
CA LYS A 620 -2.77 45.40 -40.51
C LYS A 620 -1.87 44.52 -39.67
N LEU A 621 -2.48 43.54 -39.00
CA LEU A 621 -1.75 42.57 -38.19
C LEU A 621 -0.71 41.79 -39.00
N VAL A 622 -1.10 41.37 -40.21
CA VAL A 622 -0.17 40.67 -41.09
C VAL A 622 1.10 41.50 -41.36
N MET A 623 0.92 42.77 -41.71
CA MET A 623 2.06 43.64 -42.02
C MET A 623 2.88 44.03 -40.78
N THR A 624 2.23 44.06 -39.61
CA THR A 624 2.95 44.42 -38.39
C THR A 624 3.73 43.23 -37.81
N GLN A 625 3.27 42.01 -38.11
CA GLN A 625 3.96 40.82 -37.63
C GLN A 625 4.93 40.25 -38.67
N THR A 626 5.08 40.97 -39.78
CA THR A 626 5.94 40.55 -40.89
C THR A 626 5.58 39.14 -41.37
N LYS A 681 7.59 23.35 4.21
CA LYS A 681 8.96 23.51 4.65
C LYS A 681 9.06 23.65 6.17
N GLU A 682 7.90 23.67 6.83
CA GLU A 682 7.85 23.86 8.28
C GLU A 682 8.48 22.73 9.09
N ALA A 683 8.12 21.49 8.80
CA ALA A 683 8.65 20.33 9.50
C ALA A 683 10.11 20.04 9.12
N LEU A 684 10.44 20.30 7.85
CA LEU A 684 11.79 20.08 7.34
C LEU A 684 12.83 20.91 8.12
N ASP A 685 12.39 22.07 8.60
CA ASP A 685 13.25 22.95 9.38
C ASP A 685 13.54 22.37 10.77
N GLU A 686 12.49 22.00 11.49
CA GLU A 686 12.62 21.51 12.86
C GLU A 686 13.15 20.08 13.00
N ASP A 687 13.08 19.30 11.92
CA ASP A 687 13.59 17.92 11.94
C ASP A 687 15.11 17.85 12.07
N VAL A 688 15.79 18.62 11.21
CA VAL A 688 17.25 18.53 11.12
C VAL A 688 18.09 18.81 12.38
N PRO A 689 17.73 19.83 13.20
CA PRO A 689 18.71 20.14 14.25
C PRO A 689 18.77 19.11 15.39
N PRO A 690 19.98 18.75 15.83
CA PRO A 690 20.19 17.98 17.04
C PRO A 690 20.26 18.97 18.19
N ALA A 691 20.37 18.50 19.44
CA ALA A 691 20.72 19.38 20.56
C ALA A 691 19.62 20.42 20.84
N SER A 692 19.68 21.21 21.91
CA SER A 692 20.74 21.21 22.93
C SER A 692 20.20 21.21 24.36
N PHE A 693 20.72 20.31 25.19
CA PHE A 693 20.25 20.23 26.56
C PHE A 693 20.83 21.35 27.43
N TRP A 694 20.05 22.41 27.60
CA TRP A 694 20.33 23.47 28.56
C TRP A 694 21.58 24.32 28.29
N ARG A 695 22.07 24.30 27.05
CA ARG A 695 23.13 25.23 26.68
C ARG A 695 22.50 26.58 26.44
N ILE A 696 21.22 26.56 26.08
CA ILE A 696 20.50 27.79 25.72
C ILE A 696 20.47 28.78 26.86
N LEU A 697 20.55 28.27 28.09
CA LEU A 697 20.58 29.11 29.26
C LEU A 697 21.82 29.99 29.26
N LYS A 698 22.86 29.55 28.55
CA LYS A 698 24.07 30.36 28.47
C LYS A 698 23.78 31.68 27.76
N LEU A 699 22.75 31.70 26.92
CA LEU A 699 22.42 32.89 26.13
C LEU A 699 21.89 34.04 27.00
N ASN A 700 21.05 33.68 27.97
CA ASN A 700 20.37 34.64 28.85
C ASN A 700 21.26 34.98 30.06
N SER A 701 22.40 34.30 30.14
CA SER A 701 23.30 34.43 31.27
C SER A 701 23.92 35.83 31.37
N THR A 702 23.68 36.65 30.35
CA THR A 702 24.21 38.01 30.33
C THR A 702 23.71 38.85 31.50
N GLU A 703 22.56 38.50 32.06
CA GLU A 703 22.05 39.16 33.26
C GLU A 703 21.87 38.22 34.44
N TRP A 704 22.90 38.11 35.28
CA TRP A 704 22.80 37.33 36.51
C TRP A 704 21.76 37.83 37.54
N PRO A 705 21.69 39.16 37.82
CA PRO A 705 20.82 39.58 38.91
C PRO A 705 19.37 39.11 38.75
N TYR A 706 18.82 39.32 37.56
CA TYR A 706 17.43 39.00 37.30
C TYR A 706 17.13 37.54 37.57
N PHE A 707 18.08 36.67 37.24
CA PHE A 707 17.92 35.25 37.50
C PHE A 707 18.11 34.91 38.96
N VAL A 708 18.98 35.67 39.63
CA VAL A 708 19.24 35.48 41.04
C VAL A 708 17.99 35.72 41.87
N VAL A 709 17.36 36.86 41.61
CA VAL A 709 16.10 37.19 42.27
C VAL A 709 15.03 36.21 41.82
N GLY A 710 14.99 35.97 40.51
CA GLY A 710 14.00 35.11 39.90
C GLY A 710 13.88 33.75 40.55
N ILE A 711 14.97 33.01 40.59
CA ILE A 711 14.97 31.64 41.11
C ILE A 711 14.47 31.57 42.56
N PHE A 712 14.91 32.52 43.37
CA PHE A 712 14.53 32.56 44.78
C PHE A 712 13.04 32.81 44.88
N CYS A 713 12.58 33.81 44.16
CA CYS A 713 11.16 34.15 44.08
C CYS A 713 10.31 32.93 43.70
N ALA A 714 10.84 32.11 42.81
CA ALA A 714 10.12 30.91 42.42
C ALA A 714 10.15 29.85 43.51
N ILE A 715 11.26 29.78 44.25
CA ILE A 715 11.30 28.85 45.38
C ILE A 715 10.28 29.25 46.45
N ILE A 716 10.08 30.56 46.61
CA ILE A 716 9.08 31.08 47.54
C ILE A 716 7.67 30.74 47.08
N ASN A 717 7.33 31.16 45.87
CA ASN A 717 6.01 30.88 45.31
C ASN A 717 5.79 29.37 45.19
N GLY A 718 6.87 28.61 45.30
CA GLY A 718 6.82 27.17 45.20
C GLY A 718 6.61 26.51 46.55
N GLY A 719 7.14 27.14 47.59
CA GLY A 719 6.89 26.71 48.95
C GLY A 719 5.54 27.18 49.46
N LEU A 720 4.93 28.11 48.73
CA LEU A 720 3.62 28.63 49.09
C LEU A 720 2.57 27.53 49.09
N GLN A 721 2.61 26.68 48.07
CA GLN A 721 1.63 25.61 47.91
C GLN A 721 1.64 24.56 49.02
N PRO A 722 2.82 24.03 49.37
CA PRO A 722 2.79 23.08 50.48
C PRO A 722 2.28 23.75 51.74
N ALA A 723 2.57 25.04 51.88
CA ALA A 723 2.13 25.80 53.04
C ALA A 723 0.63 25.72 53.19
N PHE A 724 -0.05 25.98 52.08
CA PHE A 724 -1.50 25.99 52.05
C PHE A 724 -2.11 24.68 52.53
N SER A 725 -1.61 23.58 51.98
CA SER A 725 -2.09 22.25 52.34
C SER A 725 -1.95 22.01 53.83
N VAL A 726 -0.90 22.55 54.43
CA VAL A 726 -0.74 22.44 55.88
C VAL A 726 -1.80 23.25 56.59
N ILE A 727 -2.04 24.46 56.11
CA ILE A 727 -2.93 25.41 56.79
C ILE A 727 -4.40 25.04 56.61
N PHE A 728 -4.72 24.48 55.46
CA PHE A 728 -6.05 23.93 55.26
C PHE A 728 -6.27 22.72 56.18
N SER A 729 -5.22 21.92 56.38
CA SER A 729 -5.36 20.72 57.20
C SER A 729 -5.44 21.03 58.69
N LYS A 730 -4.99 22.21 59.08
CA LYS A 730 -5.04 22.66 60.46
C LYS A 730 -6.39 23.33 60.75
N VAL A 731 -6.98 23.92 59.73
CA VAL A 731 -8.33 24.45 59.86
C VAL A 731 -9.28 23.29 60.16
N VAL A 732 -9.44 22.39 59.19
CA VAL A 732 -10.36 21.27 59.37
C VAL A 732 -9.86 20.30 60.42
N GLY A 733 -8.60 20.46 60.84
CA GLY A 733 -8.04 19.64 61.88
C GLY A 733 -8.51 20.03 63.26
N VAL A 734 -8.67 21.34 63.48
CA VAL A 734 -9.06 21.84 64.79
C VAL A 734 -10.51 21.47 65.11
N PHE A 735 -11.23 20.91 64.15
CA PHE A 735 -12.59 20.49 64.40
C PHE A 735 -12.78 18.99 64.20
N THR A 736 -11.72 18.32 63.82
CA THR A 736 -11.79 16.88 63.65
C THR A 736 -11.04 16.20 64.77
N ASN A 737 -10.05 16.90 65.31
CA ASN A 737 -9.25 16.37 66.41
C ASN A 737 -9.69 16.92 67.76
N GLY A 738 -10.82 17.61 67.78
CA GLY A 738 -11.45 18.08 68.99
C GLY A 738 -10.61 19.04 69.82
N GLY A 739 -10.58 18.79 71.13
CA GLY A 739 -9.83 19.61 72.05
C GLY A 739 -10.66 20.69 72.71
N PRO A 740 -10.00 21.72 73.25
CA PRO A 740 -10.68 22.83 73.93
C PRO A 740 -11.56 23.64 72.99
N PRO A 741 -12.84 23.83 73.36
CA PRO A 741 -13.77 24.62 72.54
C PRO A 741 -13.43 26.11 72.55
N GLU A 742 -12.93 26.60 73.68
CA GLU A 742 -12.53 27.99 73.78
C GLU A 742 -11.39 28.31 72.81
N THR A 743 -10.61 27.30 72.45
CA THR A 743 -9.49 27.46 71.52
C THR A 743 -9.91 27.15 70.09
N GLN A 744 -11.17 26.77 69.92
CA GLN A 744 -11.66 26.48 68.57
C GLN A 744 -11.74 27.75 67.74
N ARG A 745 -12.08 28.86 68.39
CA ARG A 745 -12.16 30.15 67.71
C ARG A 745 -10.79 30.75 67.47
N GLN A 746 -9.99 30.83 68.52
CA GLN A 746 -8.65 31.40 68.47
C GLN A 746 -7.83 30.78 67.35
N ASN A 747 -7.93 29.45 67.22
CA ASN A 747 -7.30 28.76 66.11
C ASN A 747 -7.95 29.14 64.79
N SER A 748 -9.27 28.99 64.72
CA SER A 748 -10.01 29.26 63.49
C SER A 748 -9.56 30.57 62.87
N ASN A 749 -9.89 31.69 63.51
CA ASN A 749 -9.53 32.99 62.95
C ASN A 749 -8.05 33.19 62.65
N LEU A 750 -7.19 32.49 63.38
CA LEU A 750 -5.75 32.57 63.13
C LEU A 750 -5.42 31.98 61.78
N PHE A 751 -5.94 30.78 61.55
CA PHE A 751 -5.68 30.06 60.32
C PHE A 751 -6.34 30.79 59.15
N SER A 752 -7.61 31.15 59.31
CA SER A 752 -8.29 31.89 58.26
C SER A 752 -7.53 33.14 57.87
N LEU A 753 -7.25 34.01 58.84
CA LEU A 753 -6.41 35.18 58.59
C LEU A 753 -5.08 34.79 57.95
N LEU A 754 -4.48 33.71 58.44
CA LEU A 754 -3.22 33.20 57.89
C LEU A 754 -3.32 32.95 56.39
N PHE A 755 -4.45 32.37 55.95
CA PHE A 755 -4.71 32.17 54.53
C PHE A 755 -4.53 33.49 53.78
N LEU A 756 -5.13 34.56 54.30
CA LEU A 756 -5.01 35.87 53.67
C LEU A 756 -3.54 36.29 53.55
N ILE A 757 -2.77 36.02 54.61
CA ILE A 757 -1.34 36.30 54.58
C ILE A 757 -0.69 35.54 53.44
N LEU A 758 -1.08 34.27 53.33
CA LEU A 758 -0.54 33.38 52.31
C LEU A 758 -0.91 33.87 50.91
N GLY A 759 -1.93 34.72 50.84
CA GLY A 759 -2.31 35.33 49.58
C GLY A 759 -1.46 36.56 49.32
N ILE A 760 -1.22 37.35 50.37
CA ILE A 760 -0.46 38.59 50.26
C ILE A 760 0.91 38.29 49.65
N ILE A 761 1.63 37.38 50.30
CA ILE A 761 2.94 36.95 49.84
C ILE A 761 2.84 36.36 48.43
N SER A 762 1.71 35.72 48.12
CA SER A 762 1.52 35.14 46.79
C SER A 762 1.47 36.22 45.73
N PHE A 763 0.98 37.40 46.12
CA PHE A 763 0.90 38.53 45.20
C PHE A 763 2.25 39.20 45.06
N ILE A 764 3.15 38.91 45.99
CA ILE A 764 4.47 39.53 45.96
C ILE A 764 5.37 38.80 44.98
N THR A 765 5.42 37.48 45.09
CA THR A 765 6.25 36.66 44.22
C THR A 765 6.00 36.96 42.75
N PHE A 766 4.74 36.91 42.34
CA PHE A 766 4.42 37.12 40.93
C PHE A 766 4.68 38.55 40.47
N PHE A 767 4.74 39.49 41.40
CA PHE A 767 5.04 40.88 41.05
C PHE A 767 6.53 41.02 40.92
N LEU A 768 7.25 40.08 41.54
CA LEU A 768 8.69 40.06 41.53
C LEU A 768 9.17 39.26 40.31
N GLN A 769 8.52 38.13 40.07
CA GLN A 769 8.88 37.23 38.96
C GLN A 769 8.86 37.93 37.60
N GLY A 770 7.76 38.60 37.29
CA GLY A 770 7.67 39.38 36.07
C GLY A 770 8.56 40.60 35.99
N PHE A 771 9.26 40.91 37.07
CA PHE A 771 10.24 41.99 37.03
C PHE A 771 11.61 41.39 36.89
N THR A 772 11.70 40.07 37.08
CA THR A 772 12.96 39.36 37.00
C THR A 772 13.09 38.63 35.67
N PHE A 773 12.45 37.47 35.59
CA PHE A 773 12.48 36.69 34.36
C PHE A 773 11.86 37.52 33.25
N GLY A 774 10.74 38.15 33.57
CA GLY A 774 10.05 39.03 32.64
C GLY A 774 10.94 39.90 31.78
N LYS A 775 11.79 40.72 32.41
CA LYS A 775 12.70 41.59 31.68
C LYS A 775 13.78 40.77 30.99
N ALA A 776 14.34 39.81 31.73
CA ALA A 776 15.42 38.97 31.22
C ALA A 776 15.07 38.40 29.85
N GLY A 777 14.10 37.50 29.84
CA GLY A 777 13.59 36.92 28.61
C GLY A 777 13.32 37.91 27.50
N GLU A 778 12.98 39.15 27.85
CA GLU A 778 12.76 40.19 26.84
C GLU A 778 14.08 40.83 26.39
N ILE A 779 14.94 41.19 27.34
CA ILE A 779 16.29 41.61 27.00
C ILE A 779 16.91 40.53 26.09
N LEU A 780 16.93 39.31 26.61
CA LEU A 780 17.39 38.13 25.87
C LEU A 780 16.80 38.06 24.47
N THR A 781 15.57 38.50 24.31
CA THR A 781 14.97 38.52 22.99
C THR A 781 15.71 39.55 22.12
N LYS A 782 15.62 40.83 22.48
CA LYS A 782 16.21 41.90 21.67
C LYS A 782 17.62 41.57 21.19
N ARG A 783 18.56 41.58 22.14
CA ARG A 783 19.94 41.18 21.91
C ARG A 783 20.04 40.01 20.94
N LEU A 784 19.34 38.92 21.25
CA LEU A 784 19.38 37.72 20.41
C LEU A 784 19.11 38.05 18.96
N ARG A 785 17.97 38.70 18.71
CA ARG A 785 17.59 39.05 17.35
C ARG A 785 18.76 39.75 16.68
N TYR A 786 19.25 40.80 17.36
CA TYR A 786 20.41 41.52 16.87
C TYR A 786 21.49 40.53 16.44
N MET A 787 21.97 39.72 17.38
CA MET A 787 23.00 38.73 17.10
C MET A 787 22.63 37.94 15.84
N VAL A 788 21.46 37.31 15.87
CA VAL A 788 21.01 36.50 14.75
C VAL A 788 21.16 37.27 13.44
N PHE A 789 20.56 38.47 13.39
CA PHE A 789 20.55 39.25 12.16
C PHE A 789 21.97 39.50 11.67
N LYS A 790 22.84 39.89 12.62
CA LYS A 790 24.24 40.12 12.32
C LYS A 790 24.82 38.89 11.64
N SER A 791 24.67 37.75 12.29
CA SER A 791 25.23 36.49 11.78
C SER A 791 24.62 36.18 10.42
N MET A 792 23.36 36.56 10.23
CA MET A 792 22.70 36.27 8.97
C MET A 792 23.36 37.03 7.82
N LEU A 793 23.87 38.23 8.12
CA LEU A 793 24.58 39.01 7.13
C LEU A 793 25.99 38.47 6.88
N ARG A 794 26.53 37.74 7.85
CA ARG A 794 27.88 37.21 7.73
C ARG A 794 27.93 36.11 6.69
N GLN A 795 26.78 35.46 6.53
CA GLN A 795 26.69 34.24 5.74
C GLN A 795 27.12 34.37 4.29
N ASP A 796 27.32 33.21 3.66
CA ASP A 796 27.73 33.12 2.26
C ASP A 796 26.53 33.24 1.34
N VAL A 797 26.82 33.34 0.05
CA VAL A 797 25.79 33.39 -0.97
C VAL A 797 25.22 31.99 -1.19
N SER A 798 26.04 30.98 -0.93
CA SER A 798 25.60 29.58 -1.02
C SER A 798 24.50 29.26 -0.01
N TRP A 799 24.55 29.92 1.14
CA TRP A 799 23.58 29.69 2.20
C TRP A 799 22.22 30.26 1.80
N PHE A 800 22.24 31.40 1.12
CA PHE A 800 21.01 32.04 0.67
C PHE A 800 20.49 31.41 -0.62
N ASP A 801 21.23 30.43 -1.12
CA ASP A 801 20.79 29.63 -2.25
C ASP A 801 20.17 28.34 -1.73
N ASP A 802 20.44 28.04 -0.47
CA ASP A 802 19.87 26.88 0.20
C ASP A 802 18.35 26.94 0.09
N PRO A 803 17.73 25.87 -0.44
CA PRO A 803 16.28 25.85 -0.62
C PRO A 803 15.50 25.90 0.71
N LYS A 804 16.19 25.86 1.83
CA LYS A 804 15.53 25.89 3.14
C LYS A 804 15.62 27.27 3.78
N ASN A 805 16.28 28.21 3.11
CA ASN A 805 16.49 29.54 3.67
C ASN A 805 15.97 30.64 2.75
N THR A 806 14.72 31.03 3.00
CA THR A 806 14.07 32.04 2.18
C THR A 806 13.78 33.30 2.98
N THR A 807 13.68 34.43 2.28
CA THR A 807 13.43 35.73 2.89
C THR A 807 12.32 35.65 3.92
N GLY A 808 11.20 35.04 3.54
CA GLY A 808 10.09 34.86 4.47
C GLY A 808 10.42 33.90 5.62
N ALA A 809 11.06 32.79 5.30
CA ALA A 809 11.38 31.78 6.32
C ALA A 809 12.44 32.33 7.27
N LEU A 810 13.34 33.12 6.72
CA LEU A 810 14.38 33.75 7.52
C LEU A 810 13.78 34.81 8.43
N THR A 811 12.93 35.66 7.89
CA THR A 811 12.33 36.73 8.69
C THR A 811 11.36 36.16 9.72
N THR A 812 10.83 34.96 9.45
CA THR A 812 9.96 34.26 10.39
C THR A 812 10.81 33.59 11.47
N ARG A 813 12.01 33.16 11.08
CA ARG A 813 12.95 32.62 12.04
C ARG A 813 13.38 33.72 13.00
N LEU A 814 13.47 34.94 12.47
CA LEU A 814 13.90 36.09 13.23
C LEU A 814 12.78 36.60 14.12
N ALA A 815 11.57 36.61 13.59
CA ALA A 815 10.40 37.12 14.32
C ALA A 815 9.96 36.26 15.49
N ASN A 816 9.78 34.96 15.26
CA ASN A 816 9.22 34.08 16.27
C ASN A 816 10.24 33.37 17.15
N ASP A 817 11.02 32.47 16.54
CA ASP A 817 11.94 31.61 17.28
C ASP A 817 12.89 32.40 18.16
N ALA A 818 13.28 33.58 17.69
CA ALA A 818 14.16 34.45 18.45
C ALA A 818 13.49 34.97 19.71
N ALA A 819 12.18 35.19 19.66
CA ALA A 819 11.47 35.66 20.85
C ALA A 819 11.10 34.49 21.76
N GLN A 820 10.77 33.36 21.16
CA GLN A 820 10.28 32.20 21.91
C GLN A 820 11.39 31.49 22.69
N VAL A 821 12.63 31.86 22.41
CA VAL A 821 13.79 31.32 23.09
C VAL A 821 13.72 31.55 24.60
N LYS A 822 13.02 32.62 25.01
CA LYS A 822 12.93 33.00 26.41
C LYS A 822 12.19 31.93 27.18
N GLY A 823 11.52 31.04 26.46
CA GLY A 823 10.83 29.94 27.09
C GLY A 823 11.80 28.95 27.73
N ALA A 824 12.95 28.76 27.10
CA ALA A 824 13.88 27.72 27.54
C ALA A 824 14.84 28.22 28.61
N THR A 825 14.79 29.51 28.89
CA THR A 825 15.71 30.10 29.85
C THR A 825 15.07 30.34 31.21
N GLY A 826 14.69 31.60 31.46
CA GLY A 826 14.16 32.01 32.76
C GLY A 826 12.91 31.26 33.16
N SER A 827 11.94 31.24 32.25
CA SER A 827 10.65 30.61 32.50
C SER A 827 10.81 29.17 32.98
N ARG A 828 11.76 28.46 32.39
CA ARG A 828 11.97 27.07 32.75
C ARG A 828 12.62 26.93 34.14
N LEU A 829 13.46 27.88 34.52
CA LEU A 829 14.00 27.89 35.87
C LEU A 829 12.88 28.12 36.86
N ALA A 830 12.03 29.10 36.55
CA ALA A 830 10.84 29.37 37.35
C ALA A 830 10.04 28.10 37.55
N VAL A 831 9.70 27.43 36.45
CA VAL A 831 8.90 26.22 36.50
C VAL A 831 9.54 25.10 37.33
N ILE A 832 10.76 24.73 36.96
CA ILE A 832 11.43 23.63 37.62
C ILE A 832 11.64 23.91 39.11
N PHE A 833 11.85 25.18 39.45
CA PHE A 833 12.07 25.55 40.84
C PHE A 833 10.77 25.59 41.65
N GLN A 834 9.69 26.07 41.03
CA GLN A 834 8.40 26.06 41.71
C GLN A 834 7.94 24.64 41.94
N ASN A 835 8.16 23.78 40.94
CA ASN A 835 7.78 22.38 41.06
C ASN A 835 8.58 21.63 42.10
N ILE A 836 9.90 21.81 42.08
CA ILE A 836 10.75 21.14 43.03
C ILE A 836 10.49 21.66 44.44
N ALA A 837 10.14 22.94 44.56
CA ALA A 837 9.82 23.52 45.86
C ALA A 837 8.53 22.88 46.37
N ASN A 838 7.51 22.91 45.53
CA ASN A 838 6.20 22.33 45.84
C ASN A 838 6.26 20.86 46.20
N LEU A 839 6.41 20.00 45.20
CA LEU A 839 6.38 18.56 45.46
C LEU A 839 7.55 18.14 46.34
N GLY A 840 8.65 18.88 46.26
CA GLY A 840 9.83 18.56 47.05
C GLY A 840 9.61 18.72 48.55
N THR A 841 9.20 19.91 48.96
CA THR A 841 9.02 20.15 50.39
C THR A 841 7.75 19.45 50.87
N GLY A 842 6.70 19.55 50.06
CA GLY A 842 5.46 18.87 50.34
C GLY A 842 5.64 17.38 50.59
N ILE A 843 6.57 16.76 49.88
CA ILE A 843 6.82 15.34 50.09
C ILE A 843 7.52 15.08 51.42
N ILE A 844 8.33 16.04 51.87
CA ILE A 844 9.00 15.93 53.17
C ILE A 844 7.97 15.98 54.29
N ILE A 845 7.10 16.98 54.19
CA ILE A 845 6.03 17.14 55.19
C ILE A 845 5.10 15.92 55.21
N SER A 846 4.59 15.53 54.04
CA SER A 846 3.71 14.36 53.96
C SER A 846 4.45 13.09 54.37
N LEU A 847 5.78 13.12 54.35
CA LEU A 847 6.56 11.99 54.84
C LEU A 847 6.65 11.95 56.35
N ILE A 848 6.80 13.12 56.98
CA ILE A 848 6.87 13.15 58.45
C ILE A 848 5.51 12.92 59.09
N TYR A 849 4.45 13.39 58.46
CA TYR A 849 3.12 13.18 59.03
C TYR A 849 2.51 11.80 58.71
N GLY A 850 3.22 10.99 57.93
CA GLY A 850 2.77 9.66 57.59
C GLY A 850 3.86 8.86 56.92
N TRP A 851 4.06 7.63 57.37
CA TRP A 851 5.12 6.81 56.80
C TRP A 851 4.51 6.00 55.64
N GLN A 852 3.51 5.19 55.98
CA GLN A 852 2.91 4.24 55.06
C GLN A 852 2.03 4.89 54.00
N LEU A 853 1.11 5.74 54.44
CA LEU A 853 0.21 6.44 53.54
C LEU A 853 0.98 7.29 52.54
N THR A 854 2.08 7.90 52.99
CA THR A 854 2.89 8.72 52.10
C THR A 854 3.48 7.84 51.02
N LEU A 855 4.00 6.69 51.44
CA LEU A 855 4.52 5.70 50.52
C LEU A 855 3.47 5.27 49.51
N LEU A 856 2.21 5.24 49.94
CA LEU A 856 1.12 4.86 49.05
C LEU A 856 0.87 5.94 48.01
N LEU A 857 0.86 7.19 48.46
CA LEU A 857 0.54 8.31 47.55
C LEU A 857 1.66 8.66 46.59
N LEU A 858 2.91 8.57 47.04
CA LEU A 858 4.05 8.75 46.14
C LEU A 858 4.14 7.58 45.17
N ALA A 859 3.17 6.68 45.25
CA ALA A 859 3.11 5.51 44.39
C ALA A 859 1.92 5.61 43.43
N ILE A 860 0.77 5.95 43.97
CA ILE A 860 -0.43 6.12 43.16
C ILE A 860 -0.31 7.35 42.27
N VAL A 861 0.10 8.47 42.85
CA VAL A 861 0.19 9.73 42.12
C VAL A 861 1.09 9.71 40.86
N PRO A 862 2.32 9.16 40.96
CA PRO A 862 3.11 9.06 39.72
C PRO A 862 2.42 8.24 38.65
N ILE A 863 1.81 7.13 39.05
CA ILE A 863 1.09 6.27 38.14
C ILE A 863 -0.03 7.03 37.42
N ILE A 864 -0.73 7.88 38.15
CA ILE A 864 -1.77 8.70 37.54
C ILE A 864 -1.16 9.74 36.62
N ALA A 865 -0.02 10.29 37.04
CA ALA A 865 0.70 11.28 36.25
C ALA A 865 1.17 10.70 34.93
N ILE A 866 1.67 9.46 34.97
CA ILE A 866 2.06 8.73 33.77
C ILE A 866 0.87 8.58 32.82
N ALA A 867 -0.29 8.28 33.38
CA ALA A 867 -1.52 8.16 32.59
C ALA A 867 -1.87 9.50 31.95
N GLY A 868 -1.46 10.59 32.60
CA GLY A 868 -1.76 11.92 32.12
C GLY A 868 -0.94 12.27 30.89
N VAL A 869 0.26 11.69 30.81
CA VAL A 869 1.15 11.89 29.67
C VAL A 869 0.66 11.07 28.47
N VAL A 870 0.42 9.78 28.71
CA VAL A 870 -0.07 8.88 27.67
C VAL A 870 -1.41 9.35 27.12
N GLU A 871 -2.21 10.01 27.95
CA GLU A 871 -3.50 10.55 27.53
C GLU A 871 -3.33 11.56 26.41
N MET A 872 -2.29 12.38 26.53
CA MET A 872 -1.99 13.39 25.52
C MET A 872 -1.03 12.84 24.49
N LYS A 873 -0.50 11.64 24.75
CA LYS A 873 0.35 10.96 23.80
C LYS A 873 -0.50 10.26 22.74
N MET A 874 -1.47 9.48 23.21
CA MET A 874 -2.37 8.76 22.31
C MET A 874 -3.43 9.69 21.72
N LEU A 875 -3.47 10.92 22.22
CA LEU A 875 -4.40 11.90 21.69
C LEU A 875 -3.82 12.55 20.45
N SER A 876 -2.63 13.14 20.58
CA SER A 876 -1.96 13.79 19.46
C SER A 876 -1.35 12.76 18.52
N GLY A 877 -1.08 11.58 19.06
CA GLY A 877 -0.50 10.49 18.28
C GLY A 877 -1.38 10.07 17.10
N GLN A 878 -2.61 9.67 17.41
CA GLN A 878 -3.55 9.27 16.36
C GLN A 878 -4.30 10.48 15.80
N ALA A 879 -3.73 11.67 16.04
CA ALA A 879 -4.26 12.91 15.52
C ALA A 879 -3.43 13.31 14.31
N LEU A 880 -2.17 12.88 14.30
CA LEU A 880 -1.29 13.09 13.17
C LEU A 880 -1.38 11.93 12.20
N LYS A 881 -1.60 10.73 12.73
CA LYS A 881 -1.77 9.56 11.88
C LYS A 881 -3.04 9.68 11.06
N ASP A 882 -4.06 10.32 11.64
CA ASP A 882 -5.32 10.55 10.95
C ASP A 882 -5.20 11.58 9.82
N LYS A 883 -4.28 12.52 9.95
CA LYS A 883 -4.06 13.52 8.91
C LYS A 883 -3.17 12.96 7.81
N LYS A 884 -2.31 12.01 8.17
CA LYS A 884 -1.40 11.41 7.19
C LYS A 884 -2.12 10.49 6.20
N GLU A 885 -3.29 9.99 6.59
CA GLU A 885 -4.07 9.14 5.70
C GLU A 885 -5.11 10.01 4.99
N LEU A 886 -5.17 11.27 5.38
CA LEU A 886 -6.14 12.22 4.87
C LEU A 886 -5.57 13.05 3.74
N GLU A 887 -4.24 13.01 3.62
CA GLU A 887 -3.54 13.73 2.56
C GLU A 887 -3.84 13.12 1.20
N GLY A 888 -4.25 11.86 1.19
CA GLY A 888 -4.66 11.22 -0.04
C GLY A 888 -5.85 11.94 -0.62
N SER A 889 -6.85 12.18 0.23
CA SER A 889 -8.02 12.94 -0.17
C SER A 889 -7.60 14.35 -0.55
N GLY A 890 -6.78 14.97 0.30
CA GLY A 890 -6.26 16.29 0.05
C GLY A 890 -5.65 16.49 -1.33
N LYS A 891 -4.86 15.53 -1.79
CA LYS A 891 -4.23 15.59 -3.11
C LYS A 891 -5.28 15.54 -4.22
N ILE A 892 -6.25 14.64 -4.09
CA ILE A 892 -7.30 14.49 -5.09
C ILE A 892 -8.08 15.79 -5.21
N ALA A 893 -8.60 16.26 -4.09
CA ALA A 893 -9.36 17.50 -4.07
C ALA A 893 -8.56 18.64 -4.63
N THR A 894 -7.31 18.76 -4.21
CA THR A 894 -6.43 19.84 -4.66
C THR A 894 -6.32 19.83 -6.18
N GLU A 895 -5.87 18.70 -6.72
CA GLU A 895 -5.68 18.56 -8.16
C GLU A 895 -6.97 18.90 -8.89
N ALA A 896 -8.09 18.51 -8.29
CA ALA A 896 -9.40 18.75 -8.88
C ALA A 896 -9.78 20.23 -8.89
N ILE A 897 -9.42 20.95 -7.84
CA ILE A 897 -9.81 22.35 -7.72
C ILE A 897 -8.92 23.28 -8.52
N GLU A 898 -7.61 23.06 -8.40
CA GLU A 898 -6.63 23.93 -9.05
C GLU A 898 -6.76 23.90 -10.56
N ASN A 899 -7.23 22.77 -11.08
CA ASN A 899 -7.48 22.67 -12.51
C ASN A 899 -8.97 22.40 -12.80
N PHE A 900 -9.84 22.99 -11.99
CA PHE A 900 -11.28 22.86 -12.17
C PHE A 900 -11.65 23.34 -13.57
N ARG A 901 -11.12 24.49 -13.95
CA ARG A 901 -11.45 25.10 -15.22
C ARG A 901 -11.12 24.17 -16.38
N THR A 902 -10.21 23.24 -16.15
CA THR A 902 -9.83 22.23 -17.15
C THR A 902 -10.75 21.01 -17.11
N VAL A 903 -11.00 20.50 -15.91
CA VAL A 903 -11.81 19.30 -15.78
C VAL A 903 -13.26 19.55 -16.18
N VAL A 904 -13.74 20.76 -15.90
CA VAL A 904 -15.12 21.11 -16.22
C VAL A 904 -15.39 20.99 -17.72
N SER A 905 -14.33 21.03 -18.52
CA SER A 905 -14.43 20.90 -19.96
C SER A 905 -14.50 19.46 -20.40
N LEU A 906 -13.92 18.58 -19.59
CA LEU A 906 -13.93 17.13 -19.87
C LEU A 906 -15.03 16.46 -19.08
N THR A 907 -16.00 17.25 -18.61
CA THR A 907 -17.01 16.80 -17.64
C THR A 907 -16.30 16.25 -16.41
N ARG A 908 -16.36 14.93 -16.22
CA ARG A 908 -15.58 14.22 -15.21
C ARG A 908 -15.49 14.88 -13.83
N GLU A 909 -16.54 15.60 -13.43
CA GLU A 909 -16.58 16.18 -12.10
C GLU A 909 -16.96 15.09 -11.11
N GLN A 910 -17.97 14.32 -11.49
CA GLN A 910 -18.47 13.23 -10.66
C GLN A 910 -17.41 12.14 -10.51
N LYS A 911 -16.54 12.03 -11.50
CA LYS A 911 -15.44 11.07 -11.40
C LYS A 911 -14.50 11.48 -10.29
N PHE A 912 -14.18 12.76 -10.23
CA PHE A 912 -13.29 13.28 -9.19
C PHE A 912 -13.95 13.20 -7.81
N GLU A 913 -15.25 13.45 -7.76
CA GLU A 913 -15.99 13.20 -6.51
C GLU A 913 -15.83 11.73 -6.10
N THR A 914 -15.97 10.81 -7.05
CA THR A 914 -15.87 9.38 -6.77
C THR A 914 -14.49 9.03 -6.21
N MET A 915 -13.46 9.56 -6.85
CA MET A 915 -12.10 9.41 -6.35
C MET A 915 -12.00 9.93 -4.93
N TYR A 916 -12.63 11.08 -4.68
CA TYR A 916 -12.56 11.73 -3.38
C TYR A 916 -13.14 10.84 -2.28
N ALA A 917 -14.34 10.32 -2.54
CA ALA A 917 -15.02 9.44 -1.60
C ALA A 917 -14.19 8.18 -1.36
N GLN A 918 -13.66 7.61 -2.44
CA GLN A 918 -12.82 6.41 -2.32
C GLN A 918 -11.60 6.68 -1.43
N SER A 919 -11.07 7.89 -1.50
CA SER A 919 -9.94 8.28 -0.68
C SER A 919 -10.40 8.38 0.76
N LEU A 920 -11.60 8.92 0.96
CA LEU A 920 -12.13 9.17 2.29
C LEU A 920 -12.67 7.94 2.99
N GLN A 921 -12.85 6.84 2.26
CA GLN A 921 -13.49 5.64 2.81
C GLN A 921 -12.59 4.91 3.81
N ILE A 922 -11.30 5.23 3.81
CA ILE A 922 -10.37 4.60 4.74
C ILE A 922 -10.24 5.32 6.09
N PRO A 923 -10.21 6.67 6.08
CA PRO A 923 -10.19 7.33 7.39
C PRO A 923 -11.52 7.24 8.14
N TYR A 924 -12.63 7.18 7.42
CA TYR A 924 -13.97 7.11 8.00
C TYR A 924 -14.28 5.72 8.57
N ARG A 925 -13.65 4.70 8.00
CA ARG A 925 -13.77 3.36 8.54
C ARG A 925 -12.99 3.29 9.85
N ASN A 926 -12.05 4.22 10.01
CA ASN A 926 -11.22 4.32 11.20
C ASN A 926 -11.74 5.33 12.22
N ALA A 927 -12.96 5.82 12.00
CA ALA A 927 -13.60 6.76 12.92
C ALA A 927 -14.21 6.03 14.09
N MET A 928 -14.75 4.85 13.82
CA MET A 928 -15.32 3.98 14.84
C MET A 928 -14.24 3.65 15.87
N LYS A 929 -13.15 3.07 15.39
CA LYS A 929 -12.04 2.67 16.26
C LYS A 929 -11.47 3.88 16.97
N LYS A 930 -11.47 5.02 16.28
CA LYS A 930 -11.00 6.27 16.85
C LYS A 930 -11.81 6.63 18.09
N ALA A 931 -13.12 6.75 17.90
CA ALA A 931 -14.02 7.11 18.99
C ALA A 931 -13.93 6.13 20.16
N HIS A 932 -13.88 4.83 19.86
CA HIS A 932 -13.72 3.83 20.90
C HIS A 932 -12.41 4.07 21.68
N VAL A 933 -11.34 4.36 20.96
CA VAL A 933 -10.05 4.61 21.60
C VAL A 933 -10.08 5.81 22.54
N PHE A 934 -10.55 6.96 22.03
CA PHE A 934 -10.66 8.14 22.87
C PHE A 934 -11.53 7.85 24.09
N GLY A 935 -12.54 7.02 23.86
CA GLY A 935 -13.39 6.54 24.93
C GLY A 935 -12.60 5.86 26.02
N ILE A 936 -12.05 4.69 25.72
CA ILE A 936 -11.35 3.91 26.74
C ILE A 936 -10.19 4.67 27.39
N THR A 937 -9.55 5.58 26.64
CA THR A 937 -8.46 6.36 27.21
C THR A 937 -8.97 7.37 28.23
N PHE A 938 -9.94 8.18 27.81
CA PHE A 938 -10.53 9.20 28.67
C PHE A 938 -11.12 8.55 29.94
N SER A 939 -11.70 7.38 29.76
CA SER A 939 -12.31 6.62 30.84
C SER A 939 -11.29 5.96 31.76
N PHE A 940 -10.13 5.60 31.22
CA PHE A 940 -9.08 5.00 32.05
C PHE A 940 -8.42 6.09 32.91
N THR A 941 -8.13 7.25 32.32
CA THR A 941 -7.58 8.34 33.11
C THR A 941 -8.58 8.77 34.16
N GLN A 942 -9.84 8.96 33.74
CA GLN A 942 -10.84 9.53 34.64
C GLN A 942 -11.37 8.58 35.71
N ALA A 943 -11.39 7.28 35.43
CA ALA A 943 -11.97 6.32 36.37
C ALA A 943 -11.24 6.31 37.70
N MET A 944 -9.92 6.10 37.61
CA MET A 944 -9.10 5.95 38.80
C MET A 944 -8.82 7.28 39.47
N MET A 945 -9.37 8.35 38.92
CA MET A 945 -9.26 9.65 39.57
C MET A 945 -10.18 9.66 40.79
N TYR A 946 -11.05 8.66 40.87
CA TYR A 946 -11.96 8.52 42.00
C TYR A 946 -11.49 7.35 42.89
N PHE A 947 -10.94 6.33 42.23
CA PHE A 947 -10.34 5.19 42.92
C PHE A 947 -9.13 5.61 43.76
N SER A 948 -8.58 6.79 43.48
CA SER A 948 -7.47 7.33 44.27
C SER A 948 -7.97 7.76 45.64
N TYR A 949 -9.08 8.51 45.65
CA TYR A 949 -9.76 8.88 46.88
C TYR A 949 -10.16 7.62 47.63
N ALA A 950 -10.74 6.69 46.88
CA ALA A 950 -11.17 5.41 47.42
C ALA A 950 -10.05 4.70 48.17
N ALA A 951 -8.89 4.58 47.53
CA ALA A 951 -7.75 3.90 48.14
C ALA A 951 -7.16 4.67 49.34
N CYS A 952 -6.78 5.92 49.09
CA CYS A 952 -6.12 6.74 50.11
C CYS A 952 -6.95 6.98 51.37
N PHE A 953 -8.26 7.18 51.23
CA PHE A 953 -9.09 7.44 52.41
C PHE A 953 -9.48 6.17 53.18
N ARG A 954 -9.47 5.03 52.50
CA ARG A 954 -9.70 3.75 53.14
C ARG A 954 -8.46 3.33 53.92
N PHE A 955 -7.30 3.42 53.27
CA PHE A 955 -6.03 3.11 53.91
C PHE A 955 -5.76 4.06 55.09
N GLY A 956 -6.06 5.33 54.87
CA GLY A 956 -5.89 6.35 55.91
C GLY A 956 -6.83 6.15 57.08
N ALA A 957 -8.10 5.85 56.80
CA ALA A 957 -9.04 5.52 57.85
C ALA A 957 -8.52 4.32 58.63
N TYR A 958 -8.02 3.32 57.89
CA TYR A 958 -7.39 2.16 58.50
C TYR A 958 -6.28 2.58 59.46
N LEU A 959 -5.52 3.60 59.08
CA LEU A 959 -4.46 4.13 59.93
C LEU A 959 -5.05 4.72 61.20
N VAL A 960 -5.77 5.83 61.05
CA VAL A 960 -6.33 6.57 62.17
C VAL A 960 -7.15 5.74 63.18
N THR A 961 -7.94 4.80 62.67
CA THR A 961 -8.77 3.96 63.55
C THR A 961 -7.89 3.19 64.53
N GLN A 962 -6.79 2.66 64.02
CA GLN A 962 -5.84 1.92 64.86
C GLN A 962 -4.99 2.84 65.73
N GLN A 963 -3.85 2.35 66.20
CA GLN A 963 -2.99 3.17 67.05
C GLN A 963 -2.24 4.20 66.22
N LEU A 964 -2.12 3.97 64.91
CA LEU A 964 -1.43 4.92 64.04
C LEU A 964 -2.27 6.18 63.88
N MET A 965 -1.59 7.33 63.90
CA MET A 965 -2.26 8.61 64.02
C MET A 965 -1.72 9.64 63.04
N THR A 966 -2.56 10.58 62.58
CA THR A 966 -3.98 10.62 62.91
C THR A 966 -4.80 10.73 61.64
N PHE A 967 -5.97 11.35 61.71
CA PHE A 967 -6.76 11.64 60.52
C PHE A 967 -6.40 12.97 59.90
N GLU A 968 -6.20 13.98 60.75
CA GLU A 968 -5.78 15.30 60.27
C GLU A 968 -4.52 15.15 59.44
N ASN A 969 -3.62 14.29 59.90
CA ASN A 969 -2.38 14.02 59.19
C ASN A 969 -2.62 13.25 57.89
N VAL A 970 -3.61 12.36 57.89
CA VAL A 970 -4.01 11.69 56.67
C VAL A 970 -4.41 12.74 55.63
N LEU A 971 -5.30 13.65 56.04
CA LEU A 971 -5.76 14.73 55.16
C LEU A 971 -4.62 15.65 54.72
N LEU A 972 -3.63 15.81 55.58
CA LEU A 972 -2.48 16.63 55.24
C LEU A 972 -1.65 15.94 54.16
N VAL A 973 -1.36 14.65 54.32
CA VAL A 973 -0.56 13.91 53.34
C VAL A 973 -1.26 13.94 52.00
N PHE A 974 -2.55 13.64 52.03
CA PHE A 974 -3.37 13.66 50.83
C PHE A 974 -3.31 15.00 50.12
N SER A 975 -3.74 16.07 50.80
CA SER A 975 -3.73 17.40 50.21
C SER A 975 -2.35 17.81 49.70
N ALA A 976 -1.32 17.55 50.49
CA ALA A 976 0.02 17.98 50.15
C ALA A 976 0.48 17.34 48.85
N ILE A 977 0.45 16.00 48.82
CA ILE A 977 0.91 15.26 47.65
C ILE A 977 0.02 15.48 46.42
N VAL A 978 -1.29 15.48 46.63
CA VAL A 978 -2.24 15.58 45.53
C VAL A 978 -2.38 16.99 44.94
N PHE A 979 -2.64 18.01 45.76
CA PHE A 979 -2.72 19.36 45.24
C PHE A 979 -1.32 19.79 44.84
N GLY A 980 -0.30 19.13 45.41
CA GLY A 980 1.07 19.40 45.03
C GLY A 980 1.29 18.99 43.59
N ALA A 981 0.97 17.73 43.31
CA ALA A 981 1.07 17.22 41.96
C ALA A 981 0.13 17.96 40.99
N MET A 982 -0.98 18.50 41.49
CA MET A 982 -1.89 19.25 40.63
C MET A 982 -1.30 20.61 40.29
N ALA A 983 -0.67 21.20 41.31
CA ALA A 983 -0.03 22.50 41.18
C ALA A 983 1.12 22.41 40.22
N VAL A 984 1.89 21.32 40.26
CA VAL A 984 3.00 21.20 39.30
C VAL A 984 2.47 21.13 37.86
N GLY A 985 1.27 20.60 37.72
CA GLY A 985 0.59 20.51 36.45
C GLY A 985 0.20 21.88 35.95
N GLN A 986 -0.45 22.66 36.82
CA GLN A 986 -0.84 24.02 36.45
C GLN A 986 0.38 24.91 36.17
N VAL A 987 1.45 24.74 36.94
CA VAL A 987 2.69 25.47 36.71
C VAL A 987 3.29 25.05 35.36
N SER A 988 3.14 23.76 35.03
CA SER A 988 3.54 23.27 33.72
C SER A 988 2.73 23.90 32.59
N SER A 989 1.46 24.19 32.85
CA SER A 989 0.60 24.77 31.83
C SER A 989 0.80 26.28 31.66
N PHE A 990 1.26 26.95 32.72
CA PHE A 990 1.51 28.40 32.67
C PHE A 990 2.57 28.76 31.62
N ALA A 991 3.80 28.32 31.85
CA ALA A 991 4.93 28.73 31.01
C ALA A 991 4.81 28.19 29.58
N PRO A 992 5.45 28.88 28.64
CA PRO A 992 5.49 28.44 27.23
C PRO A 992 6.01 27.00 27.06
N ASP A 993 5.77 26.42 25.88
CA ASP A 993 6.13 25.03 25.61
C ASP A 993 7.63 24.86 25.47
N TYR A 994 8.22 24.13 26.42
CA TYR A 994 9.67 23.96 26.47
C TYR A 994 10.22 23.23 25.25
N ALA A 995 9.44 22.31 24.70
CA ALA A 995 9.90 21.60 23.51
C ALA A 995 10.01 22.59 22.35
N LYS A 996 8.91 23.28 22.07
CA LYS A 996 8.87 24.26 20.99
C LYS A 996 9.88 25.38 21.24
N ALA A 997 10.11 25.69 22.52
CA ALA A 997 11.06 26.72 22.89
C ALA A 997 12.49 26.28 22.54
N THR A 998 12.83 25.05 22.91
CA THR A 998 14.17 24.52 22.66
C THR A 998 14.44 24.36 21.16
N VAL A 999 13.46 23.87 20.41
CA VAL A 999 13.67 23.71 18.97
C VAL A 999 13.62 25.04 18.23
N SER A 1000 13.01 26.05 18.85
CA SER A 1000 13.08 27.39 18.29
C SER A 1000 14.35 28.06 18.78
N ALA A 1001 15.03 27.41 19.72
CA ALA A 1001 16.25 27.96 20.30
C ALA A 1001 17.46 27.47 19.51
N SER A 1002 17.45 26.19 19.17
CA SER A 1002 18.57 25.58 18.48
C SER A 1002 18.82 26.21 17.10
N HIS A 1003 17.77 26.62 16.41
CA HIS A 1003 17.95 27.32 15.14
C HIS A 1003 18.66 28.65 15.35
N ILE A 1004 18.33 29.30 16.46
CA ILE A 1004 18.95 30.57 16.81
C ILE A 1004 20.42 30.39 17.10
N ILE A 1005 20.72 29.47 18.02
CA ILE A 1005 22.11 29.24 18.42
C ILE A 1005 22.97 28.72 17.28
N ARG A 1006 22.40 27.94 16.37
CA ARG A 1006 23.15 27.45 15.21
C ARG A 1006 23.39 28.56 14.22
N ILE A 1007 22.39 29.41 14.04
CA ILE A 1007 22.49 30.53 13.12
C ILE A 1007 23.54 31.55 13.59
N ILE A 1008 23.65 31.73 14.90
CA ILE A 1008 24.61 32.71 15.45
C ILE A 1008 26.06 32.23 15.37
N GLU A 1009 26.31 31.02 15.85
CA GLU A 1009 27.64 30.44 15.88
C GLU A 1009 28.09 29.93 14.51
N LYS A 1010 27.40 30.38 13.45
CA LYS A 1010 27.69 29.91 12.10
C LYS A 1010 28.81 30.73 11.46
N THR A 1011 29.93 30.07 11.17
CA THR A 1011 31.07 30.69 10.51
C THR A 1011 31.05 30.35 9.02
N PRO A 1012 31.01 31.39 8.18
CA PRO A 1012 31.00 31.22 6.73
C PRO A 1012 32.41 31.07 6.19
N GLU A 1013 32.52 30.68 4.92
CA GLU A 1013 33.81 30.66 4.24
C GLU A 1013 34.26 32.10 4.03
N ILE A 1014 33.50 32.82 3.21
CA ILE A 1014 33.73 34.24 2.97
C ILE A 1014 33.18 35.10 4.12
N ASP A 1015 34.08 35.70 4.91
CA ASP A 1015 33.66 36.58 5.98
C ASP A 1015 33.81 38.03 5.57
N SER A 1016 32.68 38.71 5.41
CA SER A 1016 32.71 40.10 5.02
C SER A 1016 33.05 41.01 6.20
N TYR A 1017 33.16 40.42 7.38
CA TYR A 1017 33.43 41.16 8.61
C TYR A 1017 34.91 41.21 8.98
N SER A 1018 35.71 40.31 8.40
CA SER A 1018 37.13 40.25 8.70
C SER A 1018 37.80 41.58 8.38
N THR A 1019 38.82 41.92 9.15
CA THR A 1019 39.51 43.18 8.97
C THR A 1019 40.93 42.97 8.44
N GLN A 1020 41.17 41.81 7.86
CA GLN A 1020 42.46 41.52 7.22
C GLN A 1020 42.32 41.89 5.76
N GLY A 1021 43.44 41.91 5.03
CA GLY A 1021 43.41 42.12 3.59
C GLY A 1021 44.55 42.96 3.07
N LEU A 1022 44.89 42.77 1.80
CA LEU A 1022 46.03 43.48 1.25
C LEU A 1022 45.82 45.00 1.23
N LYS A 1023 44.80 45.46 0.50
CA LYS A 1023 44.55 46.90 0.35
C LYS A 1023 45.76 47.62 -0.23
N PRO A 1024 45.98 47.46 -1.54
CA PRO A 1024 47.14 48.12 -2.14
C PRO A 1024 46.81 49.53 -2.58
N ASN A 1025 47.80 50.31 -2.99
CA ASN A 1025 47.52 51.61 -3.60
C ASN A 1025 47.20 51.44 -5.08
N MET A 1026 47.50 50.26 -5.60
CA MET A 1026 47.41 49.98 -7.02
C MET A 1026 46.00 50.13 -7.59
N LEU A 1027 45.81 51.21 -8.34
CA LEU A 1027 44.53 51.51 -8.97
C LEU A 1027 44.41 50.85 -10.34
N GLU A 1028 45.36 49.96 -10.66
CA GLU A 1028 45.37 49.30 -11.97
C GLU A 1028 44.08 48.53 -12.26
N GLY A 1029 44.01 47.30 -11.77
CA GLY A 1029 42.81 46.49 -11.91
C GLY A 1029 42.77 45.59 -13.14
N ASN A 1030 43.57 44.53 -13.11
CA ASN A 1030 43.53 43.53 -14.17
C ASN A 1030 42.86 42.25 -13.68
N VAL A 1031 41.75 41.88 -14.32
CA VAL A 1031 41.05 40.65 -13.97
C VAL A 1031 41.59 39.48 -14.79
N GLN A 1032 42.07 38.45 -14.12
CA GLN A 1032 42.57 37.26 -14.82
C GLN A 1032 42.14 35.95 -14.16
N PHE A 1033 41.15 35.30 -14.75
CA PHE A 1033 40.71 33.98 -14.32
C PHE A 1033 41.61 32.94 -14.95
N SER A 1034 42.28 32.15 -14.13
CA SER A 1034 43.10 31.07 -14.63
C SER A 1034 42.60 29.76 -14.05
N GLY A 1035 42.47 28.74 -14.89
CA GLY A 1035 41.90 27.48 -14.44
C GLY A 1035 40.48 27.73 -13.95
N VAL A 1036 40.32 27.87 -12.64
CA VAL A 1036 39.02 28.07 -11.99
C VAL A 1036 37.89 27.15 -12.47
N VAL A 1037 37.82 25.99 -11.85
CA VAL A 1037 36.71 25.08 -12.04
C VAL A 1037 35.75 25.19 -10.85
N PHE A 1038 34.51 25.58 -11.14
CA PHE A 1038 33.52 25.82 -10.11
C PHE A 1038 32.21 25.12 -10.42
N ASN A 1039 31.58 24.59 -9.38
CA ASN A 1039 30.27 23.98 -9.48
C ASN A 1039 29.44 24.27 -8.23
N TYR A 1040 28.17 24.61 -8.43
CA TYR A 1040 27.33 25.08 -7.32
C TYR A 1040 27.09 24.10 -6.17
N PRO A 1041 27.26 24.61 -4.94
CA PRO A 1041 27.15 23.82 -3.71
C PRO A 1041 25.70 23.39 -3.44
N THR A 1042 24.75 24.23 -3.85
CA THR A 1042 23.32 23.92 -3.75
C THR A 1042 23.00 22.66 -4.53
N ARG A 1043 23.57 22.54 -5.72
CA ARG A 1043 23.27 21.43 -6.62
C ARG A 1043 24.51 21.02 -7.41
N PRO A 1044 25.36 20.17 -6.80
CA PRO A 1044 26.60 19.71 -7.43
C PRO A 1044 26.38 18.67 -8.52
N SER A 1045 25.51 19.00 -9.48
CA SER A 1045 25.24 18.15 -10.63
C SER A 1045 25.44 18.99 -11.88
N ILE A 1046 26.16 18.42 -12.85
CA ILE A 1046 26.55 19.13 -14.06
C ILE A 1046 27.24 20.45 -13.68
N PRO A 1047 28.55 20.37 -13.38
CA PRO A 1047 29.35 21.55 -13.00
C PRO A 1047 29.19 22.68 -14.02
N VAL A 1048 29.06 23.89 -13.50
CA VAL A 1048 28.84 25.05 -14.35
C VAL A 1048 30.12 25.54 -15.02
N LEU A 1049 31.20 25.67 -14.25
CA LEU A 1049 32.49 26.04 -14.82
C LEU A 1049 33.45 24.86 -14.78
N GLN A 1050 34.01 24.52 -15.93
CA GLN A 1050 34.96 23.42 -16.04
C GLN A 1050 36.39 23.91 -16.27
N GLY A 1051 36.84 24.84 -15.44
CA GLY A 1051 38.20 25.34 -15.55
C GLY A 1051 38.41 26.24 -16.76
N LEU A 1052 37.45 27.11 -17.03
CA LEU A 1052 37.59 28.06 -18.11
C LEU A 1052 38.44 29.22 -17.65
N SER A 1053 39.22 29.78 -18.57
CA SER A 1053 40.14 30.87 -18.22
C SER A 1053 40.06 32.02 -19.21
N LEU A 1054 40.34 33.22 -18.71
CA LEU A 1054 40.34 34.42 -19.53
C LEU A 1054 41.04 35.54 -18.78
N GLU A 1055 41.16 36.70 -19.43
CA GLU A 1055 41.84 37.84 -18.82
C GLU A 1055 41.43 39.15 -19.47
N VAL A 1056 41.29 40.19 -18.63
CA VAL A 1056 40.88 41.51 -19.10
C VAL A 1056 41.79 42.56 -18.48
N LYS A 1057 42.34 43.43 -19.33
CA LYS A 1057 43.23 44.47 -18.84
C LYS A 1057 42.47 45.77 -18.57
N LYS A 1058 43.19 46.84 -18.25
CA LYS A 1058 42.55 48.08 -17.81
C LYS A 1058 41.92 48.87 -18.95
N GLY A 1059 40.67 49.30 -18.76
CA GLY A 1059 39.99 50.14 -19.72
C GLY A 1059 39.21 49.35 -20.75
N GLN A 1060 39.77 48.21 -21.16
CA GLN A 1060 39.14 47.35 -22.16
C GLN A 1060 37.96 46.61 -21.53
N THR A 1061 36.95 46.33 -22.35
CA THR A 1061 35.71 45.71 -21.87
C THR A 1061 35.50 44.28 -22.40
N LEU A 1062 35.38 43.33 -21.49
CA LEU A 1062 35.09 41.94 -21.84
C LEU A 1062 33.64 41.80 -22.24
N ALA A 1063 33.33 40.75 -23.01
CA ALA A 1063 31.95 40.41 -23.32
C ALA A 1063 31.79 38.90 -23.25
N LEU A 1064 30.63 38.44 -22.85
CA LEU A 1064 30.42 37.00 -22.71
C LEU A 1064 29.33 36.48 -23.63
N VAL A 1065 29.65 35.45 -24.39
CA VAL A 1065 28.69 34.83 -25.30
C VAL A 1065 28.56 33.33 -25.02
N GLY A 1066 27.31 32.87 -24.90
CA GLY A 1066 27.01 31.46 -24.69
C GLY A 1066 25.54 31.23 -24.95
N SER A 1067 25.12 29.96 -24.94
CA SER A 1067 23.72 29.62 -25.16
C SER A 1067 22.80 30.23 -24.09
N SER A 1068 23.20 30.10 -22.83
CA SER A 1068 22.44 30.62 -21.71
C SER A 1068 23.37 31.00 -20.56
N GLY A 1069 22.81 31.24 -19.38
CA GLY A 1069 23.59 31.53 -18.20
C GLY A 1069 24.40 30.34 -17.72
N CYS A 1070 25.14 30.52 -16.63
CA CYS A 1070 25.99 29.47 -16.08
C CYS A 1070 26.97 28.91 -17.14
N GLY A 1071 28.15 29.51 -17.22
CA GLY A 1071 28.55 30.55 -16.29
C GLY A 1071 28.65 31.94 -16.88
N LYS A 1072 27.55 32.43 -17.43
CA LYS A 1072 27.46 33.82 -17.89
C LYS A 1072 27.47 34.75 -16.68
N SER A 1073 26.74 34.34 -15.65
CA SER A 1073 26.57 35.12 -14.43
C SER A 1073 27.55 34.66 -13.35
N THR A 1074 27.95 33.40 -13.44
CA THR A 1074 28.84 32.77 -12.46
C THR A 1074 30.18 33.49 -12.34
N VAL A 1075 30.72 33.93 -13.47
CA VAL A 1075 31.96 34.70 -13.50
C VAL A 1075 31.78 36.00 -12.70
N VAL A 1076 30.76 36.77 -13.07
CA VAL A 1076 30.47 38.04 -12.41
C VAL A 1076 30.30 37.83 -10.91
N GLN A 1077 29.75 36.69 -10.52
CA GLN A 1077 29.60 36.37 -9.11
C GLN A 1077 30.95 36.03 -8.43
N LEU A 1078 31.82 35.30 -9.13
CA LEU A 1078 33.08 34.86 -8.53
C LEU A 1078 34.07 35.99 -8.39
N LEU A 1079 33.96 36.98 -9.26
CA LEU A 1079 34.81 38.17 -9.17
C LEU A 1079 34.37 39.04 -8.00
N GLU A 1080 33.07 39.04 -7.75
CA GLU A 1080 32.51 39.72 -6.59
C GLU A 1080 32.68 38.79 -5.40
N ARG A 1081 33.27 37.62 -5.67
CA ARG A 1081 33.59 36.64 -4.66
C ARG A 1081 32.34 36.24 -3.87
N PHE A 1082 31.41 35.61 -4.56
CA PHE A 1082 30.22 35.09 -3.90
C PHE A 1082 30.45 33.63 -3.58
N TYR A 1083 31.35 33.01 -4.34
CA TYR A 1083 31.68 31.60 -4.16
C TYR A 1083 33.17 31.36 -4.28
N ASP A 1084 33.61 30.20 -3.78
CA ASP A 1084 34.99 29.79 -3.89
C ASP A 1084 35.09 28.58 -4.84
N PRO A 1085 35.79 28.76 -5.98
CA PRO A 1085 36.02 27.70 -6.97
C PRO A 1085 36.78 26.52 -6.37
N MET A 1086 36.39 25.30 -6.69
CA MET A 1086 36.97 24.11 -6.06
C MET A 1086 38.48 24.01 -6.23
N ALA A 1087 38.95 24.16 -7.47
CA ALA A 1087 40.37 24.14 -7.79
C ALA A 1087 40.68 25.23 -8.81
N GLY A 1088 41.89 25.76 -8.77
CA GLY A 1088 42.25 26.88 -9.64
C GLY A 1088 42.15 28.19 -8.88
N SER A 1089 42.55 29.28 -9.54
CA SER A 1089 42.54 30.60 -8.90
C SER A 1089 42.26 31.73 -9.87
N VAL A 1090 41.64 32.79 -9.36
CA VAL A 1090 41.38 34.01 -10.12
C VAL A 1090 42.11 35.19 -9.49
N PHE A 1091 42.87 35.92 -10.29
CA PHE A 1091 43.71 36.98 -9.76
C PHE A 1091 43.21 38.37 -10.15
N LEU A 1092 43.23 39.28 -9.18
CA LEU A 1092 43.04 40.70 -9.44
C LEU A 1092 44.40 41.38 -9.33
N ASP A 1093 44.79 42.09 -10.38
CA ASP A 1093 46.15 42.58 -10.53
C ASP A 1093 47.13 41.44 -10.30
N GLY A 1094 48.22 41.73 -9.60
CA GLY A 1094 49.24 40.72 -9.35
C GLY A 1094 48.85 39.76 -8.25
N LYS A 1095 47.78 40.08 -7.55
CA LYS A 1095 47.41 39.37 -6.34
C LYS A 1095 46.25 38.39 -6.52
N GLU A 1096 46.23 37.35 -5.71
CA GLU A 1096 45.14 36.41 -5.68
C GLU A 1096 43.98 37.05 -4.91
N ILE A 1097 42.75 36.78 -5.34
CA ILE A 1097 41.58 37.36 -4.70
C ILE A 1097 41.49 36.96 -3.23
N LYS A 1098 41.69 35.67 -2.96
CA LYS A 1098 41.58 35.13 -1.61
C LYS A 1098 42.56 35.79 -0.63
N GLN A 1099 43.61 36.41 -1.16
CA GLN A 1099 44.57 37.10 -0.31
C GLN A 1099 44.09 38.50 0.04
N LEU A 1100 43.30 39.08 -0.86
CA LEU A 1100 42.77 40.43 -0.67
C LEU A 1100 41.82 40.50 0.51
N ASN A 1101 41.44 41.72 0.89
CA ASN A 1101 40.32 41.91 1.79
C ASN A 1101 39.03 41.60 1.04
N VAL A 1102 38.08 40.97 1.73
CA VAL A 1102 36.85 40.57 1.07
C VAL A 1102 36.00 41.79 0.77
N GLN A 1103 35.81 42.63 1.79
CA GLN A 1103 34.96 43.81 1.67
C GLN A 1103 35.55 44.81 0.69
N TRP A 1104 36.85 45.06 0.83
CA TRP A 1104 37.55 46.00 -0.02
C TRP A 1104 37.57 45.55 -1.49
N LEU A 1105 37.49 44.24 -1.70
CA LEU A 1105 37.40 43.70 -3.07
C LEU A 1105 36.10 44.18 -3.74
N ARG A 1106 35.02 44.20 -2.98
CA ARG A 1106 33.74 44.65 -3.53
C ARG A 1106 33.57 46.15 -3.38
N ALA A 1107 34.54 46.80 -2.73
CA ALA A 1107 34.50 48.25 -2.59
C ALA A 1107 34.79 48.95 -3.93
N GLN A 1108 35.56 48.28 -4.79
CA GLN A 1108 35.88 48.84 -6.09
C GLN A 1108 35.20 48.10 -7.25
N LEU A 1109 34.22 47.26 -6.92
CA LEU A 1109 33.45 46.56 -7.94
C LEU A 1109 31.98 46.96 -7.93
N GLY A 1110 31.55 47.66 -8.98
CA GLY A 1110 30.15 48.00 -9.16
C GLY A 1110 29.46 46.85 -9.86
N ILE A 1111 28.22 46.59 -9.47
CA ILE A 1111 27.49 45.45 -10.02
C ILE A 1111 26.10 45.87 -10.47
N VAL A 1112 25.70 45.44 -11.67
CA VAL A 1112 24.38 45.73 -12.19
C VAL A 1112 23.69 44.46 -12.69
N SER A 1113 22.65 44.05 -11.96
CA SER A 1113 21.90 42.83 -12.28
C SER A 1113 20.74 43.08 -13.26
N GLN A 1114 20.12 41.99 -13.72
CA GLN A 1114 18.99 42.05 -14.66
C GLN A 1114 17.82 42.84 -14.06
N GLU A 1115 17.57 42.63 -12.78
CA GLU A 1115 16.45 43.29 -12.10
C GLU A 1115 16.93 44.09 -10.89
N PRO A 1116 17.17 45.39 -11.08
CA PRO A 1116 17.69 46.28 -10.05
C PRO A 1116 16.67 46.55 -8.94
N ILE A 1117 17.07 46.37 -7.70
CA ILE A 1117 16.18 46.62 -6.58
C ILE A 1117 16.67 47.81 -5.76
N LEU A 1118 15.73 48.66 -5.35
CA LEU A 1118 16.03 49.81 -4.52
C LEU A 1118 15.40 49.68 -3.13
N PHE A 1119 15.84 50.52 -2.20
CA PHE A 1119 15.36 50.46 -0.82
C PHE A 1119 14.27 51.50 -0.55
N ASP A 1120 13.28 51.11 0.23
CA ASP A 1120 12.10 51.93 0.52
C ASP A 1120 12.41 53.19 1.34
N CYS A 1121 13.69 53.44 1.58
CA CYS A 1121 14.12 54.60 2.35
C CYS A 1121 13.93 55.91 1.58
N SER A 1122 14.85 56.18 0.67
CA SER A 1122 14.81 57.40 -0.14
C SER A 1122 15.74 57.26 -1.33
N ILE A 1123 15.71 58.25 -2.22
CA ILE A 1123 16.54 58.24 -3.42
C ILE A 1123 18.00 58.61 -3.11
N ALA A 1124 18.19 59.68 -2.34
CA ALA A 1124 19.53 60.14 -1.95
C ALA A 1124 20.33 59.03 -1.26
N GLU A 1125 19.66 58.27 -0.41
CA GLU A 1125 20.28 57.14 0.28
C GLU A 1125 20.58 55.98 -0.68
N ASN A 1126 19.65 55.72 -1.60
CA ASN A 1126 19.84 54.69 -2.63
C ASN A 1126 21.09 54.96 -3.46
N ILE A 1127 21.27 56.24 -3.83
CA ILE A 1127 22.45 56.66 -4.59
C ILE A 1127 23.71 56.58 -3.73
N ALA A 1128 23.61 57.08 -2.49
CA ALA A 1128 24.75 57.05 -1.58
C ALA A 1128 25.00 55.66 -1.01
N TYR A 1129 24.09 54.72 -1.29
CA TYR A 1129 24.22 53.35 -0.81
C TYR A 1129 25.41 52.64 -1.45
N GLY A 1130 25.86 53.16 -2.59
CA GLY A 1130 26.98 52.58 -3.30
C GLY A 1130 28.29 52.64 -2.54
N ASP A 1131 28.62 53.81 -2.03
CA ASP A 1131 29.83 53.98 -1.22
C ASP A 1131 29.43 54.23 0.23
N ASN A 1132 29.66 53.23 1.08
CA ASN A 1132 29.33 53.32 2.49
C ASN A 1132 30.55 53.81 3.28
N SER A 1133 30.40 53.89 4.61
CA SER A 1133 31.49 54.29 5.49
C SER A 1133 32.08 55.65 5.13
N ARG A 1134 31.27 56.49 4.48
CA ARG A 1134 31.74 57.79 4.02
C ARG A 1134 30.58 58.78 3.86
N VAL A 1135 30.84 60.04 4.19
CA VAL A 1135 29.87 61.10 3.97
C VAL A 1135 29.79 61.48 2.48
N VAL A 1136 28.75 60.99 1.82
CA VAL A 1136 28.57 61.22 0.39
C VAL A 1136 28.10 62.65 0.09
N SER A 1137 27.10 63.10 0.84
CA SER A 1137 26.60 64.48 0.76
C SER A 1137 26.00 64.85 -0.60
N TYR A 1138 25.57 66.11 -0.71
CA TYR A 1138 24.87 66.62 -1.90
C TYR A 1138 25.75 66.51 -3.14
N GLU A 1139 27.00 66.92 -3.00
CA GLU A 1139 27.93 67.07 -4.12
C GLU A 1139 28.19 65.78 -4.89
N GLU A 1140 28.56 64.72 -4.18
CA GLU A 1140 28.87 63.43 -4.81
C GLU A 1140 27.64 62.84 -5.48
N ILE A 1141 26.49 63.04 -4.85
CA ILE A 1141 25.23 62.53 -5.40
C ILE A 1141 24.82 63.26 -6.68
N VAL A 1142 24.99 64.59 -6.73
CA VAL A 1142 24.69 65.31 -7.97
C VAL A 1142 25.71 64.99 -9.08
N ARG A 1143 26.96 64.77 -8.67
CA ARG A 1143 28.02 64.41 -9.62
C ARG A 1143 27.76 63.06 -10.26
N ALA A 1144 27.32 62.08 -9.46
CA ALA A 1144 26.99 60.75 -9.98
C ALA A 1144 25.65 60.75 -10.72
N ALA A 1145 24.76 61.66 -10.35
CA ALA A 1145 23.47 61.78 -11.01
C ALA A 1145 23.65 62.33 -12.43
N LYS A 1146 24.56 63.29 -12.58
CA LYS A 1146 24.70 64.01 -13.84
C LYS A 1146 25.32 63.18 -14.98
N GLU A 1147 26.07 62.13 -14.65
CA GLU A 1147 26.70 61.29 -15.67
C GLU A 1147 25.90 60.01 -15.93
N ALA A 1148 24.99 59.71 -15.01
CA ALA A 1148 24.03 58.63 -15.20
C ALA A 1148 22.84 59.17 -15.98
N ASN A 1149 22.91 60.45 -16.32
CA ASN A 1149 21.88 61.17 -17.08
C ASN A 1149 20.50 61.16 -16.43
N ILE A 1150 20.45 60.76 -15.17
CA ILE A 1150 19.20 60.67 -14.44
C ILE A 1150 18.80 62.03 -13.89
N HIS A 1151 19.73 62.97 -13.95
CA HIS A 1151 19.52 64.29 -13.34
C HIS A 1151 18.34 65.04 -13.95
N GLN A 1152 17.97 64.63 -15.16
CA GLN A 1152 16.82 65.22 -15.84
C GLN A 1152 15.50 64.80 -15.19
N PHE A 1153 15.40 63.53 -14.85
CA PHE A 1153 14.17 62.95 -14.30
C PHE A 1153 13.93 63.37 -12.85
N ILE A 1154 14.98 63.92 -12.20
CA ILE A 1154 14.92 64.25 -10.79
C ILE A 1154 14.15 65.54 -10.48
N ASP A 1155 14.56 66.64 -11.12
CA ASP A 1155 13.91 67.93 -10.88
C ASP A 1155 12.50 67.96 -11.44
N SER A 1156 12.31 67.28 -12.57
CA SER A 1156 11.03 67.26 -13.28
C SER A 1156 9.89 66.73 -12.42
N LEU A 1157 10.20 65.72 -11.61
CA LEU A 1157 9.18 65.08 -10.77
C LEU A 1157 9.28 65.54 -9.31
N PRO A 1158 8.21 66.20 -8.82
CA PRO A 1158 8.12 66.65 -7.43
C PRO A 1158 8.10 65.48 -6.45
N ASP A 1159 9.04 65.47 -5.50
CA ASP A 1159 10.06 66.51 -5.43
C ASP A 1159 11.47 65.96 -5.63
N LYS A 1160 12.46 66.77 -5.30
CA LYS A 1160 13.86 66.42 -5.53
C LYS A 1160 14.50 65.57 -4.42
N TYR A 1161 14.84 64.34 -4.76
CA TYR A 1161 15.64 63.44 -3.93
C TYR A 1161 14.98 62.94 -2.64
N ASN A 1162 13.80 63.48 -2.32
CA ASN A 1162 13.11 63.12 -1.10
C ASN A 1162 12.04 62.06 -1.38
N THR A 1163 11.91 61.70 -2.65
CA THR A 1163 10.90 60.74 -3.08
C THR A 1163 11.30 59.30 -2.78
N ARG A 1164 10.30 58.49 -2.47
CA ARG A 1164 10.53 57.12 -2.02
C ARG A 1164 10.30 56.09 -3.13
N VAL A 1165 11.24 55.17 -3.27
CA VAL A 1165 11.13 54.10 -4.25
C VAL A 1165 11.38 52.73 -3.60
N GLY A 1166 10.46 51.80 -3.80
CA GLY A 1166 9.26 52.03 -4.57
C GLY A 1166 8.04 51.31 -4.00
N ASP A 1167 6.93 51.37 -4.73
CA ASP A 1167 5.66 50.76 -4.31
C ASP A 1167 5.04 51.39 -3.05
N LYS A 1168 5.86 52.07 -2.25
CA LYS A 1168 5.36 52.84 -1.12
C LYS A 1168 5.21 54.31 -1.51
N GLY A 1169 6.16 54.79 -2.32
CA GLY A 1169 6.08 56.13 -2.86
C GLY A 1169 5.43 56.09 -4.22
N THR A 1170 6.09 56.68 -5.21
CA THR A 1170 5.58 56.69 -6.57
C THR A 1170 6.19 55.52 -7.33
N GLN A 1171 5.38 54.90 -8.20
CA GLN A 1171 5.85 53.79 -9.01
C GLN A 1171 6.80 54.28 -10.12
N LEU A 1172 7.79 53.46 -10.45
CA LEU A 1172 8.73 53.78 -11.53
C LEU A 1172 8.79 52.68 -12.58
N SER A 1173 9.10 53.07 -13.82
CA SER A 1173 9.36 52.11 -14.88
C SER A 1173 10.74 51.49 -14.65
N GLY A 1174 10.97 50.31 -15.20
CA GLY A 1174 12.23 49.61 -15.03
C GLY A 1174 13.45 50.41 -15.47
N GLY A 1175 13.28 51.13 -16.57
CA GLY A 1175 14.36 51.94 -17.14
C GLY A 1175 14.93 52.96 -16.16
N GLN A 1176 14.05 53.77 -15.58
CA GLN A 1176 14.48 54.81 -14.65
C GLN A 1176 15.10 54.21 -13.39
N LYS A 1177 14.50 53.15 -12.88
CA LYS A 1177 14.96 52.48 -11.67
C LYS A 1177 16.37 51.92 -11.87
N GLN A 1178 16.60 51.36 -13.05
CA GLN A 1178 17.92 50.87 -13.43
C GLN A 1178 18.91 52.02 -13.63
N ARG A 1179 18.43 53.16 -14.11
CA ARG A 1179 19.27 54.36 -14.21
C ARG A 1179 19.78 54.78 -12.84
N ILE A 1180 18.87 54.78 -11.87
CA ILE A 1180 19.22 55.01 -10.48
C ILE A 1180 20.24 53.98 -10.04
N ALA A 1181 20.04 52.73 -10.46
CA ALA A 1181 20.92 51.63 -10.07
C ALA A 1181 22.35 51.81 -10.56
N ILE A 1182 22.49 52.30 -11.79
CA ILE A 1182 23.78 52.62 -12.37
C ILE A 1182 24.40 53.77 -11.59
N ALA A 1183 23.61 54.82 -11.36
CA ALA A 1183 24.07 55.97 -10.59
C ALA A 1183 24.55 55.54 -9.21
N ARG A 1184 24.02 54.41 -8.74
CA ARG A 1184 24.42 53.84 -7.46
C ARG A 1184 25.79 53.19 -7.56
N ALA A 1185 26.01 52.45 -8.64
CA ALA A 1185 27.27 51.73 -8.84
C ALA A 1185 28.34 52.64 -9.40
N LEU A 1186 27.99 53.92 -9.58
CA LEU A 1186 28.91 54.87 -10.16
C LEU A 1186 29.49 55.85 -9.13
N VAL A 1187 28.80 56.00 -8.00
CA VAL A 1187 29.24 56.91 -6.94
C VAL A 1187 30.61 56.52 -6.40
N ARG A 1188 30.79 55.25 -6.07
CA ARG A 1188 32.01 54.74 -5.45
C ARG A 1188 33.24 54.83 -6.36
N GLN A 1189 33.04 55.38 -7.56
CA GLN A 1189 34.07 55.44 -8.58
C GLN A 1189 34.73 54.07 -8.76
N PRO A 1190 33.96 53.09 -9.24
CA PRO A 1190 34.49 51.74 -9.32
C PRO A 1190 35.50 51.62 -10.44
N HIS A 1191 36.57 50.88 -10.21
CA HIS A 1191 37.53 50.63 -11.28
C HIS A 1191 37.14 49.38 -12.04
N ILE A 1192 36.12 48.68 -11.56
CA ILE A 1192 35.60 47.51 -12.26
C ILE A 1192 34.07 47.48 -12.30
N LEU A 1193 33.52 47.66 -13.49
CA LEU A 1193 32.09 47.51 -13.71
C LEU A 1193 31.76 46.07 -14.03
N LEU A 1194 30.64 45.58 -13.52
CA LEU A 1194 30.17 44.26 -13.87
C LEU A 1194 28.74 44.33 -14.40
N LEU A 1195 28.61 44.20 -15.73
CA LEU A 1195 27.30 44.26 -16.38
C LEU A 1195 26.80 42.86 -16.81
N ASP A 1196 25.82 42.34 -16.09
CA ASP A 1196 25.29 40.99 -16.30
C ASP A 1196 23.84 40.98 -16.78
N GLU A 1197 23.63 40.88 -18.09
CA GLU A 1197 22.30 40.93 -18.71
C GLU A 1197 21.54 42.15 -18.21
N ALA A 1198 22.11 43.32 -18.45
CA ALA A 1198 21.68 44.58 -17.86
C ALA A 1198 20.18 44.79 -17.98
N THR A 1199 19.71 44.97 -19.21
CA THR A 1199 18.31 45.18 -19.46
C THR A 1199 17.77 44.11 -20.41
N SER A 1200 16.85 43.29 -19.90
CA SER A 1200 16.18 42.28 -20.71
C SER A 1200 14.73 42.68 -20.99
N ALA A 1201 14.15 43.47 -20.09
CA ALA A 1201 12.75 43.84 -20.22
C ALA A 1201 12.53 45.29 -20.68
N LEU A 1202 13.61 45.94 -21.12
CA LEU A 1202 13.54 47.33 -21.57
C LEU A 1202 13.41 47.43 -23.08
N ASP A 1203 12.46 48.25 -23.54
CA ASP A 1203 12.18 48.39 -24.95
C ASP A 1203 12.16 49.85 -25.38
N THR A 1204 11.40 50.13 -26.44
CA THR A 1204 11.33 51.45 -27.08
C THR A 1204 12.65 52.23 -27.06
N GLU A 1205 12.57 53.54 -26.89
CA GLU A 1205 13.76 54.37 -26.84
C GLU A 1205 14.27 54.54 -25.40
N SER A 1206 13.84 53.65 -24.51
CA SER A 1206 14.26 53.68 -23.11
C SER A 1206 15.61 52.98 -22.94
N GLU A 1207 15.85 51.97 -23.75
CA GLU A 1207 17.11 51.22 -23.72
C GLU A 1207 18.22 52.03 -24.35
N LYS A 1208 17.85 53.06 -25.11
CA LYS A 1208 18.82 53.93 -25.77
C LYS A 1208 19.55 54.82 -24.76
N VAL A 1209 18.79 55.62 -24.03
CA VAL A 1209 19.36 56.52 -23.02
C VAL A 1209 20.11 55.75 -21.92
N VAL A 1210 19.68 54.52 -21.65
CA VAL A 1210 20.32 53.69 -20.64
C VAL A 1210 21.77 53.36 -21.02
N GLN A 1211 21.95 52.66 -22.13
CA GLN A 1211 23.28 52.30 -22.57
C GLN A 1211 24.07 53.54 -23.00
N GLU A 1212 23.37 54.61 -23.35
CA GLU A 1212 24.00 55.91 -23.65
C GLU A 1212 24.66 56.48 -22.39
N ALA A 1213 23.99 56.35 -21.25
CA ALA A 1213 24.56 56.73 -19.96
C ALA A 1213 25.63 55.73 -19.52
N LEU A 1214 25.53 54.49 -20.00
CA LEU A 1214 26.51 53.44 -19.71
C LEU A 1214 27.85 53.69 -20.40
N ASP A 1215 27.78 54.17 -21.64
CA ASP A 1215 28.97 54.35 -22.47
C ASP A 1215 29.93 55.45 -21.99
N LYS A 1216 29.40 56.48 -21.32
CA LYS A 1216 30.23 57.59 -20.86
C LYS A 1216 30.90 57.31 -19.52
N ALA A 1217 30.52 56.20 -18.90
CA ALA A 1217 31.10 55.79 -17.64
C ALA A 1217 31.91 54.51 -17.80
N ARG A 1218 31.88 53.95 -19.01
CA ARG A 1218 32.58 52.70 -19.30
C ARG A 1218 34.05 52.97 -19.58
N GLU A 1219 34.34 54.12 -20.16
CA GLU A 1219 35.71 54.49 -20.51
C GLU A 1219 36.59 54.73 -19.28
N GLY A 1220 37.84 54.30 -19.37
CA GLY A 1220 38.77 54.42 -18.25
C GLY A 1220 38.40 53.45 -17.15
N ARG A 1221 37.62 52.43 -17.50
CA ARG A 1221 37.14 51.45 -16.54
C ARG A 1221 37.15 50.04 -17.10
N THR A 1222 37.58 49.09 -16.27
CA THR A 1222 37.52 47.68 -16.61
C THR A 1222 36.07 47.21 -16.48
N CYS A 1223 35.49 46.77 -17.60
CA CYS A 1223 34.08 46.40 -17.63
C CYS A 1223 33.90 44.99 -18.20
N ILE A 1224 32.85 44.30 -17.78
CA ILE A 1224 32.51 43.00 -18.33
C ILE A 1224 31.01 42.94 -18.66
N VAL A 1225 30.67 42.85 -19.94
CA VAL A 1225 29.28 42.88 -20.35
C VAL A 1225 28.75 41.51 -20.81
N ILE A 1226 27.64 41.10 -20.23
CA ILE A 1226 26.92 39.93 -20.68
C ILE A 1226 25.58 40.38 -21.26
N ALA A 1227 25.29 40.01 -22.50
CA ALA A 1227 23.99 40.30 -23.10
C ALA A 1227 23.54 39.13 -23.95
N HIS A 1228 22.28 39.18 -24.40
CA HIS A 1228 21.79 38.23 -25.39
C HIS A 1228 21.48 39.03 -26.65
N ARG A 1229 21.64 40.34 -26.54
CA ARG A 1229 21.43 41.25 -27.65
C ARG A 1229 22.37 40.97 -28.81
N LEU A 1230 23.64 40.78 -28.49
CA LEU A 1230 24.68 40.48 -29.48
C LEU A 1230 24.86 41.62 -30.48
N SER A 1231 24.13 42.72 -30.26
CA SER A 1231 24.15 43.87 -31.16
C SER A 1231 25.09 44.94 -30.63
N THR A 1232 25.24 44.97 -29.32
CA THR A 1232 26.14 45.92 -28.67
C THR A 1232 27.38 45.21 -28.16
N ILE A 1233 27.69 44.07 -28.77
CA ILE A 1233 28.87 43.29 -28.42
C ILE A 1233 29.91 43.41 -29.55
N GLN A 1234 29.43 43.79 -30.73
CA GLN A 1234 30.29 44.03 -31.89
C GLN A 1234 31.30 45.15 -31.63
N ASN A 1235 30.99 46.00 -30.65
CA ASN A 1235 31.87 47.10 -30.27
C ASN A 1235 32.61 46.85 -28.96
N ALA A 1236 32.51 45.62 -28.44
CA ALA A 1236 33.24 45.21 -27.25
C ALA A 1236 34.69 44.94 -27.61
N ASP A 1237 35.61 45.22 -26.68
CA ASP A 1237 37.03 44.98 -26.90
C ASP A 1237 37.34 43.50 -27.10
N LEU A 1238 36.97 42.68 -26.12
CA LEU A 1238 37.16 41.25 -26.23
C LEU A 1238 35.84 40.53 -26.14
N ILE A 1239 35.65 39.53 -26.99
CA ILE A 1239 34.44 38.72 -26.99
C ILE A 1239 34.82 37.28 -26.72
N VAL A 1240 34.30 36.72 -25.63
CA VAL A 1240 34.61 35.34 -25.27
C VAL A 1240 33.39 34.42 -25.42
N VAL A 1241 33.50 33.47 -26.35
CA VAL A 1241 32.46 32.47 -26.55
C VAL A 1241 32.72 31.28 -25.63
N ILE A 1242 31.95 31.20 -24.56
CA ILE A 1242 32.05 30.12 -23.61
C ILE A 1242 30.96 29.10 -23.88
N GLN A 1243 31.34 27.82 -23.94
CA GLN A 1243 30.37 26.75 -24.07
C GLN A 1243 30.77 25.58 -23.20
N ASN A 1244 29.80 24.73 -22.87
CA ASN A 1244 29.99 23.65 -21.92
C ASN A 1244 30.52 24.20 -20.60
N GLY A 1245 31.81 24.00 -20.36
CA GLY A 1245 32.46 24.51 -19.17
C GLY A 1245 33.78 25.18 -19.48
N LYS A 1246 34.00 25.50 -20.75
CA LYS A 1246 35.25 26.12 -21.17
C LYS A 1246 35.03 27.21 -22.22
N VAL A 1247 36.14 27.69 -22.77
CA VAL A 1247 36.11 28.66 -23.86
C VAL A 1247 36.59 27.97 -25.11
N LYS A 1248 35.79 27.99 -26.16
CA LYS A 1248 36.19 27.36 -27.43
C LYS A 1248 36.42 28.39 -28.54
N GLU A 1249 36.04 29.64 -28.29
CA GLU A 1249 36.28 30.70 -29.26
C GLU A 1249 36.74 31.99 -28.57
N HIS A 1250 37.63 32.72 -29.23
CA HIS A 1250 38.26 33.88 -28.61
C HIS A 1250 38.76 34.90 -29.63
N GLY A 1251 38.71 36.18 -29.26
CA GLY A 1251 39.11 37.27 -30.14
C GLY A 1251 38.07 38.38 -30.19
N THR A 1252 38.01 39.11 -31.30
CA THR A 1252 37.02 40.17 -31.49
C THR A 1252 35.80 39.69 -32.26
N HIS A 1253 34.98 40.64 -32.72
CA HIS A 1253 33.74 40.29 -33.42
C HIS A 1253 33.97 39.73 -34.83
N GLN A 1254 34.58 40.54 -35.69
CA GLN A 1254 34.83 40.15 -37.08
C GLN A 1254 35.72 38.91 -37.21
N GLN A 1255 36.61 38.73 -36.24
CA GLN A 1255 37.52 37.59 -36.22
C GLN A 1255 36.78 36.29 -35.96
N LEU A 1256 35.99 36.26 -34.88
CA LEU A 1256 35.18 35.09 -34.55
C LEU A 1256 34.13 34.85 -35.63
N LEU A 1257 33.70 35.93 -36.27
CA LEU A 1257 32.69 35.85 -37.32
C LEU A 1257 33.27 35.14 -38.55
N ALA A 1258 34.49 35.51 -38.92
CA ALA A 1258 35.16 34.89 -40.07
C ALA A 1258 35.68 33.50 -39.74
N GLN A 1259 35.55 33.09 -38.49
CA GLN A 1259 36.02 31.78 -38.04
C GLN A 1259 34.95 30.71 -38.36
N LYS A 1260 33.74 31.17 -38.59
CA LYS A 1260 32.63 30.28 -38.97
C LYS A 1260 32.39 29.12 -38.00
N GLY A 1261 32.72 29.33 -36.73
CA GLY A 1261 32.52 28.31 -35.71
C GLY A 1261 31.11 28.32 -35.16
N ILE A 1262 30.97 28.49 -33.84
CA ILE A 1262 29.66 28.56 -33.22
C ILE A 1262 29.22 30.01 -33.08
N TYR A 1263 30.18 30.92 -33.11
CA TYR A 1263 29.88 32.34 -33.06
C TYR A 1263 29.22 32.77 -34.37
N PHE A 1264 29.61 32.14 -35.47
CA PHE A 1264 28.98 32.35 -36.77
C PHE A 1264 27.53 31.88 -36.75
N SER A 1265 27.27 30.75 -36.09
CA SER A 1265 25.93 30.16 -36.06
C SER A 1265 25.01 30.86 -35.07
N MET A 1266 25.60 31.51 -34.08
CA MET A 1266 24.85 32.21 -33.05
C MET A 1266 24.48 33.63 -33.46
N VAL A 1267 25.33 34.26 -34.27
CA VAL A 1267 25.06 35.64 -34.67
C VAL A 1267 24.27 35.64 -35.97
N SER A 1268 23.85 34.46 -36.43
CA SER A 1268 23.09 34.32 -37.68
C SER A 1268 21.59 34.46 -37.48
N VAL A 1269 21.16 34.33 -36.22
CA VAL A 1269 19.75 34.39 -35.87
C VAL A 1269 19.34 35.83 -35.53
N GLN A 1270 20.09 36.79 -36.04
CA GLN A 1270 19.81 38.21 -35.81
C GLN A 1270 18.92 38.80 -36.89
N ALA A 1271 18.53 37.96 -37.86
CA ALA A 1271 17.67 38.40 -38.94
C ALA A 1271 16.23 37.98 -38.71
N PRO B 31 0.63 -29.04 -29.23
CA PRO B 31 1.16 -27.85 -28.57
C PRO B 31 2.05 -27.05 -29.52
N ALA B 32 2.70 -26.01 -28.99
CA ALA B 32 3.72 -25.24 -29.71
C ALA B 32 3.23 -24.51 -30.96
N VAL B 33 3.32 -23.18 -30.93
CA VAL B 33 2.93 -22.36 -32.07
C VAL B 33 4.08 -22.29 -33.06
N SER B 34 4.76 -21.14 -33.04
CA SER B 34 5.91 -20.89 -33.88
C SER B 34 6.70 -19.76 -33.25
N VAL B 35 7.87 -19.46 -33.79
CA VAL B 35 8.75 -18.48 -33.18
C VAL B 35 8.24 -17.04 -33.37
N LEU B 36 8.04 -16.67 -34.64
CA LEU B 36 7.55 -15.33 -34.96
C LEU B 36 6.23 -15.01 -34.27
N THR B 37 5.34 -15.99 -34.20
CA THR B 37 4.03 -15.81 -33.59
C THR B 37 4.16 -15.49 -32.11
N MET B 38 5.09 -16.15 -31.45
CA MET B 38 5.32 -15.89 -30.03
C MET B 38 5.97 -14.54 -29.85
N PHE B 39 6.78 -14.11 -30.81
CA PHE B 39 7.37 -12.78 -30.67
C PHE B 39 6.53 -11.68 -31.33
N ARG B 40 5.28 -12.01 -31.67
CA ARG B 40 4.37 -11.06 -32.30
C ARG B 40 4.17 -9.78 -31.49
N TYR B 41 4.13 -9.90 -30.16
CA TYR B 41 3.83 -8.75 -29.32
C TYR B 41 5.04 -7.87 -29.02
N ALA B 42 6.10 -8.01 -29.81
CA ALA B 42 7.29 -7.18 -29.63
C ALA B 42 7.36 -6.03 -30.64
N GLY B 43 7.51 -4.82 -30.13
CA GLY B 43 7.64 -3.64 -30.96
C GLY B 43 9.06 -3.48 -31.47
N TRP B 44 9.40 -2.27 -31.92
CA TRP B 44 10.70 -2.03 -32.51
C TRP B 44 11.77 -1.91 -31.43
N LEU B 45 11.43 -1.27 -30.32
CA LEU B 45 12.37 -1.07 -29.24
C LEU B 45 12.67 -2.42 -28.61
N ASP B 46 11.69 -3.32 -28.64
CA ASP B 46 11.88 -4.67 -28.11
C ASP B 46 12.91 -5.42 -28.96
N ARG B 47 12.75 -5.34 -30.27
CA ARG B 47 13.67 -5.97 -31.20
C ARG B 47 15.07 -5.38 -31.02
N LEU B 48 15.13 -4.08 -30.76
CA LEU B 48 16.40 -3.43 -30.48
C LEU B 48 17.04 -4.02 -29.22
N TYR B 49 16.25 -4.13 -28.15
CA TYR B 49 16.76 -4.67 -26.90
C TYR B 49 17.23 -6.11 -27.05
N MET B 50 16.61 -6.85 -27.95
CA MET B 50 16.99 -8.25 -28.17
C MET B 50 18.24 -8.38 -29.02
N LEU B 51 18.35 -7.53 -30.03
CA LEU B 51 19.53 -7.50 -30.88
C LEU B 51 20.76 -7.06 -30.11
N VAL B 52 20.58 -6.08 -29.21
CA VAL B 52 21.69 -5.63 -28.37
C VAL B 52 22.02 -6.67 -27.30
N GLY B 53 20.99 -7.22 -26.67
CA GLY B 53 21.19 -8.21 -25.64
C GLY B 53 21.93 -9.42 -26.17
N THR B 54 21.56 -9.83 -27.37
CA THR B 54 22.17 -11.00 -28.03
C THR B 54 23.58 -10.67 -28.51
N LEU B 55 23.74 -9.50 -29.11
CA LEU B 55 25.05 -9.05 -29.58
C LEU B 55 26.06 -9.05 -28.42
N ALA B 56 25.60 -8.69 -27.23
CA ALA B 56 26.47 -8.76 -26.05
C ALA B 56 26.60 -10.20 -25.55
N ALA B 57 25.53 -10.97 -25.71
CA ALA B 57 25.52 -12.38 -25.31
C ALA B 57 26.60 -13.18 -26.05
N ILE B 58 26.84 -12.83 -27.30
CA ILE B 58 27.89 -13.48 -28.07
C ILE B 58 29.26 -13.17 -27.48
N ILE B 59 29.54 -11.89 -27.28
CA ILE B 59 30.81 -11.44 -26.71
C ILE B 59 31.11 -12.15 -25.40
N HIS B 60 30.12 -12.18 -24.53
CA HIS B 60 30.25 -12.89 -23.27
C HIS B 60 30.46 -14.38 -23.52
N GLY B 61 29.89 -14.88 -24.61
CA GLY B 61 30.04 -16.28 -24.95
C GLY B 61 31.48 -16.62 -25.27
N VAL B 62 32.06 -15.87 -26.19
CA VAL B 62 33.43 -16.08 -26.65
C VAL B 62 34.45 -15.52 -25.68
N ALA B 63 33.97 -14.95 -24.58
CA ALA B 63 34.86 -14.43 -23.54
C ALA B 63 35.71 -15.52 -22.88
N LEU B 64 35.16 -16.73 -22.81
CA LEU B 64 35.82 -17.83 -22.12
C LEU B 64 36.94 -18.54 -22.90
N PRO B 65 36.71 -18.87 -24.19
CA PRO B 65 37.83 -19.48 -24.91
C PRO B 65 39.01 -18.52 -25.00
N LEU B 66 38.72 -17.24 -25.17
CA LEU B 66 39.76 -16.22 -25.16
C LEU B 66 40.48 -16.19 -23.82
N MET B 67 39.80 -16.66 -22.78
CA MET B 67 40.46 -16.82 -21.49
C MET B 67 41.36 -18.05 -21.54
N MET B 68 40.97 -19.05 -22.33
CA MET B 68 41.79 -20.26 -22.44
C MET B 68 43.04 -19.99 -23.28
N LEU B 69 42.88 -19.16 -24.31
CA LEU B 69 43.97 -18.85 -25.22
C LEU B 69 45.17 -18.24 -24.50
N ILE B 70 44.90 -17.19 -23.72
CA ILE B 70 45.97 -16.51 -22.99
C ILE B 70 46.47 -17.36 -21.84
N PHE B 71 45.72 -18.37 -21.48
CA PHE B 71 46.16 -19.29 -20.44
C PHE B 71 47.29 -20.16 -20.95
N GLY B 72 47.16 -20.60 -22.20
CA GLY B 72 48.19 -21.39 -22.83
C GLY B 72 49.42 -20.55 -23.14
N ASP B 73 49.18 -19.31 -23.57
CA ASP B 73 50.27 -18.38 -23.82
C ASP B 73 51.03 -18.11 -22.53
N MET B 74 50.32 -18.25 -21.40
CA MET B 74 50.95 -18.08 -20.11
C MET B 74 51.88 -19.24 -19.78
N THR B 75 51.35 -20.45 -19.84
CA THR B 75 52.12 -21.63 -19.46
C THR B 75 53.39 -21.83 -20.30
N ASP B 76 53.32 -21.43 -21.57
CA ASP B 76 54.49 -21.55 -22.45
C ASP B 76 55.63 -20.69 -21.90
N SER B 77 55.27 -19.65 -21.17
CA SER B 77 56.24 -18.75 -20.56
C SER B 77 56.87 -19.37 -19.31
N PHE B 78 56.13 -20.24 -18.64
CA PHE B 78 56.68 -20.95 -17.50
C PHE B 78 57.49 -22.17 -17.93
N ALA B 79 57.14 -22.72 -19.09
CA ALA B 79 57.84 -23.88 -19.61
C ALA B 79 59.17 -23.49 -20.23
N SER B 80 59.19 -22.34 -20.89
CA SER B 80 60.42 -21.82 -21.48
C SER B 80 61.42 -21.50 -20.39
N VAL B 81 60.92 -21.15 -19.21
CA VAL B 81 61.75 -20.70 -18.10
C VAL B 81 62.12 -21.85 -17.15
N GLY B 82 61.25 -22.85 -17.07
CA GLY B 82 61.49 -23.99 -16.19
C GLY B 82 62.61 -24.91 -16.62
N GLN B 83 62.72 -25.14 -17.93
CA GLN B 83 63.71 -26.07 -18.48
C GLN B 83 65.13 -25.49 -18.46
N VAL B 84 65.21 -24.15 -18.48
CA VAL B 84 66.48 -23.44 -18.43
C VAL B 84 67.15 -23.58 -17.07
N SER B 85 66.40 -23.26 -16.02
CA SER B 85 66.91 -23.22 -14.65
C SER B 85 67.41 -24.57 -14.16
N LYS B 86 66.83 -25.65 -14.68
CA LYS B 86 67.18 -26.99 -14.25
C LYS B 86 68.41 -27.56 -14.95
N GLN B 87 68.39 -27.58 -16.28
CA GLN B 87 69.45 -28.20 -17.07
C GLN B 87 70.78 -27.47 -16.95
N SER B 88 71.78 -28.16 -16.41
CA SER B 88 73.13 -27.62 -16.22
C SER B 88 73.12 -26.27 -15.49
N THR B 89 74.16 -25.48 -15.72
CA THR B 89 74.31 -24.21 -15.05
C THR B 89 74.89 -23.17 -16.01
N GLN B 90 74.28 -21.98 -16.02
CA GLN B 90 74.66 -20.93 -16.94
C GLN B 90 75.21 -19.72 -16.18
N MET B 91 74.34 -19.07 -15.40
CA MET B 91 74.71 -17.90 -14.62
C MET B 91 73.98 -17.92 -13.29
N SER B 92 74.73 -17.96 -12.19
CA SER B 92 74.14 -18.01 -10.85
C SER B 92 73.60 -16.66 -10.40
N GLU B 93 74.32 -15.61 -10.76
CA GLU B 93 74.00 -14.25 -10.32
C GLU B 93 73.11 -13.54 -11.34
N ALA B 94 72.96 -14.14 -12.52
CA ALA B 94 72.11 -13.57 -13.56
C ALA B 94 70.83 -14.38 -13.76
N ASP B 95 70.25 -14.80 -12.64
CA ASP B 95 68.95 -15.43 -12.61
C ASP B 95 67.88 -14.35 -12.60
N LYS B 96 68.16 -13.30 -11.83
CA LYS B 96 67.24 -12.15 -11.70
C LYS B 96 66.91 -11.46 -13.03
N ARG B 97 67.65 -11.80 -14.09
CA ARG B 97 67.41 -11.23 -15.42
C ARG B 97 66.64 -12.18 -16.32
N ALA B 98 66.65 -13.47 -15.99
CA ALA B 98 66.00 -14.48 -16.80
C ALA B 98 64.74 -15.04 -16.14
N MET B 99 64.56 -14.73 -14.86
CA MET B 99 63.39 -15.19 -14.10
C MET B 99 62.50 -14.03 -13.70
N PHE B 100 63.01 -13.20 -12.78
CA PHE B 100 62.29 -12.02 -12.31
C PHE B 100 61.91 -11.10 -13.46
N ALA B 101 62.91 -10.63 -14.20
CA ALA B 101 62.70 -9.62 -15.24
C ALA B 101 62.04 -10.16 -16.49
N LYS B 102 61.91 -11.48 -16.57
CA LYS B 102 61.23 -12.14 -17.68
C LYS B 102 59.73 -12.25 -17.41
N LEU B 103 59.38 -12.74 -16.22
CA LEU B 103 57.98 -12.99 -15.88
C LEU B 103 57.29 -11.76 -15.31
N GLU B 104 58.06 -10.78 -14.84
CA GLU B 104 57.47 -9.48 -14.55
C GLU B 104 56.99 -8.93 -15.90
N GLU B 105 57.89 -8.96 -16.88
CA GLU B 105 57.62 -8.52 -18.26
C GLU B 105 56.44 -9.25 -18.89
N GLU B 106 56.29 -10.53 -18.55
CA GLU B 106 55.19 -11.34 -19.09
C GLU B 106 53.86 -11.14 -18.34
N MET B 107 53.91 -10.91 -17.04
CA MET B 107 52.69 -10.74 -16.25
C MET B 107 52.11 -9.34 -16.33
N THR B 108 52.97 -8.36 -16.59
CA THR B 108 52.51 -6.99 -16.83
C THR B 108 51.62 -6.94 -18.08
N THR B 109 51.60 -8.01 -18.85
CA THR B 109 50.73 -8.13 -20.01
C THR B 109 49.63 -9.16 -19.78
N TYR B 110 50.00 -10.32 -19.25
CA TYR B 110 49.03 -11.39 -19.03
C TYR B 110 47.95 -11.00 -18.01
N ALA B 111 48.35 -10.34 -16.93
CA ALA B 111 47.40 -9.88 -15.93
C ALA B 111 46.38 -8.94 -16.56
N TYR B 112 46.86 -8.00 -17.38
CA TYR B 112 45.98 -7.04 -18.04
C TYR B 112 45.08 -7.71 -19.07
N TYR B 113 45.55 -8.80 -19.67
CA TYR B 113 44.70 -9.53 -20.59
C TYR B 113 43.56 -10.18 -19.81
N TYR B 114 43.89 -11.00 -18.82
CA TYR B 114 42.90 -11.63 -17.94
C TYR B 114 41.88 -10.62 -17.41
N THR B 115 42.40 -9.65 -16.67
CA THR B 115 41.60 -8.63 -16.01
C THR B 115 40.77 -7.81 -16.99
N GLY B 116 41.38 -7.48 -18.13
CA GLY B 116 40.67 -6.79 -19.20
C GLY B 116 39.46 -7.58 -19.66
N ILE B 117 39.67 -8.86 -19.94
CA ILE B 117 38.59 -9.76 -20.33
C ILE B 117 37.46 -9.75 -19.31
N GLY B 118 37.79 -9.92 -18.03
CA GLY B 118 36.76 -9.92 -16.99
C GLY B 118 35.98 -8.63 -16.93
N ALA B 119 36.73 -7.53 -16.94
CA ALA B 119 36.15 -6.20 -16.98
C ALA B 119 35.13 -6.06 -18.12
N GLY B 120 35.49 -6.55 -19.30
CA GLY B 120 34.56 -6.53 -20.42
C GLY B 120 33.38 -7.43 -20.13
N VAL B 121 33.67 -8.54 -19.44
CA VAL B 121 32.68 -9.57 -19.14
C VAL B 121 31.51 -9.02 -18.35
N LEU B 122 31.79 -8.26 -17.29
CA LEU B 122 30.68 -7.69 -16.51
C LEU B 122 29.80 -6.77 -17.37
N ILE B 123 30.43 -5.98 -18.23
CA ILE B 123 29.72 -5.10 -19.15
C ILE B 123 28.77 -5.87 -20.07
N VAL B 124 29.33 -6.78 -20.87
CA VAL B 124 28.51 -7.51 -21.84
C VAL B 124 27.47 -8.44 -21.22
N ALA B 125 27.84 -9.06 -20.10
CA ALA B 125 26.90 -9.92 -19.38
C ALA B 125 25.73 -9.09 -18.92
N TYR B 126 26.03 -7.95 -18.30
CA TYR B 126 25.01 -7.00 -17.88
C TYR B 126 24.09 -6.65 -19.03
N ILE B 127 24.64 -6.16 -20.13
CA ILE B 127 23.81 -5.83 -21.28
C ILE B 127 22.88 -6.98 -21.68
N GLN B 128 23.47 -8.18 -21.76
CA GLN B 128 22.72 -9.40 -22.08
C GLN B 128 21.48 -9.60 -21.20
N VAL B 129 21.71 -9.93 -19.93
CA VAL B 129 20.60 -10.25 -19.02
C VAL B 129 19.65 -9.07 -18.82
N SER B 130 20.22 -7.88 -18.62
CA SER B 130 19.45 -6.65 -18.49
C SER B 130 18.45 -6.49 -19.63
N PHE B 131 18.95 -6.32 -20.86
CA PHE B 131 18.07 -6.09 -22.00
C PHE B 131 17.12 -7.23 -22.31
N TRP B 132 17.55 -8.46 -22.07
CA TRP B 132 16.65 -9.59 -22.33
C TRP B 132 15.47 -9.65 -21.36
N CYS B 133 15.76 -9.62 -20.06
CA CYS B 133 14.70 -9.60 -19.07
C CYS B 133 13.84 -8.35 -19.24
N LEU B 134 14.47 -7.27 -19.70
CA LEU B 134 13.78 -6.01 -19.98
C LEU B 134 12.72 -6.13 -21.08
N ALA B 135 13.13 -6.49 -22.29
CA ALA B 135 12.18 -6.61 -23.39
C ALA B 135 11.18 -7.74 -23.15
N ALA B 136 11.60 -8.79 -22.44
CA ALA B 136 10.68 -9.88 -22.09
C ALA B 136 9.57 -9.39 -21.16
N GLY B 137 9.95 -8.64 -20.14
CA GLY B 137 9.00 -8.02 -19.25
C GLY B 137 8.04 -7.12 -20.02
N ARG B 138 8.60 -6.13 -20.71
CA ARG B 138 7.81 -5.19 -21.51
C ARG B 138 6.86 -5.88 -22.52
N GLN B 139 7.18 -7.11 -22.90
CA GLN B 139 6.27 -7.87 -23.77
C GLN B 139 5.17 -8.54 -22.99
N ILE B 140 5.57 -9.26 -21.94
CA ILE B 140 4.62 -9.97 -21.09
C ILE B 140 3.55 -9.03 -20.56
N HIS B 141 3.96 -7.80 -20.23
CA HIS B 141 3.03 -6.76 -19.80
C HIS B 141 1.86 -6.58 -20.76
N LYS B 142 2.15 -6.53 -22.07
CA LYS B 142 1.11 -6.41 -23.07
C LYS B 142 0.32 -7.71 -23.13
N ILE B 143 1.04 -8.83 -23.09
CA ILE B 143 0.40 -10.13 -23.20
C ILE B 143 -0.67 -10.43 -22.14
N ARG B 144 -0.39 -10.14 -20.88
CA ARG B 144 -1.37 -10.41 -19.82
C ARG B 144 -2.59 -9.51 -19.94
N GLN B 145 -2.37 -8.24 -20.29
CA GLN B 145 -3.47 -7.31 -20.53
C GLN B 145 -4.38 -7.85 -21.62
N LYS B 146 -3.80 -8.20 -22.76
CA LYS B 146 -4.61 -8.65 -23.88
C LYS B 146 -5.23 -10.04 -23.65
N PHE B 147 -4.59 -10.84 -22.80
CA PHE B 147 -5.14 -12.12 -22.41
C PHE B 147 -6.40 -11.93 -21.58
N PHE B 148 -6.33 -11.01 -20.63
CA PHE B 148 -7.47 -10.71 -19.77
C PHE B 148 -8.64 -10.13 -20.57
N HIS B 149 -8.34 -9.09 -21.36
CA HIS B 149 -9.30 -8.51 -22.28
C HIS B 149 -9.97 -9.60 -23.13
N ALA B 150 -9.16 -10.51 -23.64
CA ALA B 150 -9.67 -11.61 -24.46
C ALA B 150 -10.63 -12.50 -23.69
N ILE B 151 -10.25 -12.88 -22.47
CA ILE B 151 -11.10 -13.69 -21.62
C ILE B 151 -12.46 -13.03 -21.45
N MET B 152 -12.45 -11.74 -21.13
CA MET B 152 -13.71 -11.03 -20.91
C MET B 152 -14.51 -10.88 -22.19
N ASN B 153 -13.83 -10.86 -23.33
CA ASN B 153 -14.51 -10.73 -24.60
C ASN B 153 -15.27 -12.00 -24.99
N GLN B 154 -14.88 -13.13 -24.42
CA GLN B 154 -15.48 -14.42 -24.72
C GLN B 154 -16.90 -14.53 -24.17
N GLU B 155 -17.80 -15.11 -24.97
CA GLU B 155 -19.19 -15.26 -24.56
C GLU B 155 -19.37 -16.43 -23.61
N ILE B 156 -20.52 -16.48 -22.95
CA ILE B 156 -20.77 -17.48 -21.91
C ILE B 156 -20.79 -18.93 -22.40
N GLY B 157 -21.06 -19.11 -23.68
CA GLY B 157 -21.08 -20.43 -24.29
C GLY B 157 -19.67 -21.00 -24.30
N TRP B 158 -18.71 -20.10 -24.41
CA TRP B 158 -17.30 -20.42 -24.38
C TRP B 158 -16.93 -20.80 -22.94
N PHE B 159 -17.54 -20.11 -21.98
CA PHE B 159 -17.35 -20.42 -20.56
C PHE B 159 -18.00 -21.74 -20.20
N ASP B 160 -18.94 -22.20 -21.01
CA ASP B 160 -19.64 -23.44 -20.73
C ASP B 160 -18.75 -24.64 -21.02
N VAL B 161 -18.13 -24.64 -22.21
CA VAL B 161 -17.26 -25.72 -22.61
C VAL B 161 -15.93 -25.70 -21.86
N HIS B 162 -15.66 -24.60 -21.15
CA HIS B 162 -14.37 -24.38 -20.50
C HIS B 162 -14.43 -24.25 -18.99
N ASP B 163 -13.50 -24.93 -18.31
CA ASP B 163 -13.37 -24.79 -16.87
C ASP B 163 -12.71 -23.46 -16.53
N VAL B 164 -13.33 -22.70 -15.62
CA VAL B 164 -12.81 -21.39 -15.25
C VAL B 164 -11.64 -21.52 -14.27
N GLY B 165 -11.77 -22.48 -13.35
CA GLY B 165 -10.74 -22.73 -12.35
C GLY B 165 -9.38 -22.98 -12.98
N GLU B 166 -9.38 -23.54 -14.19
CA GLU B 166 -8.13 -23.72 -14.91
C GLU B 166 -7.80 -22.45 -15.68
N LEU B 167 -8.84 -21.70 -16.03
CA LEU B 167 -8.66 -20.50 -16.84
C LEU B 167 -7.86 -19.42 -16.11
N ASN B 168 -8.22 -19.10 -14.87
CA ASN B 168 -7.45 -18.07 -14.15
C ASN B 168 -6.01 -18.52 -13.87
N THR B 169 -5.86 -19.79 -13.54
CA THR B 169 -4.55 -20.39 -13.32
C THR B 169 -3.72 -20.37 -14.59
N ARG B 170 -4.38 -20.34 -15.74
CA ARG B 170 -3.70 -20.12 -17.01
C ARG B 170 -3.26 -18.66 -17.10
N LEU B 171 -4.19 -17.75 -16.81
CA LEU B 171 -3.88 -16.31 -16.80
C LEU B 171 -2.69 -15.96 -15.90
N THR B 172 -2.41 -16.79 -14.90
CA THR B 172 -1.21 -16.55 -14.08
C THR B 172 -0.03 -17.43 -14.49
N ASP B 173 -0.17 -18.74 -14.30
CA ASP B 173 0.92 -19.69 -14.60
C ASP B 173 1.39 -19.72 -16.06
N ASP B 174 0.47 -19.78 -17.02
CA ASP B 174 0.90 -19.89 -18.42
C ASP B 174 1.60 -18.62 -18.90
N VAL B 175 1.09 -17.47 -18.48
CA VAL B 175 1.73 -16.20 -18.76
C VAL B 175 3.12 -16.16 -18.13
N SER B 176 3.20 -16.56 -16.87
CA SER B 176 4.49 -16.60 -16.17
C SER B 176 5.40 -17.70 -16.74
N LYS B 177 4.86 -18.53 -17.63
CA LYS B 177 5.62 -19.60 -18.26
C LYS B 177 6.07 -19.20 -19.66
N ILE B 178 5.42 -18.17 -20.20
CA ILE B 178 5.89 -17.56 -21.43
C ILE B 178 7.02 -16.62 -21.07
N ASN B 179 6.82 -15.84 -20.00
CA ASN B 179 7.81 -14.89 -19.52
C ASN B 179 9.22 -15.47 -19.51
N GLU B 180 9.43 -16.46 -18.66
CA GLU B 180 10.63 -17.26 -18.76
C GLU B 180 10.52 -18.00 -20.10
N GLY B 181 11.59 -17.96 -20.89
CA GLY B 181 11.57 -18.55 -22.21
C GLY B 181 11.78 -17.51 -23.29
N ILE B 182 11.47 -16.26 -22.97
CA ILE B 182 11.69 -15.16 -23.88
C ILE B 182 12.49 -14.08 -23.17
N GLY B 183 13.05 -14.45 -22.04
CA GLY B 183 13.85 -13.54 -21.24
C GLY B 183 15.33 -13.84 -21.31
N ASP B 184 15.99 -13.67 -20.16
CA ASP B 184 17.43 -13.85 -20.04
C ASP B 184 17.90 -15.23 -20.49
N LYS B 185 16.99 -16.20 -20.38
CA LYS B 185 17.32 -17.59 -20.67
C LYS B 185 17.97 -17.74 -22.05
N ILE B 186 17.37 -17.15 -23.06
CA ILE B 186 17.92 -17.29 -24.40
C ILE B 186 19.13 -16.43 -24.62
N GLY B 187 19.28 -15.40 -23.80
CA GLY B 187 20.53 -14.67 -23.76
C GLY B 187 21.64 -15.64 -23.39
N MET B 188 21.34 -16.52 -22.43
CA MET B 188 22.31 -17.52 -21.99
C MET B 188 22.48 -18.65 -23.00
N PHE B 189 21.43 -18.87 -23.80
CA PHE B 189 21.51 -19.84 -24.89
C PHE B 189 22.48 -19.36 -25.96
N PHE B 190 22.37 -18.09 -26.33
CA PHE B 190 23.30 -17.50 -27.28
C PHE B 190 24.71 -17.41 -26.72
N GLN B 191 24.81 -17.12 -25.43
CA GLN B 191 26.11 -17.12 -24.75
C GLN B 191 26.77 -18.48 -24.90
N ALA B 192 26.03 -19.53 -24.56
CA ALA B 192 26.55 -20.89 -24.66
C ALA B 192 26.93 -21.26 -26.10
N MET B 193 26.14 -20.78 -27.05
CA MET B 193 26.46 -21.04 -28.46
C MET B 193 27.75 -20.37 -28.92
N ALA B 194 27.94 -19.12 -28.47
CA ALA B 194 29.18 -18.39 -28.75
C ALA B 194 30.36 -19.04 -28.04
N THR B 195 30.08 -19.79 -26.98
CA THR B 195 31.11 -20.55 -26.27
C THR B 195 31.45 -21.86 -26.99
N PHE B 196 30.46 -22.43 -27.67
CA PHE B 196 30.69 -23.61 -28.49
C PHE B 196 31.50 -23.26 -29.73
N PHE B 197 30.93 -22.36 -30.54
CA PHE B 197 31.61 -21.90 -31.75
C PHE B 197 32.93 -21.23 -31.46
N GLY B 198 32.96 -20.37 -30.43
CA GLY B 198 34.20 -19.76 -30.03
C GLY B 198 35.21 -20.80 -29.62
N GLY B 199 34.81 -21.72 -28.75
CA GLY B 199 35.71 -22.73 -28.23
C GLY B 199 36.34 -23.56 -29.33
N PHE B 200 35.52 -23.96 -30.29
CA PHE B 200 36.03 -24.77 -31.39
C PHE B 200 36.76 -23.96 -32.46
N ILE B 201 36.44 -22.67 -32.57
CA ILE B 201 37.18 -21.79 -33.49
C ILE B 201 38.59 -21.60 -32.97
N ILE B 202 38.71 -21.17 -31.71
CA ILE B 202 40.02 -21.02 -31.08
C ILE B 202 40.81 -22.34 -31.08
N GLY B 203 40.13 -23.41 -30.68
CA GLY B 203 40.74 -24.73 -30.71
C GLY B 203 41.28 -25.09 -32.07
N PHE B 204 40.50 -24.89 -33.12
CA PHE B 204 40.95 -25.23 -34.46
C PHE B 204 42.03 -24.28 -35.00
N THR B 205 42.05 -23.05 -34.48
CA THR B 205 42.97 -22.04 -35.00
C THR B 205 44.30 -22.01 -34.27
N ARG B 206 44.37 -22.64 -33.11
CA ARG B 206 45.64 -22.77 -32.41
C ARG B 206 46.22 -24.17 -32.55
N GLY B 207 45.33 -25.17 -32.58
CA GLY B 207 45.74 -26.56 -32.67
C GLY B 207 44.98 -27.33 -33.73
N TRP B 208 45.62 -27.50 -34.88
CA TRP B 208 45.03 -28.19 -36.03
C TRP B 208 44.48 -29.58 -35.69
N LYS B 209 45.36 -30.49 -35.30
CA LYS B 209 45.03 -31.89 -35.12
C LYS B 209 44.26 -32.20 -33.83
N LEU B 210 44.62 -31.52 -32.74
CA LEU B 210 44.11 -31.90 -31.42
C LEU B 210 42.60 -31.70 -31.25
N THR B 211 42.06 -30.67 -31.89
CA THR B 211 40.62 -30.44 -31.90
C THR B 211 39.87 -31.65 -32.40
N LEU B 212 40.35 -32.19 -33.51
CA LEU B 212 39.71 -33.35 -34.11
C LEU B 212 39.85 -34.55 -33.20
N VAL B 213 40.99 -34.65 -32.52
CA VAL B 213 41.23 -35.73 -31.58
C VAL B 213 40.23 -35.70 -30.42
N ILE B 214 39.88 -34.51 -29.95
CA ILE B 214 38.96 -34.40 -28.81
C ILE B 214 37.48 -34.48 -29.22
N LEU B 215 37.14 -33.81 -30.32
CA LEU B 215 35.80 -33.86 -30.88
C LEU B 215 35.47 -35.29 -31.31
N ALA B 216 36.50 -36.10 -31.55
CA ALA B 216 36.28 -37.51 -31.89
C ALA B 216 35.77 -38.31 -30.69
N ILE B 217 36.09 -37.85 -29.48
CA ILE B 217 35.68 -38.56 -28.27
C ILE B 217 34.27 -38.17 -27.84
N SER B 218 33.83 -36.98 -28.24
CA SER B 218 32.49 -36.51 -27.90
C SER B 218 31.32 -37.41 -28.31
N PRO B 219 31.41 -38.07 -29.49
CA PRO B 219 30.30 -39.00 -29.80
C PRO B 219 30.33 -40.28 -28.99
N VAL B 220 31.29 -40.43 -28.07
CA VAL B 220 31.34 -41.65 -27.26
C VAL B 220 30.84 -41.43 -25.84
N LEU B 221 30.74 -40.17 -25.42
CA LEU B 221 30.16 -39.84 -24.13
C LEU B 221 28.67 -39.52 -24.25
N GLY B 222 28.27 -39.14 -25.46
CA GLY B 222 26.88 -38.93 -25.79
C GLY B 222 26.22 -40.19 -26.33
N LEU B 223 27.03 -41.18 -26.69
CA LEU B 223 26.52 -42.49 -27.07
C LEU B 223 26.20 -43.26 -25.80
N SER B 224 26.89 -42.91 -24.72
CA SER B 224 26.67 -43.53 -23.41
C SER B 224 25.57 -42.78 -22.66
N ALA B 225 25.50 -41.48 -22.87
CA ALA B 225 24.50 -40.65 -22.22
C ALA B 225 23.11 -40.84 -22.82
N GLY B 226 23.03 -41.49 -23.98
CA GLY B 226 21.77 -41.70 -24.67
C GLY B 226 21.21 -43.09 -24.51
N ILE B 227 22.10 -44.07 -24.32
CA ILE B 227 21.68 -45.45 -24.09
C ILE B 227 21.22 -45.64 -22.64
N TRP B 228 21.92 -44.99 -21.71
CA TRP B 228 21.63 -45.12 -20.28
C TRP B 228 20.37 -44.34 -19.85
N ALA B 229 20.05 -43.28 -20.59
CA ALA B 229 18.87 -42.45 -20.36
C ALA B 229 17.56 -43.18 -20.70
N LYS B 230 17.64 -44.14 -21.60
CA LYS B 230 16.53 -45.02 -21.93
C LYS B 230 16.43 -46.14 -20.89
N ILE B 231 17.57 -46.45 -20.27
CA ILE B 231 17.64 -47.51 -19.28
C ILE B 231 17.02 -47.08 -17.95
N LEU B 232 17.41 -45.90 -17.47
CA LEU B 232 16.85 -45.34 -16.24
C LEU B 232 15.36 -45.09 -16.38
N SER B 233 14.98 -44.54 -17.53
CA SER B 233 13.59 -44.19 -17.81
C SER B 233 12.75 -45.42 -18.16
N SER B 234 13.40 -46.55 -18.39
CA SER B 234 12.67 -47.79 -18.64
C SER B 234 12.11 -48.33 -17.33
N PHE B 235 12.86 -48.12 -16.25
CA PHE B 235 12.50 -48.59 -14.93
C PHE B 235 11.69 -47.54 -14.16
N THR B 236 11.58 -46.35 -14.73
CA THR B 236 10.84 -45.25 -14.10
C THR B 236 9.36 -45.30 -14.45
N ASP B 237 9.08 -45.53 -15.73
CA ASP B 237 7.70 -45.67 -16.19
C ASP B 237 7.14 -47.04 -15.82
N LYS B 238 8.05 -47.99 -15.57
CA LYS B 238 7.65 -49.31 -15.07
C LYS B 238 7.37 -49.19 -13.57
N GLU B 239 8.01 -48.20 -12.95
CA GLU B 239 7.80 -47.88 -11.55
C GLU B 239 6.39 -47.32 -11.31
N LEU B 240 5.84 -46.65 -12.32
CA LEU B 240 4.51 -46.04 -12.20
C LEU B 240 3.38 -47.02 -12.50
N HIS B 241 3.71 -48.14 -13.15
CA HIS B 241 2.71 -49.14 -13.46
C HIS B 241 2.84 -50.32 -12.50
N ALA B 242 3.78 -50.19 -11.57
CA ALA B 242 3.95 -51.18 -10.51
C ALA B 242 3.38 -50.67 -9.18
N TYR B 243 3.40 -49.35 -8.98
CA TYR B 243 2.83 -48.73 -7.77
C TYR B 243 1.34 -48.43 -7.94
N ALA B 244 0.92 -48.24 -9.18
CA ALA B 244 -0.48 -47.97 -9.48
C ALA B 244 -1.39 -49.11 -9.03
N LYS B 245 -0.79 -50.25 -8.69
CA LYS B 245 -1.50 -51.39 -8.14
C LYS B 245 -1.57 -51.26 -6.62
N ALA B 246 -0.58 -50.57 -6.07
CA ALA B 246 -0.54 -50.27 -4.64
C ALA B 246 -1.36 -49.02 -4.37
N GLY B 247 -1.24 -48.03 -5.24
CA GLY B 247 -2.01 -46.80 -5.13
C GLY B 247 -3.47 -47.03 -5.48
N ALA B 248 -3.74 -48.23 -5.99
CA ALA B 248 -5.11 -48.62 -6.35
C ALA B 248 -5.95 -48.84 -5.10
N VAL B 249 -5.50 -49.73 -4.22
CA VAL B 249 -6.21 -50.01 -2.99
C VAL B 249 -6.02 -48.89 -1.97
N ALA B 250 -5.22 -47.88 -2.32
CA ALA B 250 -5.10 -46.71 -1.47
C ALA B 250 -6.34 -45.83 -1.64
N GLU B 251 -6.59 -45.41 -2.87
CA GLU B 251 -7.74 -44.58 -3.15
C GLU B 251 -9.04 -45.36 -3.01
N GLU B 252 -8.96 -46.68 -3.19
CA GLU B 252 -10.12 -47.55 -3.02
C GLU B 252 -10.57 -47.59 -1.57
N VAL B 253 -9.61 -47.49 -0.65
CA VAL B 253 -9.91 -47.48 0.77
C VAL B 253 -10.34 -46.10 1.24
N LEU B 254 -9.56 -45.07 0.92
CA LEU B 254 -9.85 -43.71 1.37
C LEU B 254 -11.17 -43.15 0.86
N ALA B 255 -11.70 -43.74 -0.21
CA ALA B 255 -13.00 -43.34 -0.71
C ALA B 255 -14.09 -43.92 0.19
N ALA B 256 -14.01 -45.24 0.40
CA ALA B 256 -15.06 -45.96 1.12
C ALA B 256 -14.75 -46.11 2.61
N ILE B 257 -13.90 -45.22 3.13
CA ILE B 257 -13.38 -45.34 4.48
C ILE B 257 -14.49 -45.40 5.54
N ARG B 258 -15.62 -44.76 5.25
CA ARG B 258 -16.76 -44.76 6.14
C ARG B 258 -17.22 -46.19 6.42
N THR B 259 -17.34 -47.01 5.37
CA THR B 259 -17.74 -48.40 5.52
C THR B 259 -16.57 -49.26 5.98
N VAL B 260 -15.36 -48.70 5.89
CA VAL B 260 -14.16 -49.40 6.32
C VAL B 260 -14.01 -49.33 7.84
N ILE B 261 -14.16 -48.13 8.40
CA ILE B 261 -14.05 -47.94 9.83
C ILE B 261 -15.23 -48.62 10.53
N ALA B 262 -16.36 -48.63 9.83
CA ALA B 262 -17.60 -49.21 10.37
C ALA B 262 -17.47 -50.72 10.54
N PHE B 263 -16.72 -51.36 9.66
CA PHE B 263 -16.49 -52.80 9.76
C PHE B 263 -15.10 -53.13 10.29
N GLY B 264 -14.27 -52.12 10.50
CA GLY B 264 -12.94 -52.32 11.09
C GLY B 264 -11.97 -53.04 10.18
N GLY B 265 -12.27 -53.07 8.88
CA GLY B 265 -11.44 -53.76 7.91
C GLY B 265 -10.10 -53.10 7.68
N GLN B 266 -9.75 -52.19 8.57
CA GLN B 266 -8.50 -51.44 8.49
C GLN B 266 -7.29 -52.39 8.45
N LYS B 267 -7.38 -53.50 9.17
CA LYS B 267 -6.33 -54.50 9.12
C LYS B 267 -6.26 -55.11 7.73
N LYS B 268 -7.37 -55.68 7.28
CA LYS B 268 -7.43 -56.32 5.97
C LYS B 268 -7.09 -55.36 4.83
N GLU B 269 -7.43 -54.09 5.01
CA GLU B 269 -7.10 -53.07 4.01
C GLU B 269 -5.63 -52.65 4.04
N LEU B 270 -5.05 -52.57 5.23
CA LEU B 270 -3.63 -52.24 5.37
C LEU B 270 -2.81 -53.36 4.76
N GLU B 271 -3.20 -54.61 5.03
CA GLU B 271 -2.51 -55.78 4.48
C GLU B 271 -2.69 -55.89 2.97
N ARG B 272 -3.89 -55.60 2.48
CA ARG B 272 -4.11 -55.54 1.04
C ARG B 272 -3.17 -54.51 0.44
N TYR B 273 -2.99 -53.40 1.15
CA TYR B 273 -2.10 -52.35 0.67
C TYR B 273 -0.62 -52.74 0.70
N ASN B 274 -0.24 -53.56 1.67
CA ASN B 274 1.15 -53.98 1.81
C ASN B 274 1.54 -55.11 0.86
N ASN B 275 0.57 -55.97 0.55
CA ASN B 275 0.78 -57.07 -0.39
C ASN B 275 1.12 -56.57 -1.80
N ASN B 276 0.72 -55.33 -2.07
CA ASN B 276 1.03 -54.67 -3.33
C ASN B 276 2.13 -53.63 -3.14
N LEU B 277 2.72 -53.60 -1.95
CA LEU B 277 3.71 -52.57 -1.60
C LEU B 277 5.15 -52.99 -1.81
N GLU B 278 5.46 -54.24 -1.45
CA GLU B 278 6.80 -54.78 -1.65
C GLU B 278 6.90 -55.38 -3.05
N GLU B 279 6.08 -54.86 -3.96
CA GLU B 279 6.07 -55.28 -5.35
C GLU B 279 6.64 -54.15 -6.20
N ALA B 280 6.30 -52.92 -5.82
CA ALA B 280 6.75 -51.74 -6.53
C ALA B 280 8.18 -51.44 -6.15
N LYS B 281 8.39 -51.15 -4.88
CA LYS B 281 9.68 -50.67 -4.39
C LYS B 281 10.86 -51.58 -4.71
N ARG B 282 10.63 -52.88 -4.60
CA ARG B 282 11.66 -53.87 -4.87
C ARG B 282 12.07 -53.88 -6.33
N LEU B 283 11.10 -53.65 -7.21
CA LEU B 283 11.35 -53.58 -8.65
C LEU B 283 11.80 -52.18 -9.03
N GLY B 284 11.75 -51.26 -8.07
CA GLY B 284 12.22 -49.91 -8.27
C GLY B 284 13.65 -49.78 -7.79
N ILE B 285 14.10 -50.76 -7.00
CA ILE B 285 15.49 -50.88 -6.60
C ILE B 285 16.38 -50.98 -7.84
N LYS B 286 15.90 -51.75 -8.81
CA LYS B 286 16.56 -51.90 -10.10
C LYS B 286 16.76 -50.53 -10.77
N LYS B 287 15.69 -49.75 -10.84
CA LYS B 287 15.73 -48.36 -11.30
C LYS B 287 16.83 -47.61 -10.59
N ALA B 288 16.72 -47.59 -9.27
CA ALA B 288 17.66 -46.92 -8.39
C ALA B 288 19.11 -47.29 -8.68
N ILE B 289 19.33 -48.53 -9.10
CA ILE B 289 20.68 -49.03 -9.34
C ILE B 289 21.21 -48.68 -10.73
N THR B 290 20.58 -49.25 -11.76
CA THR B 290 21.05 -49.02 -13.13
C THR B 290 21.12 -47.53 -13.46
N ALA B 291 20.20 -46.74 -12.90
CA ALA B 291 20.24 -45.28 -13.10
C ALA B 291 21.57 -44.64 -12.67
N ASN B 292 22.19 -45.16 -11.61
CA ASN B 292 23.46 -44.61 -11.15
C ASN B 292 24.68 -45.39 -11.70
N ILE B 293 24.43 -46.59 -12.21
CA ILE B 293 25.47 -47.30 -12.96
C ILE B 293 25.66 -46.56 -14.28
N SER B 294 24.61 -45.81 -14.66
CA SER B 294 24.68 -44.89 -15.77
C SER B 294 25.70 -43.81 -15.47
N MET B 295 25.54 -43.19 -14.30
CA MET B 295 26.47 -42.17 -13.78
C MET B 295 27.91 -42.71 -13.74
N GLY B 296 28.06 -43.93 -13.22
CA GLY B 296 29.35 -44.60 -13.17
C GLY B 296 30.00 -44.77 -14.53
N ALA B 297 29.22 -45.26 -15.49
CA ALA B 297 29.70 -45.45 -16.86
C ALA B 297 30.07 -44.11 -17.48
N ALA B 298 29.31 -43.08 -17.14
CA ALA B 298 29.58 -41.72 -17.60
C ALA B 298 30.94 -41.23 -17.12
N PHE B 299 31.13 -41.19 -15.80
CA PHE B 299 32.40 -40.73 -15.22
C PHE B 299 33.57 -41.58 -15.72
N LEU B 300 33.34 -42.88 -15.85
CA LEU B 300 34.34 -43.79 -16.41
C LEU B 300 34.77 -43.33 -17.78
N LEU B 301 33.76 -43.04 -18.61
CA LEU B 301 34.00 -42.67 -20.01
C LEU B 301 34.63 -41.29 -20.20
N ILE B 302 34.27 -40.33 -19.37
CA ILE B 302 34.92 -39.02 -19.47
C ILE B 302 36.33 -39.05 -18.88
N TYR B 303 36.55 -39.87 -17.86
CA TYR B 303 37.92 -40.06 -17.36
C TYR B 303 38.75 -40.71 -18.46
N ALA B 304 38.12 -41.61 -19.22
CA ALA B 304 38.75 -42.25 -20.36
C ALA B 304 39.13 -41.21 -21.42
N SER B 305 38.18 -40.35 -21.76
CA SER B 305 38.45 -39.26 -22.69
C SER B 305 39.63 -38.40 -22.22
N TYR B 306 39.70 -38.10 -20.93
CA TYR B 306 40.81 -37.33 -20.38
C TYR B 306 42.15 -38.04 -20.57
N ALA B 307 42.24 -39.25 -20.05
CA ALA B 307 43.47 -40.04 -20.11
C ALA B 307 43.95 -40.23 -21.54
N LEU B 308 43.01 -40.45 -22.46
CA LEU B 308 43.36 -40.65 -23.87
C LEU B 308 43.85 -39.33 -24.48
N ALA B 309 43.03 -38.29 -24.40
CA ALA B 309 43.38 -36.99 -24.96
C ALA B 309 44.71 -36.47 -24.43
N PHE B 310 45.04 -36.81 -23.19
CA PHE B 310 46.32 -36.42 -22.60
C PHE B 310 47.46 -37.34 -23.05
N TRP B 311 47.15 -38.63 -23.20
CA TRP B 311 48.13 -39.59 -23.67
C TRP B 311 48.61 -39.20 -25.05
N TYR B 312 47.72 -38.57 -25.81
CA TYR B 312 48.04 -38.08 -27.16
C TYR B 312 48.69 -36.70 -27.10
N GLY B 313 48.07 -35.81 -26.31
CA GLY B 313 48.53 -34.44 -26.19
C GLY B 313 49.98 -34.35 -25.74
N THR B 314 50.35 -35.21 -24.78
CA THR B 314 51.72 -35.24 -24.27
C THR B 314 52.67 -35.85 -25.27
N SER B 315 52.13 -36.63 -26.20
CA SER B 315 52.93 -37.16 -27.28
C SER B 315 53.16 -36.03 -28.28
N LEU B 316 52.32 -35.02 -28.23
CA LEU B 316 52.49 -33.86 -29.11
C LEU B 316 53.46 -32.80 -28.58
N VAL B 317 53.90 -32.95 -27.33
CA VAL B 317 54.85 -32.00 -26.75
C VAL B 317 56.26 -32.59 -26.70
N ILE B 318 56.35 -33.91 -26.54
CA ILE B 318 57.65 -34.57 -26.54
C ILE B 318 58.31 -34.52 -27.91
N SER B 319 57.49 -34.46 -28.97
CA SER B 319 57.99 -34.36 -30.34
C SER B 319 58.17 -32.89 -30.68
N LYS B 320 57.99 -32.05 -29.67
CA LYS B 320 58.14 -30.60 -29.82
C LYS B 320 57.27 -30.02 -30.95
N GLU B 321 55.99 -30.33 -30.92
CA GLU B 321 55.02 -29.73 -31.83
C GLU B 321 54.20 -28.65 -31.11
N TYR B 322 53.27 -29.10 -30.28
CA TYR B 322 52.30 -28.22 -29.66
C TYR B 322 52.81 -27.60 -28.36
N SER B 323 53.94 -28.10 -27.87
CA SER B 323 54.46 -27.68 -26.56
C SER B 323 53.43 -27.97 -25.47
N ILE B 324 53.50 -27.20 -24.38
CA ILE B 324 52.66 -27.43 -23.23
C ILE B 324 51.46 -26.50 -23.25
N GLY B 325 51.64 -25.32 -23.83
CA GLY B 325 50.64 -24.29 -23.73
C GLY B 325 49.52 -24.48 -24.71
N GLN B 326 49.90 -24.78 -25.95
CA GLN B 326 48.97 -24.93 -27.05
C GLN B 326 48.01 -26.09 -26.80
N VAL B 327 48.55 -27.21 -26.33
CA VAL B 327 47.75 -28.40 -26.05
C VAL B 327 46.71 -28.12 -24.96
N LEU B 328 47.12 -27.42 -23.90
CA LEU B 328 46.20 -27.04 -22.83
C LEU B 328 45.11 -26.13 -23.38
N THR B 329 45.51 -25.13 -24.17
CA THR B 329 44.55 -24.21 -24.76
C THR B 329 43.49 -24.92 -25.57
N VAL B 330 43.91 -25.84 -26.43
CA VAL B 330 42.94 -26.55 -27.26
C VAL B 330 42.08 -27.50 -26.44
N PHE B 331 42.72 -28.20 -25.51
CA PHE B 331 42.01 -29.13 -24.65
C PHE B 331 40.86 -28.43 -23.90
N PHE B 332 41.19 -27.33 -23.23
CA PHE B 332 40.19 -26.57 -22.47
C PHE B 332 39.18 -25.85 -23.34
N SER B 333 39.62 -25.26 -24.45
CA SER B 333 38.68 -24.59 -25.33
C SER B 333 37.68 -25.59 -25.93
N VAL B 334 38.10 -26.84 -26.08
CA VAL B 334 37.20 -27.86 -26.60
C VAL B 334 36.28 -28.44 -25.54
N LEU B 335 36.81 -28.78 -24.37
CA LEU B 335 35.94 -29.28 -23.31
C LEU B 335 34.94 -28.23 -22.84
N ILE B 336 35.37 -26.98 -22.80
CA ILE B 336 34.48 -25.87 -22.50
C ILE B 336 33.49 -25.73 -23.64
N GLY B 337 33.98 -25.84 -24.87
CA GLY B 337 33.11 -25.80 -26.03
C GLY B 337 32.13 -26.94 -26.08
N ALA B 338 32.37 -27.97 -25.26
CA ALA B 338 31.50 -29.13 -25.22
C ALA B 338 30.49 -29.01 -24.07
N PHE B 339 30.96 -28.63 -22.89
CA PHE B 339 30.08 -28.38 -21.74
C PHE B 339 29.13 -27.23 -22.04
N SER B 340 29.51 -26.37 -22.99
CA SER B 340 28.65 -25.25 -23.40
C SER B 340 27.30 -25.75 -23.89
N VAL B 341 27.32 -26.88 -24.58
CA VAL B 341 26.10 -27.46 -25.12
C VAL B 341 25.16 -27.91 -24.01
N GLY B 342 25.68 -28.68 -23.07
CA GLY B 342 24.89 -29.24 -21.99
C GLY B 342 24.24 -28.22 -21.07
N GLN B 343 24.80 -27.01 -21.03
CA GLN B 343 24.22 -25.94 -20.23
C GLN B 343 23.35 -25.05 -21.11
N ALA B 344 23.03 -25.55 -22.29
CA ALA B 344 22.16 -24.82 -23.20
C ALA B 344 20.84 -25.57 -23.40
N SER B 345 20.74 -26.77 -22.85
CA SER B 345 19.53 -27.59 -22.94
C SER B 345 18.31 -27.03 -22.17
N PRO B 346 18.51 -26.60 -20.91
CA PRO B 346 17.35 -25.98 -20.27
C PRO B 346 17.04 -24.61 -20.86
N ASN B 347 18.07 -23.87 -21.24
CA ASN B 347 17.90 -22.54 -21.81
C ASN B 347 17.09 -22.58 -23.11
N ILE B 348 17.07 -23.74 -23.76
CA ILE B 348 16.29 -23.90 -24.98
C ILE B 348 14.94 -24.58 -24.66
N GLU B 349 14.95 -25.39 -23.61
CA GLU B 349 13.72 -26.00 -23.13
C GLU B 349 12.71 -24.93 -22.73
N ALA B 350 13.19 -23.88 -22.07
CA ALA B 350 12.30 -22.79 -21.66
C ALA B 350 11.70 -22.10 -22.88
N PHE B 351 12.47 -22.06 -23.96
CA PHE B 351 11.99 -21.47 -25.20
C PHE B 351 10.93 -22.35 -25.84
N ALA B 352 11.05 -23.66 -25.66
CA ALA B 352 10.03 -24.58 -26.16
C ALA B 352 8.73 -24.45 -25.37
N ASN B 353 8.85 -24.52 -24.05
CA ASN B 353 7.71 -24.36 -23.15
C ASN B 353 6.98 -23.03 -23.34
N ALA B 354 7.72 -21.96 -23.57
CA ALA B 354 7.09 -20.66 -23.73
C ALA B 354 6.13 -20.64 -24.91
N ARG B 355 6.51 -21.31 -26.00
CA ARG B 355 5.63 -21.43 -27.15
C ARG B 355 4.40 -22.28 -26.85
N GLY B 356 4.66 -23.45 -26.26
CA GLY B 356 3.59 -24.38 -25.90
C GLY B 356 2.54 -23.77 -25.00
N ALA B 357 2.96 -22.85 -24.14
CA ALA B 357 2.02 -22.15 -23.27
C ALA B 357 1.47 -20.91 -23.97
N ALA B 358 2.18 -20.43 -24.99
CA ALA B 358 1.74 -19.29 -25.77
C ALA B 358 0.60 -19.67 -26.68
N TYR B 359 0.49 -20.95 -26.97
CA TYR B 359 -0.56 -21.46 -27.83
C TYR B 359 -1.96 -21.10 -27.33
N GLU B 360 -2.30 -21.62 -26.16
CA GLU B 360 -3.60 -21.36 -25.55
C GLU B 360 -3.87 -19.87 -25.42
N VAL B 361 -2.88 -19.14 -24.94
CA VAL B 361 -3.01 -17.70 -24.74
C VAL B 361 -3.32 -16.95 -26.03
N PHE B 362 -2.60 -17.26 -27.10
CA PHE B 362 -2.83 -16.56 -28.37
C PHE B 362 -4.12 -17.00 -29.06
N LYS B 363 -4.46 -18.27 -28.89
CA LYS B 363 -5.75 -18.79 -29.34
C LYS B 363 -6.89 -18.01 -28.71
N ILE B 364 -6.77 -17.78 -27.41
CA ILE B 364 -7.77 -17.03 -26.68
C ILE B 364 -7.78 -15.57 -27.09
N ILE B 365 -6.60 -14.95 -27.24
CA ILE B 365 -6.52 -13.54 -27.60
C ILE B 365 -7.07 -13.25 -28.99
N ASP B 366 -6.87 -14.19 -29.92
CA ASP B 366 -7.23 -13.96 -31.31
C ASP B 366 -8.64 -14.46 -31.64
N ASN B 367 -9.27 -15.12 -30.67
CA ASN B 367 -10.63 -15.67 -30.85
C ASN B 367 -11.72 -14.58 -30.81
N LYS B 368 -12.34 -14.30 -31.95
CA LYS B 368 -13.39 -13.30 -32.03
C LYS B 368 -14.77 -13.96 -32.06
N PRO B 369 -15.53 -13.80 -30.97
CA PRO B 369 -16.83 -14.45 -30.69
C PRO B 369 -18.01 -13.94 -31.54
N SER B 370 -19.11 -14.68 -31.52
CA SER B 370 -20.32 -14.32 -32.27
C SER B 370 -20.97 -13.11 -31.63
N ILE B 371 -21.04 -13.14 -30.30
CA ILE B 371 -21.67 -12.07 -29.56
C ILE B 371 -20.63 -11.26 -28.81
N ASP B 372 -20.28 -10.13 -29.40
CA ASP B 372 -19.14 -9.36 -28.94
C ASP B 372 -19.56 -8.32 -27.92
N SER B 373 -19.23 -8.57 -26.66
CA SER B 373 -19.64 -7.71 -25.56
C SER B 373 -18.94 -6.36 -25.59
N PHE B 374 -17.73 -6.33 -26.15
CA PHE B 374 -16.94 -5.10 -26.19
C PHE B 374 -17.26 -4.26 -27.41
N SER B 375 -17.94 -4.86 -28.38
CA SER B 375 -18.10 -4.23 -29.68
C SER B 375 -18.95 -2.97 -29.65
N LYS B 376 -19.08 -2.34 -30.80
CA LYS B 376 -19.96 -1.21 -31.01
C LYS B 376 -20.01 -0.87 -32.50
N SER B 377 -21.22 -0.78 -33.06
CA SER B 377 -22.44 -0.91 -32.29
C SER B 377 -23.56 -1.52 -33.14
N GLY B 378 -24.68 -1.80 -32.48
CA GLY B 378 -25.94 -2.06 -33.14
C GLY B 378 -26.84 -0.86 -32.90
N HIS B 379 -28.14 -1.04 -33.03
CA HIS B 379 -29.05 0.07 -32.77
C HIS B 379 -29.08 0.36 -31.27
N LYS B 380 -29.33 1.61 -30.91
CA LYS B 380 -29.47 2.00 -29.51
C LYS B 380 -30.75 2.82 -29.31
N PRO B 381 -31.93 2.18 -29.46
CA PRO B 381 -33.22 2.88 -29.49
C PRO B 381 -33.51 3.68 -28.23
N ASP B 382 -34.11 4.85 -28.39
CA ASP B 382 -34.47 5.68 -27.24
C ASP B 382 -35.97 5.51 -26.97
N ASN B 383 -36.35 5.65 -25.70
CA ASN B 383 -37.75 5.49 -25.29
C ASN B 383 -38.30 4.12 -25.70
N ILE B 384 -37.99 3.11 -24.88
CA ILE B 384 -38.27 1.72 -25.25
C ILE B 384 -39.69 1.28 -24.90
N GLN B 385 -40.30 0.53 -25.80
CA GLN B 385 -41.59 -0.09 -25.50
C GLN B 385 -41.47 -1.09 -24.36
N GLY B 386 -40.50 -1.98 -24.51
CA GLY B 386 -40.37 -3.13 -23.63
C GLY B 386 -41.17 -4.28 -24.23
N ASN B 387 -41.59 -4.10 -25.49
CA ASN B 387 -42.33 -5.15 -26.17
C ASN B 387 -41.41 -6.32 -26.48
N LEU B 388 -41.76 -7.48 -25.94
CA LEU B 388 -40.97 -8.68 -26.16
C LEU B 388 -41.68 -9.60 -27.14
N GLU B 389 -40.93 -10.17 -28.08
CA GLU B 389 -41.48 -11.20 -28.93
C GLU B 389 -40.55 -12.39 -29.02
N PHE B 390 -41.13 -13.58 -28.93
CA PHE B 390 -40.41 -14.81 -29.24
C PHE B 390 -41.16 -15.51 -30.36
N LYS B 391 -40.66 -15.39 -31.59
CA LYS B 391 -41.33 -15.98 -32.74
C LYS B 391 -41.18 -17.49 -32.76
N ASN B 392 -40.00 -17.97 -33.15
CA ASN B 392 -39.80 -19.40 -33.29
C ASN B 392 -38.94 -19.98 -32.17
N ILE B 393 -37.71 -19.48 -32.07
CA ILE B 393 -36.78 -19.84 -31.01
C ILE B 393 -36.56 -21.34 -30.79
N HIS B 394 -35.75 -21.92 -31.68
CA HIS B 394 -35.29 -23.30 -31.51
C HIS B 394 -33.85 -23.28 -31.02
N PHE B 395 -33.64 -23.79 -29.81
CA PHE B 395 -32.31 -23.71 -29.22
C PHE B 395 -31.91 -24.99 -28.51
N SER B 396 -30.61 -25.21 -28.46
CA SER B 396 -30.01 -26.26 -27.65
C SER B 396 -28.67 -25.74 -27.12
N TYR B 397 -28.33 -26.12 -25.89
CA TYR B 397 -27.08 -25.72 -25.29
C TYR B 397 -25.87 -26.21 -26.10
N PRO B 398 -24.82 -25.38 -26.21
CA PRO B 398 -23.62 -25.73 -26.99
C PRO B 398 -22.81 -26.81 -26.29
N SER B 399 -22.95 -26.90 -24.97
CA SER B 399 -22.27 -27.94 -24.20
C SER B 399 -22.76 -29.33 -24.63
N ARG B 400 -24.00 -29.67 -24.29
CA ARG B 400 -24.64 -30.89 -24.76
C ARG B 400 -25.55 -30.58 -25.95
N LYS B 401 -24.97 -30.61 -27.15
CA LYS B 401 -25.72 -30.28 -28.35
C LYS B 401 -26.63 -31.45 -28.75
N GLU B 402 -26.49 -32.56 -28.02
CA GLU B 402 -27.29 -33.75 -28.23
C GLU B 402 -28.73 -33.60 -27.72
N VAL B 403 -28.91 -32.73 -26.72
CA VAL B 403 -30.24 -32.51 -26.14
C VAL B 403 -30.83 -31.14 -26.45
N GLN B 404 -31.88 -31.13 -27.27
CA GLN B 404 -32.58 -29.91 -27.63
C GLN B 404 -33.46 -29.46 -26.46
N ILE B 405 -33.49 -28.16 -26.19
CA ILE B 405 -34.22 -27.65 -25.03
C ILE B 405 -35.46 -26.83 -25.40
N LEU B 406 -35.30 -25.93 -26.36
CA LEU B 406 -36.42 -25.11 -26.83
C LEU B 406 -36.90 -25.51 -28.21
N LYS B 407 -38.10 -26.07 -28.25
CA LYS B 407 -38.71 -26.54 -29.50
C LYS B 407 -39.92 -25.67 -29.83
N GLY B 408 -39.74 -24.69 -30.72
CA GLY B 408 -40.83 -23.84 -31.15
C GLY B 408 -41.47 -23.03 -30.03
N LEU B 409 -40.67 -22.22 -29.35
CA LEU B 409 -41.17 -21.38 -28.28
C LEU B 409 -41.74 -20.08 -28.81
N ASN B 410 -43.05 -19.93 -28.69
CA ASN B 410 -43.69 -18.67 -29.04
C ASN B 410 -44.08 -17.96 -27.77
N LEU B 411 -43.79 -16.66 -27.69
CA LEU B 411 -44.17 -15.88 -26.51
C LEU B 411 -44.10 -14.37 -26.70
N LYS B 412 -45.26 -13.75 -26.77
CA LYS B 412 -45.32 -12.29 -26.86
C LYS B 412 -45.56 -11.71 -25.47
N VAL B 413 -44.83 -10.66 -25.12
CA VAL B 413 -45.02 -10.00 -23.84
C VAL B 413 -45.21 -8.50 -24.04
N LYS B 414 -46.26 -7.95 -23.46
CA LYS B 414 -46.63 -6.56 -23.72
C LYS B 414 -45.89 -5.57 -22.82
N SER B 415 -45.94 -4.30 -23.18
CA SER B 415 -45.25 -3.25 -22.44
C SER B 415 -45.72 -3.15 -21.00
N GLY B 416 -44.80 -3.23 -20.05
CA GLY B 416 -45.12 -3.02 -18.65
C GLY B 416 -45.80 -4.20 -18.00
N GLN B 417 -46.09 -5.23 -18.80
CA GLN B 417 -46.77 -6.41 -18.30
C GLN B 417 -45.78 -7.30 -17.57
N THR B 418 -46.27 -8.09 -16.61
CA THR B 418 -45.41 -9.01 -15.89
C THR B 418 -45.83 -10.48 -16.12
N VAL B 419 -45.05 -11.19 -16.94
CA VAL B 419 -45.35 -12.60 -17.23
C VAL B 419 -44.56 -13.55 -16.35
N ALA B 420 -45.25 -14.54 -15.80
CA ALA B 420 -44.60 -15.55 -14.96
C ALA B 420 -44.36 -16.81 -15.75
N LEU B 421 -43.23 -17.46 -15.50
CA LEU B 421 -42.95 -18.74 -16.12
C LEU B 421 -43.17 -19.86 -15.12
N VAL B 422 -43.64 -21.00 -15.62
CA VAL B 422 -44.03 -22.09 -14.75
C VAL B 422 -44.25 -23.34 -15.60
N GLY B 423 -44.38 -24.48 -14.93
CA GLY B 423 -44.61 -25.73 -15.62
C GLY B 423 -43.66 -26.81 -15.16
N ASN B 424 -42.49 -26.40 -14.70
CA ASN B 424 -41.48 -27.31 -14.18
C ASN B 424 -41.05 -28.37 -15.20
N SER B 425 -40.86 -27.95 -16.46
CA SER B 425 -40.46 -28.85 -17.53
C SER B 425 -38.97 -29.20 -17.48
N GLY B 426 -38.13 -28.20 -17.73
CA GLY B 426 -36.68 -28.38 -17.72
C GLY B 426 -35.93 -27.07 -17.61
N CYS B 427 -34.78 -26.97 -18.28
CA CYS B 427 -34.00 -25.74 -18.26
C CYS B 427 -34.63 -24.67 -19.16
N GLY B 428 -35.67 -25.05 -19.89
CA GLY B 428 -36.32 -24.18 -20.85
C GLY B 428 -36.69 -22.81 -20.34
N LYS B 429 -37.31 -22.77 -19.15
CA LYS B 429 -37.68 -21.52 -18.51
C LYS B 429 -36.47 -20.60 -18.40
N SER B 430 -35.43 -21.10 -17.74
CA SER B 430 -34.22 -20.31 -17.52
C SER B 430 -33.50 -20.05 -18.84
N THR B 431 -33.71 -20.95 -19.80
CA THR B 431 -33.11 -20.79 -21.11
C THR B 431 -33.73 -19.59 -21.82
N THR B 432 -34.98 -19.31 -21.52
CA THR B 432 -35.65 -18.14 -22.08
C THR B 432 -35.09 -16.86 -21.45
N VAL B 433 -34.91 -16.89 -20.12
CA VAL B 433 -34.32 -15.78 -19.39
C VAL B 433 -32.93 -15.46 -19.93
N GLN B 434 -32.14 -16.50 -20.15
CA GLN B 434 -30.80 -16.32 -20.67
C GLN B 434 -30.86 -15.80 -22.11
N LEU B 435 -31.78 -16.35 -22.88
CA LEU B 435 -31.92 -16.00 -24.30
C LEU B 435 -32.31 -14.54 -24.47
N MET B 436 -33.00 -14.02 -23.47
CA MET B 436 -33.49 -12.65 -23.54
C MET B 436 -32.36 -11.63 -23.44
N GLN B 437 -31.34 -11.93 -22.64
CA GLN B 437 -30.23 -11.00 -22.48
C GLN B 437 -29.09 -11.35 -23.44
N ARG B 438 -29.46 -12.03 -24.52
CA ARG B 438 -28.54 -12.48 -25.56
C ARG B 438 -27.25 -13.13 -25.05
N LEU B 439 -27.40 -14.05 -24.09
CA LEU B 439 -26.28 -14.86 -23.67
C LEU B 439 -25.92 -15.83 -24.78
N TYR B 440 -26.86 -16.68 -25.15
CA TYR B 440 -26.71 -17.50 -26.33
C TYR B 440 -27.54 -16.90 -27.44
N ASP B 441 -27.29 -17.32 -28.67
CA ASP B 441 -28.21 -17.01 -29.76
C ASP B 441 -28.92 -18.30 -30.14
N PRO B 442 -30.13 -18.19 -30.71
CA PRO B 442 -30.88 -19.39 -31.09
C PRO B 442 -30.43 -19.93 -32.45
N LEU B 443 -30.54 -21.24 -32.66
CA LEU B 443 -30.23 -21.83 -33.94
C LEU B 443 -31.25 -21.40 -35.01
N ASP B 444 -32.52 -21.37 -34.61
CA ASP B 444 -33.60 -20.94 -35.49
C ASP B 444 -34.61 -20.13 -34.70
N GLY B 445 -35.15 -19.07 -35.31
CA GLY B 445 -36.07 -18.19 -34.63
C GLY B 445 -35.41 -16.90 -34.20
N MET B 446 -36.21 -15.94 -33.74
CA MET B 446 -35.71 -14.60 -33.41
C MET B 446 -36.45 -13.98 -32.22
N VAL B 447 -35.71 -13.26 -31.39
CA VAL B 447 -36.29 -12.53 -30.25
C VAL B 447 -36.39 -11.05 -30.58
N SER B 448 -37.60 -10.55 -30.78
CA SER B 448 -37.75 -9.19 -31.28
C SER B 448 -38.25 -8.21 -30.23
N ILE B 449 -37.38 -7.25 -29.87
CA ILE B 449 -37.78 -6.13 -29.04
C ILE B 449 -38.35 -5.03 -29.92
N ASP B 450 -39.64 -4.77 -29.78
CA ASP B 450 -40.33 -3.81 -30.64
C ASP B 450 -40.21 -4.24 -32.09
N GLY B 451 -39.92 -3.28 -32.97
CA GLY B 451 -39.81 -3.57 -34.39
C GLY B 451 -38.45 -4.08 -34.80
N GLN B 452 -37.51 -4.07 -33.86
CA GLN B 452 -36.13 -4.43 -34.15
C GLN B 452 -35.71 -5.75 -33.51
N ASP B 453 -34.94 -6.55 -34.24
CA ASP B 453 -34.41 -7.80 -33.73
C ASP B 453 -33.45 -7.55 -32.57
N ILE B 454 -33.34 -8.52 -31.67
CA ILE B 454 -32.47 -8.41 -30.50
C ILE B 454 -30.99 -8.40 -30.90
N ARG B 455 -30.69 -8.94 -32.07
CA ARG B 455 -29.32 -9.01 -32.52
C ARG B 455 -28.88 -7.71 -33.18
N THR B 456 -29.83 -7.01 -33.80
CA THR B 456 -29.50 -5.77 -34.50
C THR B 456 -29.16 -4.63 -33.55
N ILE B 457 -29.25 -4.88 -32.25
CA ILE B 457 -28.93 -3.84 -31.28
C ILE B 457 -27.61 -4.10 -30.57
N ASN B 458 -26.93 -3.00 -30.22
CA ASN B 458 -25.67 -3.04 -29.49
C ASN B 458 -25.80 -3.90 -28.24
N VAL B 459 -24.87 -4.83 -28.06
CA VAL B 459 -24.93 -5.77 -26.94
C VAL B 459 -24.80 -5.05 -25.59
N ARG B 460 -23.83 -4.14 -25.49
CA ARG B 460 -23.68 -3.37 -24.26
C ARG B 460 -24.97 -2.59 -23.97
N TYR B 461 -25.45 -1.86 -24.97
CA TYR B 461 -26.67 -1.09 -24.82
C TYR B 461 -27.83 -2.01 -24.52
N LEU B 462 -27.71 -3.27 -24.95
CA LEU B 462 -28.74 -4.26 -24.66
C LEU B 462 -28.74 -4.64 -23.19
N ARG B 463 -27.56 -4.85 -22.61
CA ARG B 463 -27.46 -5.29 -21.23
C ARG B 463 -27.49 -4.13 -20.24
N GLU B 464 -27.55 -2.91 -20.78
CA GLU B 464 -27.75 -1.72 -19.96
C GLU B 464 -29.24 -1.42 -19.81
N ILE B 465 -30.02 -1.76 -20.83
CA ILE B 465 -31.47 -1.59 -20.75
C ILE B 465 -32.12 -2.88 -20.28
N ILE B 466 -31.29 -3.84 -19.92
CA ILE B 466 -31.78 -5.07 -19.31
C ILE B 466 -31.06 -5.33 -18.00
N GLY B 467 -31.78 -5.17 -16.89
CA GLY B 467 -31.28 -5.54 -15.59
C GLY B 467 -31.73 -6.97 -15.32
N VAL B 468 -31.09 -7.64 -14.37
CA VAL B 468 -31.43 -9.03 -14.11
C VAL B 468 -31.06 -9.46 -12.71
N VAL B 469 -31.95 -10.19 -12.06
CA VAL B 469 -31.68 -10.72 -10.73
C VAL B 469 -31.64 -12.25 -10.73
N SER B 470 -30.43 -12.81 -10.71
CA SER B 470 -30.26 -14.26 -10.70
C SER B 470 -30.66 -14.89 -9.38
N GLN B 471 -30.59 -16.21 -9.33
CA GLN B 471 -31.02 -16.98 -8.17
C GLN B 471 -30.18 -16.67 -6.95
N GLU B 472 -28.90 -17.06 -7.00
CA GLU B 472 -28.02 -16.74 -5.90
C GLU B 472 -27.34 -15.39 -6.12
N PRO B 473 -27.63 -14.45 -5.22
CA PRO B 473 -27.05 -13.11 -5.26
C PRO B 473 -25.55 -13.13 -4.97
N VAL B 474 -24.81 -12.25 -5.63
CA VAL B 474 -23.36 -12.21 -5.48
C VAL B 474 -22.83 -10.78 -5.45
N LEU B 475 -21.97 -10.51 -4.47
CA LEU B 475 -21.40 -9.19 -4.28
C LEU B 475 -19.88 -9.27 -4.30
N PHE B 476 -19.22 -8.17 -4.69
CA PHE B 476 -17.77 -8.13 -4.78
C PHE B 476 -17.13 -7.62 -3.50
N ALA B 477 -15.84 -7.88 -3.34
CA ALA B 477 -15.12 -7.51 -2.12
C ALA B 477 -14.76 -6.02 -2.07
N THR B 478 -15.78 -5.20 -1.83
CA THR B 478 -15.59 -3.75 -1.67
C THR B 478 -16.63 -3.18 -0.70
N THR B 479 -16.95 -1.90 -0.86
CA THR B 479 -18.01 -1.30 -0.06
C THR B 479 -19.33 -1.51 -0.77
N ILE B 480 -20.41 -1.21 -0.07
CA ILE B 480 -21.72 -1.25 -0.71
C ILE B 480 -21.72 -0.21 -1.81
N ALA B 481 -21.19 0.97 -1.50
CA ALA B 481 -21.15 2.08 -2.46
C ALA B 481 -20.47 1.70 -3.78
N GLU B 482 -19.48 0.81 -3.70
CA GLU B 482 -18.82 0.35 -4.91
C GLU B 482 -19.60 -0.75 -5.62
N ASN B 483 -20.40 -1.51 -4.88
CA ASN B 483 -21.20 -2.54 -5.51
C ASN B 483 -22.36 -1.90 -6.26
N ILE B 484 -22.81 -0.77 -5.73
CA ILE B 484 -23.85 0.02 -6.37
C ILE B 484 -23.22 0.82 -7.50
N ARG B 485 -21.95 1.17 -7.33
CA ARG B 485 -21.18 1.85 -8.36
C ARG B 485 -21.07 0.94 -9.58
N TYR B 486 -21.16 -0.37 -9.33
CA TYR B 486 -21.07 -1.37 -10.39
C TYR B 486 -22.37 -1.42 -11.18
N GLY B 487 -23.40 -0.78 -10.65
CA GLY B 487 -24.61 -0.57 -11.41
C GLY B 487 -24.37 0.48 -12.49
N ARG B 488 -23.65 1.54 -12.12
CA ARG B 488 -23.33 2.63 -13.04
C ARG B 488 -22.28 3.55 -12.41
N GLU B 489 -21.25 3.90 -13.17
CA GLU B 489 -20.11 4.62 -12.61
C GLU B 489 -20.40 6.06 -12.15
N ASP B 490 -21.20 6.79 -12.93
CA ASP B 490 -21.41 8.21 -12.68
C ASP B 490 -22.62 8.50 -11.78
N VAL B 491 -22.83 7.65 -10.78
CA VAL B 491 -23.97 7.77 -9.89
C VAL B 491 -23.66 8.64 -8.68
N THR B 492 -24.39 9.73 -8.54
CA THR B 492 -24.21 10.58 -7.39
C THR B 492 -24.73 9.85 -6.15
N MET B 493 -24.21 10.24 -4.99
CA MET B 493 -24.56 9.59 -3.74
C MET B 493 -26.04 9.66 -3.45
N ASP B 494 -26.66 10.79 -3.79
CA ASP B 494 -28.09 10.98 -3.60
C ASP B 494 -28.83 9.89 -4.37
N GLU B 495 -28.37 9.64 -5.59
CA GLU B 495 -28.97 8.61 -6.43
C GLU B 495 -28.81 7.23 -5.80
N ILE B 496 -27.65 6.98 -5.20
CA ILE B 496 -27.38 5.70 -4.56
C ILE B 496 -28.38 5.50 -3.43
N GLU B 497 -28.61 6.57 -2.69
CA GLU B 497 -29.60 6.56 -1.63
C GLU B 497 -30.99 6.24 -2.15
N LYS B 498 -31.40 6.92 -3.22
CA LYS B 498 -32.70 6.69 -3.83
C LYS B 498 -32.86 5.23 -4.24
N ALA B 499 -31.83 4.68 -4.86
CA ALA B 499 -31.86 3.31 -5.34
C ALA B 499 -31.94 2.32 -4.19
N VAL B 500 -31.21 2.59 -3.11
CA VAL B 500 -31.22 1.69 -1.97
C VAL B 500 -32.58 1.71 -1.26
N LYS B 501 -33.16 2.91 -1.12
CA LYS B 501 -34.48 3.04 -0.55
C LYS B 501 -35.54 2.37 -1.41
N GLU B 502 -35.37 2.47 -2.73
CA GLU B 502 -36.31 1.89 -3.68
C GLU B 502 -36.22 0.36 -3.63
N ALA B 503 -35.22 -0.14 -2.92
CA ALA B 503 -34.97 -1.55 -2.82
C ALA B 503 -35.22 -2.02 -1.41
N ASN B 504 -35.73 -1.11 -0.59
CA ASN B 504 -36.00 -1.40 0.81
C ASN B 504 -34.76 -2.00 1.47
N ALA B 505 -33.61 -1.40 1.22
CA ALA B 505 -32.36 -1.87 1.78
C ALA B 505 -31.71 -0.79 2.64
N TYR B 506 -32.35 0.38 2.67
CA TYR B 506 -31.83 1.54 3.40
C TYR B 506 -31.76 1.32 4.90
N ASP B 507 -32.78 0.68 5.45
CA ASP B 507 -32.85 0.44 6.89
C ASP B 507 -31.65 -0.31 7.48
N PHE B 508 -31.33 -1.48 6.91
CA PHE B 508 -30.27 -2.34 7.46
C PHE B 508 -28.88 -1.82 7.11
N ILE B 509 -28.77 -1.13 5.99
CA ILE B 509 -27.53 -0.49 5.58
C ILE B 509 -27.22 0.64 6.54
N MET B 510 -28.25 1.40 6.88
CA MET B 510 -28.09 2.47 7.85
C MET B 510 -27.86 1.89 9.25
N LYS B 511 -28.09 0.59 9.40
CA LYS B 511 -27.81 -0.09 10.67
C LYS B 511 -26.39 -0.64 10.75
N LEU B 512 -25.71 -0.66 9.60
CA LEU B 512 -24.34 -1.15 9.53
C LEU B 512 -23.35 -0.16 10.12
N PRO B 513 -22.29 -0.69 10.77
CA PRO B 513 -21.33 0.06 11.57
C PRO B 513 -20.70 1.24 10.81
N HIS B 514 -20.30 0.98 9.57
CA HIS B 514 -19.60 1.97 8.76
C HIS B 514 -20.49 2.48 7.63
N GLN B 515 -21.80 2.40 7.84
CA GLN B 515 -22.78 2.91 6.88
C GLN B 515 -22.63 2.32 5.49
N PHE B 516 -22.58 3.19 4.48
CA PHE B 516 -22.42 2.76 3.10
C PHE B 516 -20.99 2.34 2.81
N ASP B 517 -20.05 2.90 3.55
CA ASP B 517 -18.63 2.61 3.34
C ASP B 517 -18.19 1.34 4.05
N THR B 518 -19.14 0.50 4.43
CA THR B 518 -18.81 -0.77 5.07
C THR B 518 -18.33 -1.76 4.02
N LEU B 519 -17.32 -2.55 4.36
CA LEU B 519 -16.81 -3.55 3.43
C LEU B 519 -17.85 -4.66 3.33
N VAL B 520 -17.74 -5.48 2.29
CA VAL B 520 -18.67 -6.58 2.07
C VAL B 520 -18.04 -7.57 1.11
N GLY B 521 -18.76 -8.63 0.75
CA GLY B 521 -18.30 -9.57 -0.24
C GLY B 521 -17.74 -10.86 0.33
N GLU B 522 -16.51 -11.18 -0.06
CA GLU B 522 -15.88 -12.43 0.36
C GLU B 522 -15.38 -12.35 1.80
N ARG B 523 -14.40 -11.49 2.04
CA ARG B 523 -13.87 -11.31 3.39
C ARG B 523 -14.43 -10.05 4.03
N GLY B 524 -15.01 -10.22 5.22
CA GLY B 524 -15.57 -9.10 5.96
C GLY B 524 -17.04 -8.90 5.72
N ALA B 525 -17.79 -8.74 6.80
CA ALA B 525 -19.22 -8.47 6.76
C ALA B 525 -20.02 -9.55 6.02
N GLN B 526 -20.43 -10.59 6.76
CA GLN B 526 -21.27 -11.65 6.22
C GLN B 526 -22.74 -11.29 6.36
N LEU B 527 -23.41 -11.12 5.23
CA LEU B 527 -24.82 -10.74 5.21
C LEU B 527 -25.71 -11.93 4.94
N SER B 528 -27.01 -11.78 5.18
CA SER B 528 -27.97 -12.82 4.84
C SER B 528 -28.28 -12.74 3.36
N GLY B 529 -28.71 -13.87 2.80
CA GLY B 529 -29.07 -13.95 1.38
C GLY B 529 -30.05 -12.88 0.96
N GLY B 530 -31.04 -12.63 1.83
CA GLY B 530 -32.04 -11.61 1.56
C GLY B 530 -31.42 -10.23 1.43
N GLN B 531 -30.52 -9.90 2.35
CA GLN B 531 -29.86 -8.61 2.34
C GLN B 531 -28.99 -8.41 1.10
N LYS B 532 -28.18 -9.41 0.78
CA LYS B 532 -27.33 -9.35 -0.39
C LYS B 532 -28.19 -9.18 -1.63
N GLN B 533 -29.22 -10.00 -1.73
CA GLN B 533 -30.12 -9.97 -2.87
C GLN B 533 -30.74 -8.60 -3.05
N ARG B 534 -31.16 -8.00 -1.93
CA ARG B 534 -31.73 -6.65 -1.95
C ARG B 534 -30.71 -5.63 -2.44
N ILE B 535 -29.48 -5.75 -1.97
CA ILE B 535 -28.41 -4.86 -2.41
C ILE B 535 -28.24 -4.97 -3.92
N ALA B 536 -28.34 -6.20 -4.42
CA ALA B 536 -28.25 -6.46 -5.86
C ALA B 536 -29.39 -5.76 -6.58
N ILE B 537 -30.58 -5.90 -6.02
CA ILE B 537 -31.79 -5.31 -6.60
C ILE B 537 -31.57 -3.83 -6.78
N ALA B 538 -30.98 -3.22 -5.76
CA ALA B 538 -30.57 -1.84 -5.88
C ALA B 538 -29.64 -1.69 -7.06
N ARG B 539 -28.60 -2.52 -7.10
CA ARG B 539 -27.57 -2.40 -8.14
C ARG B 539 -28.19 -2.33 -9.52
N ALA B 540 -29.04 -3.31 -9.83
CA ALA B 540 -29.70 -3.36 -11.12
C ALA B 540 -30.61 -2.15 -11.30
N LEU B 541 -31.38 -1.83 -10.26
CA LEU B 541 -32.31 -0.71 -10.30
C LEU B 541 -31.62 0.58 -10.67
N VAL B 542 -30.34 0.70 -10.33
CA VAL B 542 -29.60 1.91 -10.64
C VAL B 542 -29.56 2.14 -12.14
N ARG B 543 -29.47 1.07 -12.91
CA ARG B 543 -29.39 1.19 -14.36
C ARG B 543 -30.68 1.72 -14.97
N ASN B 544 -31.76 1.70 -14.18
CA ASN B 544 -33.10 2.00 -14.67
C ASN B 544 -33.40 1.30 -15.98
N PRO B 545 -33.48 -0.04 -15.95
CA PRO B 545 -33.74 -0.80 -17.16
C PRO B 545 -35.21 -0.71 -17.52
N LYS B 546 -35.53 -0.88 -18.79
CA LYS B 546 -36.92 -0.88 -19.22
C LYS B 546 -37.39 -2.32 -19.38
N ILE B 547 -36.49 -3.25 -19.14
CA ILE B 547 -36.80 -4.68 -19.12
C ILE B 547 -36.17 -5.32 -17.89
N LEU B 548 -36.94 -6.13 -17.17
CA LEU B 548 -36.50 -6.68 -15.89
C LEU B 548 -36.66 -8.20 -15.85
N LEU B 549 -35.59 -8.90 -15.46
CA LEU B 549 -35.66 -10.36 -15.40
C LEU B 549 -35.52 -10.85 -13.96
N LEU B 550 -36.37 -11.79 -13.59
CA LEU B 550 -36.31 -12.37 -12.26
C LEU B 550 -36.15 -13.87 -12.34
N ASP B 551 -34.96 -14.37 -12.07
CA ASP B 551 -34.73 -15.79 -12.14
C ASP B 551 -34.51 -16.36 -10.75
N GLU B 552 -35.55 -17.00 -10.21
CA GLU B 552 -35.51 -17.64 -8.90
C GLU B 552 -35.03 -16.67 -7.82
N ALA B 553 -35.51 -15.43 -7.87
CA ALA B 553 -34.98 -14.38 -7.01
C ALA B 553 -35.22 -14.66 -5.54
N THR B 554 -36.44 -15.11 -5.23
CA THR B 554 -36.82 -15.40 -3.87
C THR B 554 -36.45 -16.82 -3.49
N SER B 555 -36.01 -17.61 -4.47
CA SER B 555 -35.64 -18.99 -4.20
C SER B 555 -34.43 -19.06 -3.26
N ALA B 556 -34.34 -20.16 -2.52
CA ALA B 556 -33.31 -20.36 -1.51
C ALA B 556 -33.30 -19.26 -0.45
N LEU B 557 -34.49 -18.77 -0.12
CA LEU B 557 -34.66 -17.77 0.94
C LEU B 557 -35.76 -18.18 1.90
N ASP B 558 -35.55 -17.91 3.18
CA ASP B 558 -36.55 -18.20 4.20
C ASP B 558 -37.81 -17.40 3.93
N THR B 559 -38.94 -17.91 4.41
CA THR B 559 -40.24 -17.30 4.12
C THR B 559 -40.36 -15.88 4.67
N GLU B 560 -39.67 -15.60 5.78
CA GLU B 560 -39.75 -14.30 6.44
C GLU B 560 -38.99 -13.19 5.70
N SER B 561 -37.90 -13.54 5.03
CA SER B 561 -37.13 -12.58 4.23
C SER B 561 -37.71 -12.47 2.82
N GLU B 562 -38.31 -13.57 2.36
CA GLU B 562 -38.98 -13.63 1.07
C GLU B 562 -40.01 -12.51 0.96
N ALA B 563 -40.65 -12.19 2.08
CA ALA B 563 -41.67 -11.15 2.13
C ALA B 563 -41.12 -9.80 1.71
N VAL B 564 -40.08 -9.34 2.39
CA VAL B 564 -39.51 -8.02 2.13
C VAL B 564 -38.81 -7.97 0.78
N VAL B 565 -38.13 -9.06 0.43
CA VAL B 565 -37.48 -9.15 -0.88
C VAL B 565 -38.50 -8.99 -2.01
N GLN B 566 -39.55 -9.81 -1.97
CA GLN B 566 -40.60 -9.74 -2.96
C GLN B 566 -41.30 -8.37 -2.91
N ALA B 567 -41.32 -7.77 -1.73
CA ALA B 567 -41.95 -6.46 -1.56
C ALA B 567 -41.18 -5.39 -2.34
N ALA B 568 -39.86 -5.49 -2.30
CA ALA B 568 -39.03 -4.58 -3.09
C ALA B 568 -39.16 -4.91 -4.58
N LEU B 569 -39.20 -6.21 -4.88
CA LEU B 569 -39.33 -6.69 -6.25
C LEU B 569 -40.58 -6.13 -6.93
N ASP B 570 -41.69 -6.15 -6.20
CA ASP B 570 -42.97 -5.71 -6.74
C ASP B 570 -42.96 -4.22 -7.12
N LYS B 571 -42.18 -3.43 -6.38
CA LYS B 571 -42.03 -2.02 -6.70
C LYS B 571 -41.02 -1.85 -7.83
N ALA B 572 -40.15 -2.84 -7.98
CA ALA B 572 -39.20 -2.83 -9.07
C ALA B 572 -39.87 -3.15 -10.40
N ARG B 573 -41.00 -3.83 -10.36
CA ARG B 573 -41.69 -4.26 -11.60
C ARG B 573 -42.53 -3.18 -12.25
N GLU B 574 -42.60 -2.01 -11.61
CA GLU B 574 -43.44 -0.93 -12.11
C GLU B 574 -42.79 -0.14 -13.23
N GLY B 575 -43.42 -0.14 -14.40
CA GLY B 575 -42.92 0.63 -15.52
C GLY B 575 -41.84 -0.12 -16.26
N ARG B 576 -41.73 -1.41 -15.96
CA ARG B 576 -40.75 -2.28 -16.58
C ARG B 576 -41.36 -3.62 -16.92
N THR B 577 -41.12 -4.09 -18.13
CA THR B 577 -41.60 -5.40 -18.57
C THR B 577 -40.84 -6.48 -17.85
N THR B 578 -41.54 -7.47 -17.30
CA THR B 578 -40.90 -8.41 -16.40
C THR B 578 -41.18 -9.86 -16.74
N ILE B 579 -40.13 -10.65 -16.97
CA ILE B 579 -40.25 -12.10 -17.06
C ILE B 579 -39.76 -12.74 -15.78
N VAL B 580 -40.69 -13.23 -14.96
CA VAL B 580 -40.32 -13.73 -13.64
C VAL B 580 -40.52 -15.23 -13.44
N ILE B 581 -39.47 -15.91 -12.96
CA ILE B 581 -39.57 -17.32 -12.61
C ILE B 581 -39.60 -17.51 -11.10
N ALA B 582 -40.47 -18.39 -10.63
CA ALA B 582 -40.54 -18.65 -9.20
C ALA B 582 -40.88 -20.11 -8.92
N HIS B 583 -40.26 -20.65 -7.88
CA HIS B 583 -40.56 -22.01 -7.47
C HIS B 583 -41.88 -22.05 -6.72
N ARG B 584 -42.05 -21.11 -5.78
CA ARG B 584 -43.29 -21.00 -5.02
C ARG B 584 -44.32 -20.23 -5.82
N LEU B 585 -45.51 -20.81 -5.95
CA LEU B 585 -46.55 -20.29 -6.83
C LEU B 585 -47.42 -19.20 -6.19
N SER B 586 -47.06 -18.79 -4.99
CA SER B 586 -47.75 -17.68 -4.34
C SER B 586 -47.47 -16.35 -5.07
N THR B 587 -46.19 -16.10 -5.37
CA THR B 587 -45.78 -14.86 -6.02
C THR B 587 -46.00 -14.95 -7.53
N VAL B 588 -46.50 -16.09 -7.96
CA VAL B 588 -46.79 -16.29 -9.36
C VAL B 588 -48.16 -15.73 -9.70
N ARG B 589 -49.16 -16.01 -8.87
CA ARG B 589 -50.56 -15.69 -9.15
C ARG B 589 -50.81 -14.23 -9.55
N ASN B 590 -50.18 -13.31 -8.83
CA ASN B 590 -50.42 -11.88 -9.05
C ASN B 590 -49.79 -11.33 -10.32
N ALA B 591 -49.05 -12.18 -11.03
CA ALA B 591 -48.48 -11.81 -12.32
C ALA B 591 -49.60 -11.58 -13.33
N ASP B 592 -49.32 -10.76 -14.34
CA ASP B 592 -50.33 -10.40 -15.33
C ASP B 592 -50.69 -11.56 -16.26
N VAL B 593 -49.71 -12.40 -16.58
CA VAL B 593 -49.98 -13.54 -17.45
C VAL B 593 -49.10 -14.74 -17.12
N ILE B 594 -49.73 -15.89 -16.92
CA ILE B 594 -49.01 -17.11 -16.58
C ILE B 594 -48.77 -17.96 -17.82
N ALA B 595 -47.50 -18.19 -18.14
CA ALA B 595 -47.14 -19.05 -19.26
C ALA B 595 -46.53 -20.35 -18.76
N GLY B 596 -47.03 -21.46 -19.26
CA GLY B 596 -46.58 -22.77 -18.83
C GLY B 596 -45.54 -23.35 -19.75
N PHE B 597 -44.83 -24.36 -19.26
CA PHE B 597 -43.82 -25.03 -20.05
C PHE B 597 -43.96 -26.54 -19.96
N ASP B 598 -44.30 -27.17 -21.09
CA ASP B 598 -44.29 -28.63 -21.20
C ASP B 598 -43.32 -28.99 -22.32
N GLY B 599 -42.29 -29.76 -21.97
CA GLY B 599 -41.27 -30.11 -22.95
C GLY B 599 -40.53 -28.87 -23.37
N GLY B 600 -40.67 -28.50 -24.65
CA GLY B 600 -39.96 -27.37 -25.20
C GLY B 600 -40.87 -26.26 -25.71
N VAL B 601 -42.17 -26.40 -25.47
CA VAL B 601 -43.13 -25.41 -25.95
C VAL B 601 -43.88 -24.72 -24.82
N ILE B 602 -44.60 -23.66 -25.17
CA ILE B 602 -45.52 -22.99 -24.25
C ILE B 602 -46.97 -23.33 -24.60
N VAL B 603 -47.60 -24.14 -23.75
CA VAL B 603 -48.95 -24.60 -23.99
C VAL B 603 -50.00 -23.66 -23.41
N GLU B 604 -50.11 -23.61 -22.08
CA GLU B 604 -51.11 -22.78 -21.44
C GLU B 604 -50.58 -21.38 -21.14
N GLN B 605 -51.25 -20.38 -21.71
CA GLN B 605 -50.89 -19.00 -21.47
C GLN B 605 -52.17 -18.21 -21.27
N GLY B 606 -52.12 -17.27 -20.33
CA GLY B 606 -53.28 -16.46 -20.03
C GLY B 606 -53.34 -16.21 -18.54
N ASN B 607 -54.36 -15.48 -18.10
CA ASN B 607 -54.47 -15.12 -16.71
C ASN B 607 -54.76 -16.32 -15.80
N HIS B 608 -54.32 -16.21 -14.56
CA HIS B 608 -54.43 -17.27 -13.54
C HIS B 608 -55.75 -18.04 -13.56
N ASP B 609 -56.86 -17.30 -13.65
CA ASP B 609 -58.19 -17.91 -13.63
C ASP B 609 -58.42 -18.85 -14.80
N GLU B 610 -57.95 -18.46 -15.99
CA GLU B 610 -58.07 -19.30 -17.18
C GLU B 610 -57.41 -20.64 -16.91
N LEU B 611 -56.13 -20.58 -16.55
CA LEU B 611 -55.33 -21.77 -16.28
C LEU B 611 -55.93 -22.62 -15.16
N MET B 612 -56.62 -21.98 -14.22
CA MET B 612 -57.29 -22.71 -13.15
C MET B 612 -58.51 -23.49 -13.65
N ARG B 613 -59.39 -22.83 -14.39
CA ARG B 613 -60.58 -23.50 -14.94
C ARG B 613 -60.18 -24.49 -16.03
N GLU B 614 -58.99 -24.28 -16.59
CA GLU B 614 -58.50 -25.15 -17.67
C GLU B 614 -57.93 -26.44 -17.11
N LYS B 615 -57.57 -26.43 -15.82
CA LYS B 615 -57.08 -27.61 -15.13
C LYS B 615 -55.90 -28.24 -15.86
N GLY B 616 -55.00 -27.41 -16.35
CA GLY B 616 -53.80 -27.86 -17.02
C GLY B 616 -52.66 -28.15 -16.05
N ILE B 617 -51.44 -27.86 -16.49
CA ILE B 617 -50.24 -28.14 -15.70
C ILE B 617 -50.17 -27.25 -14.47
N TYR B 618 -50.53 -25.99 -14.64
CA TYR B 618 -50.46 -24.99 -13.57
C TYR B 618 -51.36 -25.36 -12.41
N PHE B 619 -52.60 -25.71 -12.73
CA PHE B 619 -53.55 -26.17 -11.72
C PHE B 619 -53.02 -27.39 -10.98
N LYS B 620 -52.42 -28.31 -11.73
CA LYS B 620 -51.80 -29.50 -11.14
C LYS B 620 -50.69 -29.14 -10.16
N LEU B 621 -49.88 -28.16 -10.54
CA LEU B 621 -48.77 -27.69 -9.72
C LEU B 621 -49.29 -27.07 -8.43
N VAL B 622 -50.36 -26.31 -8.53
CA VAL B 622 -50.99 -25.73 -7.34
C VAL B 622 -51.53 -26.83 -6.42
N MET B 623 -52.15 -27.87 -7.00
CA MET B 623 -52.71 -28.97 -6.23
C MET B 623 -51.66 -29.83 -5.54
N THR B 624 -50.49 -29.95 -6.17
CA THR B 624 -49.40 -30.78 -5.63
C THR B 624 -48.53 -30.02 -4.62
N GLN B 625 -48.33 -28.73 -4.86
CA GLN B 625 -47.52 -27.93 -3.95
C GLN B 625 -48.39 -27.36 -2.82
N THR B 626 -49.65 -27.76 -2.83
CA THR B 626 -50.62 -27.38 -1.79
C THR B 626 -50.74 -25.86 -1.61
N VAL B 688 1.10 -24.37 6.73
CA VAL B 688 2.55 -24.56 6.68
C VAL B 688 3.05 -25.31 7.91
N PRO B 689 3.71 -26.46 7.71
CA PRO B 689 4.21 -27.25 8.83
C PRO B 689 5.54 -26.75 9.39
N PRO B 690 5.59 -26.44 10.70
CA PRO B 690 6.86 -26.15 11.36
C PRO B 690 7.72 -27.41 11.38
N ALA B 691 9.00 -27.30 11.75
CA ALA B 691 9.87 -28.48 11.88
C ALA B 691 10.17 -29.12 10.50
N SER B 692 11.17 -30.01 10.36
CA SER B 692 12.01 -30.53 11.45
C SER B 692 13.50 -30.63 11.12
N PHE B 693 14.33 -30.53 12.15
CA PHE B 693 15.78 -30.57 12.01
C PHE B 693 16.34 -31.98 12.20
N TRP B 694 16.77 -32.58 11.10
CA TRP B 694 17.39 -33.92 11.08
C TRP B 694 16.58 -34.98 11.80
N ARG B 695 15.29 -34.70 12.00
CA ARG B 695 14.34 -35.69 12.45
C ARG B 695 14.13 -36.65 11.29
N ILE B 696 14.04 -36.06 10.10
CA ILE B 696 13.90 -36.80 8.86
C ILE B 696 14.98 -37.87 8.72
N LEU B 697 16.21 -37.53 9.08
CA LEU B 697 17.33 -38.44 8.91
C LEU B 697 17.13 -39.67 9.80
N LYS B 698 16.45 -39.47 10.92
CA LYS B 698 16.22 -40.55 11.86
C LYS B 698 15.21 -41.56 11.36
N LEU B 699 14.52 -41.21 10.27
CA LEU B 699 13.54 -42.10 9.67
C LEU B 699 14.20 -43.28 8.96
N ASN B 700 15.34 -43.01 8.33
CA ASN B 700 16.10 -44.04 7.61
C ASN B 700 17.01 -44.81 8.57
N SER B 701 16.97 -44.44 9.84
CA SER B 701 17.88 -44.98 10.86
C SER B 701 17.79 -46.49 11.05
N THR B 702 16.82 -47.11 10.40
CA THR B 702 16.61 -48.54 10.52
C THR B 702 17.74 -49.34 9.84
N GLU B 703 18.49 -48.70 8.96
CA GLU B 703 19.53 -49.39 8.19
C GLU B 703 20.94 -48.80 8.34
N TRP B 704 21.64 -49.21 9.39
CA TRP B 704 23.05 -48.85 9.61
C TRP B 704 23.99 -49.18 8.45
N PRO B 705 24.04 -50.46 8.02
CA PRO B 705 25.11 -50.86 7.08
C PRO B 705 25.13 -50.04 5.79
N TYR B 706 23.95 -49.83 5.21
CA TYR B 706 23.83 -49.08 3.98
C TYR B 706 24.43 -47.68 4.13
N PHE B 707 24.23 -47.09 5.31
CA PHE B 707 24.72 -45.75 5.57
C PHE B 707 26.21 -45.70 5.90
N VAL B 708 26.72 -46.74 6.53
CA VAL B 708 28.15 -46.80 6.81
C VAL B 708 28.94 -46.98 5.52
N VAL B 709 28.60 -48.02 4.76
CA VAL B 709 29.24 -48.29 3.49
C VAL B 709 29.05 -47.10 2.56
N GLY B 710 27.88 -46.48 2.66
CA GLY B 710 27.58 -45.30 1.87
C GLY B 710 28.51 -44.14 2.19
N ILE B 711 28.74 -43.93 3.49
CA ILE B 711 29.63 -42.85 3.93
C ILE B 711 31.06 -43.09 3.48
N PHE B 712 31.58 -44.27 3.78
CA PHE B 712 32.93 -44.64 3.37
C PHE B 712 33.10 -44.49 1.87
N CYS B 713 32.10 -44.89 1.12
CA CYS B 713 32.15 -44.73 -0.33
C CYS B 713 32.17 -43.27 -0.71
N ALA B 714 31.41 -42.46 0.02
CA ALA B 714 31.26 -41.04 -0.26
C ALA B 714 32.55 -40.29 -0.02
N ILE B 715 33.31 -40.77 0.97
CA ILE B 715 34.58 -40.16 1.31
C ILE B 715 35.60 -40.35 0.19
N ILE B 716 35.75 -41.58 -0.28
CA ILE B 716 36.71 -41.87 -1.35
C ILE B 716 36.28 -41.20 -2.66
N ASN B 717 34.99 -41.31 -2.99
CA ASN B 717 34.47 -40.68 -4.18
C ASN B 717 34.61 -39.16 -4.10
N GLY B 718 34.65 -38.64 -2.88
CA GLY B 718 34.82 -37.21 -2.66
C GLY B 718 36.27 -36.77 -2.72
N GLY B 719 37.16 -37.67 -2.36
CA GLY B 719 38.58 -37.40 -2.44
C GLY B 719 39.11 -37.68 -3.84
N LEU B 720 38.26 -38.25 -4.69
CA LEU B 720 38.65 -38.47 -6.09
C LEU B 720 38.91 -37.14 -6.79
N GLN B 721 38.16 -36.11 -6.43
CA GLN B 721 38.28 -34.78 -7.06
C GLN B 721 39.63 -34.08 -6.89
N PRO B 722 40.15 -34.00 -5.66
CA PRO B 722 41.46 -33.39 -5.53
C PRO B 722 42.52 -34.26 -6.19
N ALA B 723 42.24 -35.56 -6.22
CA ALA B 723 43.15 -36.54 -6.81
C ALA B 723 43.36 -36.24 -8.29
N PHE B 724 42.26 -36.03 -9.01
CA PHE B 724 42.36 -35.71 -10.42
C PHE B 724 43.19 -34.45 -10.62
N SER B 725 43.00 -33.48 -9.73
CA SER B 725 43.70 -32.21 -9.81
C SER B 725 45.22 -32.34 -9.65
N VAL B 726 45.65 -33.26 -8.80
CA VAL B 726 47.07 -33.55 -8.61
C VAL B 726 47.66 -34.22 -9.85
N ILE B 727 46.95 -35.21 -10.38
CA ILE B 727 47.41 -35.93 -11.55
C ILE B 727 47.52 -34.98 -12.73
N PHE B 728 46.58 -34.05 -12.87
CA PHE B 728 46.65 -33.05 -13.92
C PHE B 728 47.90 -32.19 -13.80
N SER B 729 48.13 -31.66 -12.60
CA SER B 729 49.29 -30.82 -12.36
C SER B 729 50.61 -31.55 -12.64
N LYS B 730 50.61 -32.85 -12.44
CA LYS B 730 51.79 -33.66 -12.72
C LYS B 730 52.01 -33.82 -14.22
N VAL B 731 50.92 -34.04 -14.96
CA VAL B 731 51.02 -34.19 -16.40
C VAL B 731 51.62 -32.95 -17.02
N VAL B 732 50.98 -31.81 -16.80
CA VAL B 732 51.46 -30.56 -17.38
C VAL B 732 52.76 -30.13 -16.71
N GLY B 733 53.04 -30.66 -15.53
CA GLY B 733 54.17 -30.23 -14.72
C GLY B 733 55.51 -30.70 -15.25
N VAL B 734 55.52 -31.90 -15.82
CA VAL B 734 56.74 -32.45 -16.39
C VAL B 734 57.21 -31.64 -17.60
N PHE B 735 56.28 -31.06 -18.35
CA PHE B 735 56.68 -30.32 -19.54
C PHE B 735 56.90 -28.84 -19.28
N THR B 736 56.92 -28.44 -18.01
CA THR B 736 57.18 -27.05 -17.64
C THR B 736 58.51 -26.91 -16.93
N ASN B 737 58.77 -27.80 -15.98
CA ASN B 737 60.05 -27.81 -15.28
C ASN B 737 61.17 -28.37 -16.16
N GLY B 738 60.80 -28.90 -17.32
CA GLY B 738 61.77 -29.41 -18.28
C GLY B 738 62.33 -30.77 -17.91
N GLY B 739 63.63 -30.80 -17.60
CA GLY B 739 64.32 -32.03 -17.30
C GLY B 739 64.72 -32.78 -18.56
N PRO B 740 65.24 -34.01 -18.39
CA PRO B 740 65.65 -34.85 -19.52
C PRO B 740 64.46 -35.32 -20.34
N PRO B 741 64.42 -34.96 -21.64
CA PRO B 741 63.33 -35.30 -22.57
C PRO B 741 63.00 -36.79 -22.66
N GLU B 742 64.00 -37.65 -22.51
CA GLU B 742 63.76 -39.09 -22.52
C GLU B 742 62.82 -39.51 -21.38
N THR B 743 62.97 -38.83 -20.25
CA THR B 743 62.15 -39.09 -19.07
C THR B 743 60.81 -38.36 -19.14
N GLN B 744 60.57 -37.63 -20.22
CA GLN B 744 59.28 -36.94 -20.35
C GLN B 744 58.16 -37.91 -20.64
N ARG B 745 58.22 -38.59 -21.79
CA ARG B 745 57.18 -39.53 -22.18
C ARG B 745 56.94 -40.57 -21.08
N GLN B 746 58.02 -41.09 -20.51
CA GLN B 746 57.97 -42.03 -19.39
C GLN B 746 57.06 -41.53 -18.28
N ASN B 747 57.23 -40.27 -17.88
CA ASN B 747 56.33 -39.68 -16.91
C ASN B 747 54.92 -39.51 -17.47
N SER B 748 54.85 -38.97 -18.68
CA SER B 748 53.56 -38.71 -19.33
C SER B 748 52.69 -39.95 -19.29
N ASN B 749 53.11 -40.99 -19.99
CA ASN B 749 52.34 -42.24 -20.04
C ASN B 749 52.04 -42.87 -18.68
N LEU B 750 52.79 -42.46 -17.64
CA LEU B 750 52.43 -42.86 -16.28
C LEU B 750 51.16 -42.14 -15.84
N PHE B 751 51.21 -40.82 -15.84
CA PHE B 751 50.11 -40.04 -15.29
C PHE B 751 48.84 -40.19 -16.10
N SER B 752 49.01 -40.24 -17.41
CA SER B 752 47.90 -40.51 -18.32
C SER B 752 47.23 -41.83 -17.95
N LEU B 753 48.03 -42.78 -17.50
CA LEU B 753 47.49 -44.04 -17.01
C LEU B 753 46.94 -43.82 -15.61
N LEU B 754 47.70 -43.07 -14.82
CA LEU B 754 47.39 -42.86 -13.41
C LEU B 754 45.93 -42.48 -13.17
N PHE B 755 45.53 -41.28 -13.58
CA PHE B 755 44.13 -40.89 -13.36
C PHE B 755 43.12 -41.70 -14.19
N LEU B 756 43.60 -42.41 -15.22
CA LEU B 756 42.73 -43.36 -15.91
C LEU B 756 42.24 -44.34 -14.85
N ILE B 757 43.16 -44.87 -14.06
CA ILE B 757 42.82 -45.77 -12.96
C ILE B 757 41.90 -45.09 -11.95
N LEU B 758 42.10 -43.79 -11.76
CA LEU B 758 41.26 -43.01 -10.86
C LEU B 758 39.82 -43.07 -11.36
N GLY B 759 39.67 -42.94 -12.67
CA GLY B 759 38.36 -43.05 -13.28
C GLY B 759 37.73 -44.39 -12.95
N ILE B 760 38.55 -45.44 -12.97
CA ILE B 760 38.06 -46.77 -12.64
C ILE B 760 37.49 -46.77 -11.24
N ILE B 761 38.22 -46.12 -10.34
CA ILE B 761 37.78 -45.99 -8.95
C ILE B 761 36.43 -45.29 -8.91
N SER B 762 36.27 -44.27 -9.74
CA SER B 762 35.01 -43.54 -9.82
C SER B 762 33.87 -44.45 -10.24
N PHE B 763 34.17 -45.45 -11.07
CA PHE B 763 33.14 -46.37 -11.54
C PHE B 763 32.76 -47.37 -10.46
N ILE B 764 33.61 -47.52 -9.44
CA ILE B 764 33.31 -48.48 -8.39
C ILE B 764 32.48 -47.81 -7.31
N THR B 765 32.91 -46.62 -6.90
CA THR B 765 32.22 -45.84 -5.89
C THR B 765 30.72 -45.75 -6.18
N PHE B 766 30.35 -45.26 -7.35
CA PHE B 766 28.94 -45.17 -7.73
C PHE B 766 28.26 -46.53 -7.81
N PHE B 767 28.98 -47.54 -8.27
CA PHE B 767 28.40 -48.87 -8.36
C PHE B 767 28.15 -49.37 -6.96
N LEU B 768 28.92 -48.83 -6.01
CA LEU B 768 28.78 -49.18 -4.61
C LEU B 768 27.72 -48.29 -3.94
N GLN B 769 27.81 -46.99 -4.19
CA GLN B 769 26.91 -46.01 -3.58
C GLN B 769 25.43 -46.32 -3.81
N GLY B 770 25.11 -46.72 -5.03
CA GLY B 770 23.75 -47.09 -5.39
C GLY B 770 23.24 -48.31 -4.65
N PHE B 771 24.12 -49.24 -4.28
CA PHE B 771 23.67 -50.38 -3.49
C PHE B 771 23.52 -49.97 -2.04
N THR B 772 24.11 -48.84 -1.69
CA THR B 772 24.04 -48.33 -0.32
C THR B 772 22.92 -47.33 -0.11
N PHE B 773 23.17 -46.08 -0.50
CA PHE B 773 22.20 -45.01 -0.29
C PHE B 773 20.99 -45.17 -1.20
N GLY B 774 21.17 -45.93 -2.28
CA GLY B 774 20.10 -46.18 -3.21
C GLY B 774 19.01 -47.04 -2.62
N LYS B 775 19.37 -48.23 -2.14
CA LYS B 775 18.39 -49.15 -1.56
C LYS B 775 17.74 -48.57 -0.31
N ALA B 776 18.55 -47.92 0.52
CA ALA B 776 18.10 -47.35 1.79
C ALA B 776 16.78 -46.63 1.62
N GLY B 777 16.84 -45.48 0.96
CA GLY B 777 15.66 -44.68 0.69
C GLY B 777 14.47 -45.43 0.13
N GLU B 778 14.73 -46.49 -0.64
CA GLU B 778 13.64 -47.31 -1.18
C GLU B 778 12.98 -48.15 -0.08
N ILE B 779 13.77 -48.87 0.70
CA ILE B 779 13.25 -49.57 1.87
C ILE B 779 12.51 -48.55 2.73
N LEU B 780 13.24 -47.51 3.14
CA LEU B 780 12.68 -46.33 3.79
C LEU B 780 11.36 -45.92 3.19
N THR B 781 11.27 -45.89 1.86
CA THR B 781 10.02 -45.52 1.23
C THR B 781 8.94 -46.52 1.59
N LYS B 782 9.13 -47.78 1.15
CA LYS B 782 8.13 -48.84 1.39
C LYS B 782 7.62 -48.80 2.82
N ARG B 783 8.50 -49.15 3.76
CA ARG B 783 8.19 -49.08 5.19
C ARG B 783 7.42 -47.80 5.57
N LEU B 784 7.95 -46.64 5.20
CA LEU B 784 7.28 -45.37 5.50
C LEU B 784 5.83 -45.43 5.05
N ARG B 785 5.64 -45.67 3.75
CA ARG B 785 4.31 -45.81 3.17
C ARG B 785 3.43 -46.62 4.10
N TYR B 786 3.89 -47.84 4.42
CA TYR B 786 3.15 -48.72 5.32
C TYR B 786 2.62 -47.96 6.52
N MET B 787 3.52 -47.49 7.39
CA MET B 787 3.07 -46.85 8.62
C MET B 787 2.17 -45.65 8.35
N VAL B 788 2.52 -44.86 7.33
CA VAL B 788 1.73 -43.72 6.94
C VAL B 788 0.27 -44.16 6.77
N PHE B 789 0.06 -45.16 5.90
CA PHE B 789 -1.28 -45.65 5.61
C PHE B 789 -1.95 -46.17 6.89
N LYS B 790 -1.19 -46.87 7.72
CA LYS B 790 -1.73 -47.38 8.96
C LYS B 790 -2.24 -46.20 9.75
N SER B 791 -1.38 -45.18 9.88
CA SER B 791 -1.74 -43.94 10.58
C SER B 791 -3.01 -43.34 9.99
N MET B 792 -3.14 -43.42 8.67
CA MET B 792 -4.31 -42.85 8.00
C MET B 792 -5.57 -43.57 8.46
N LEU B 793 -5.49 -44.89 8.57
CA LEU B 793 -6.60 -45.69 9.07
C LEU B 793 -6.81 -45.41 10.55
N ARG B 794 -5.74 -45.07 11.25
CA ARG B 794 -5.82 -44.79 12.69
C ARG B 794 -6.60 -43.52 12.97
N GLN B 795 -6.60 -42.60 12.01
CA GLN B 795 -7.30 -41.34 12.16
C GLN B 795 -8.81 -41.53 12.30
N ASP B 796 -9.48 -40.53 12.88
CA ASP B 796 -10.91 -40.61 13.10
C ASP B 796 -11.67 -39.96 11.96
N VAL B 797 -13.00 -39.93 12.08
CA VAL B 797 -13.86 -39.53 10.96
C VAL B 797 -13.81 -38.05 10.69
N SER B 798 -13.63 -37.26 11.75
CA SER B 798 -13.63 -35.81 11.63
C SER B 798 -12.38 -35.31 10.92
N TRP B 799 -11.33 -36.13 10.92
CA TRP B 799 -10.13 -35.81 10.16
C TRP B 799 -10.45 -35.93 8.68
N PHE B 800 -11.35 -36.87 8.35
CA PHE B 800 -11.74 -37.14 6.97
C PHE B 800 -12.78 -36.13 6.47
N ASP B 801 -13.46 -35.47 7.40
CA ASP B 801 -14.43 -34.43 7.07
C ASP B 801 -13.73 -33.08 6.79
N ASP B 802 -12.42 -33.02 7.04
CA ASP B 802 -11.62 -31.81 6.77
C ASP B 802 -11.38 -31.63 5.28
N PRO B 803 -11.72 -30.43 4.76
CA PRO B 803 -11.64 -30.11 3.33
C PRO B 803 -10.22 -30.14 2.76
N LYS B 804 -9.20 -30.30 3.61
CA LYS B 804 -7.82 -30.33 3.15
C LYS B 804 -7.34 -31.76 2.89
N ASN B 805 -8.14 -32.72 3.33
CA ASN B 805 -7.82 -34.13 3.15
C ASN B 805 -8.82 -34.84 2.25
N THR B 806 -8.54 -34.86 0.95
CA THR B 806 -9.38 -35.57 0.00
C THR B 806 -8.81 -36.95 -0.28
N THR B 807 -9.65 -37.85 -0.80
CA THR B 807 -9.24 -39.20 -1.14
C THR B 807 -8.11 -39.21 -2.17
N GLY B 808 -7.95 -38.08 -2.88
CA GLY B 808 -6.89 -37.94 -3.85
C GLY B 808 -5.64 -37.29 -3.27
N ALA B 809 -5.84 -36.29 -2.41
CA ALA B 809 -4.73 -35.58 -1.80
C ALA B 809 -3.97 -36.51 -0.87
N LEU B 810 -4.72 -37.37 -0.20
CA LEU B 810 -4.15 -38.31 0.75
C LEU B 810 -3.40 -39.44 0.05
N THR B 811 -3.99 -39.97 -1.03
CA THR B 811 -3.33 -40.99 -1.82
C THR B 811 -2.11 -40.37 -2.52
N THR B 812 -2.12 -39.04 -2.64
CA THR B 812 -1.01 -38.32 -3.26
C THR B 812 0.14 -38.07 -2.27
N ARG B 813 -0.20 -37.84 -1.01
CA ARG B 813 0.81 -37.79 0.04
C ARG B 813 1.46 -39.15 0.15
N LEU B 814 0.62 -40.19 0.14
CA LEU B 814 1.08 -41.57 0.26
C LEU B 814 1.93 -41.98 -0.94
N ALA B 815 1.59 -41.47 -2.12
CA ALA B 815 2.32 -41.81 -3.33
C ALA B 815 3.66 -41.09 -3.45
N ASN B 816 3.60 -39.76 -3.47
CA ASN B 816 4.76 -38.92 -3.76
C ASN B 816 5.64 -38.59 -2.55
N ASP B 817 5.08 -37.91 -1.55
CA ASP B 817 5.87 -37.44 -0.40
C ASP B 817 6.52 -38.57 0.38
N ALA B 818 6.02 -39.78 0.19
CA ALA B 818 6.56 -40.94 0.88
C ALA B 818 7.86 -41.44 0.25
N ALA B 819 8.04 -41.17 -1.05
CA ALA B 819 9.24 -41.59 -1.75
C ALA B 819 10.27 -40.47 -1.83
N GLN B 820 9.85 -39.25 -1.48
CA GLN B 820 10.71 -38.08 -1.54
C GLN B 820 11.48 -37.88 -0.23
N VAL B 821 11.04 -38.59 0.82
CA VAL B 821 11.69 -38.52 2.12
C VAL B 821 13.18 -38.88 2.03
N LYS B 822 13.48 -39.86 1.19
CA LYS B 822 14.85 -40.30 1.00
C LYS B 822 15.76 -39.15 0.60
N GLY B 823 15.19 -38.14 -0.05
CA GLY B 823 15.96 -36.99 -0.48
C GLY B 823 16.71 -36.29 0.65
N ALA B 824 16.14 -36.37 1.86
CA ALA B 824 16.73 -35.70 3.02
C ALA B 824 17.60 -36.64 3.83
N THR B 825 17.63 -37.91 3.43
CA THR B 825 18.39 -38.89 4.18
C THR B 825 19.73 -39.26 3.51
N GLY B 826 19.72 -40.35 2.76
CA GLY B 826 20.93 -40.88 2.17
C GLY B 826 21.62 -39.89 1.27
N SER B 827 20.83 -39.22 0.44
CA SER B 827 21.36 -38.30 -0.56
C SER B 827 22.07 -37.10 0.04
N ARG B 828 21.49 -36.53 1.09
CA ARG B 828 22.06 -35.35 1.72
C ARG B 828 23.38 -35.66 2.44
N LEU B 829 23.43 -36.82 3.09
CA LEU B 829 24.65 -37.29 3.72
C LEU B 829 25.75 -37.59 2.69
N ALA B 830 25.35 -38.26 1.60
CA ALA B 830 26.28 -38.58 0.51
C ALA B 830 26.92 -37.31 -0.03
N VAL B 831 26.10 -36.37 -0.48
CA VAL B 831 26.62 -35.14 -1.06
C VAL B 831 27.42 -34.29 -0.07
N ILE B 832 26.98 -34.26 1.19
CA ILE B 832 27.69 -33.45 2.18
C ILE B 832 29.07 -34.04 2.46
N PHE B 833 29.16 -35.37 2.50
CA PHE B 833 30.45 -36.01 2.77
C PHE B 833 31.38 -35.90 1.57
N GLN B 834 30.84 -36.07 0.37
CA GLN B 834 31.64 -35.90 -0.84
C GLN B 834 32.18 -34.48 -0.90
N ASN B 835 31.35 -33.51 -0.52
CA ASN B 835 31.78 -32.12 -0.54
C ASN B 835 32.83 -31.75 0.50
N ILE B 836 32.63 -32.12 1.76
CA ILE B 836 33.64 -31.82 2.78
C ILE B 836 34.93 -32.60 2.51
N ALA B 837 34.80 -33.77 1.90
CA ALA B 837 35.97 -34.55 1.52
C ALA B 837 36.75 -33.79 0.46
N ASN B 838 36.06 -33.42 -0.62
CA ASN B 838 36.67 -32.67 -1.71
C ASN B 838 37.35 -31.40 -1.21
N LEU B 839 36.58 -30.55 -0.54
CA LEU B 839 37.10 -29.26 -0.12
C LEU B 839 38.18 -29.40 0.96
N GLY B 840 38.12 -30.50 1.71
CA GLY B 840 39.08 -30.77 2.77
C GLY B 840 40.43 -31.22 2.26
N THR B 841 40.43 -32.36 1.56
CA THR B 841 41.64 -32.87 0.90
C THR B 841 42.24 -31.77 0.02
N GLY B 842 41.39 -31.13 -0.77
CA GLY B 842 41.79 -30.01 -1.60
C GLY B 842 42.50 -28.91 -0.81
N ILE B 843 41.90 -28.46 0.28
CA ILE B 843 42.48 -27.35 1.05
C ILE B 843 43.77 -27.74 1.79
N ILE B 844 43.87 -28.99 2.23
CA ILE B 844 45.06 -29.44 2.95
C ILE B 844 46.23 -29.64 2.01
N ILE B 845 45.94 -30.18 0.83
CA ILE B 845 46.96 -30.36 -0.19
C ILE B 845 47.44 -29.01 -0.72
N SER B 846 46.49 -28.16 -1.13
CA SER B 846 46.82 -26.80 -1.52
C SER B 846 47.62 -26.08 -0.43
N LEU B 847 47.38 -26.44 0.83
CA LEU B 847 48.19 -25.90 1.92
C LEU B 847 49.61 -26.43 1.94
N ILE B 848 49.76 -27.72 1.68
CA ILE B 848 51.08 -28.35 1.67
C ILE B 848 51.95 -27.76 0.57
N TYR B 849 51.36 -27.57 -0.61
CA TYR B 849 52.16 -27.06 -1.73
C TYR B 849 52.15 -25.52 -1.87
N GLY B 850 51.71 -24.80 -0.84
CA GLY B 850 51.70 -23.35 -0.91
C GLY B 850 51.32 -22.65 0.37
N TRP B 851 52.29 -21.97 0.96
CA TRP B 851 52.00 -21.16 2.14
C TRP B 851 51.14 -19.96 1.74
N GLN B 852 51.71 -19.00 1.00
CA GLN B 852 51.07 -17.69 0.79
C GLN B 852 50.03 -17.67 -0.34
N LEU B 853 49.94 -18.77 -1.09
CA LEU B 853 48.96 -18.90 -2.16
C LEU B 853 47.65 -19.50 -1.64
N THR B 854 47.77 -20.52 -0.80
CA THR B 854 46.59 -21.16 -0.22
C THR B 854 45.82 -20.15 0.62
N LEU B 855 46.54 -19.32 1.38
CA LEU B 855 45.90 -18.33 2.23
C LEU B 855 45.23 -17.24 1.41
N LEU B 856 45.57 -17.18 0.11
CA LEU B 856 44.91 -16.25 -0.80
C LEU B 856 43.67 -16.89 -1.41
N LEU B 857 43.78 -18.15 -1.80
CA LEU B 857 42.66 -18.84 -2.43
C LEU B 857 41.53 -19.19 -1.44
N LEU B 858 41.87 -19.56 -0.21
CA LEU B 858 40.83 -19.83 0.78
C LEU B 858 40.24 -18.53 1.32
N ALA B 859 40.67 -17.42 0.76
CA ALA B 859 40.08 -16.12 1.06
C ALA B 859 39.21 -15.71 -0.11
N ILE B 860 39.79 -15.72 -1.31
CA ILE B 860 39.09 -15.33 -2.53
C ILE B 860 37.94 -16.28 -2.90
N VAL B 861 38.24 -17.57 -2.96
CA VAL B 861 37.25 -18.57 -3.37
C VAL B 861 35.98 -18.62 -2.51
N PRO B 862 36.09 -18.62 -1.16
CA PRO B 862 34.86 -18.56 -0.38
C PRO B 862 34.06 -17.29 -0.67
N ILE B 863 34.75 -16.22 -1.01
CA ILE B 863 34.12 -14.94 -1.28
C ILE B 863 33.32 -14.97 -2.59
N ILE B 864 33.76 -15.79 -3.53
CA ILE B 864 33.01 -16.00 -4.77
C ILE B 864 31.85 -16.96 -4.51
N ALA B 865 31.95 -17.74 -3.44
CA ALA B 865 30.91 -18.71 -3.10
C ALA B 865 29.76 -18.06 -2.33
N ILE B 866 30.10 -17.17 -1.40
CA ILE B 866 29.11 -16.38 -0.66
C ILE B 866 28.25 -15.55 -1.60
N ALA B 867 28.86 -14.93 -2.60
CA ALA B 867 28.13 -14.18 -3.62
C ALA B 867 27.45 -15.11 -4.61
N GLY B 868 27.67 -16.40 -4.45
CA GLY B 868 26.99 -17.41 -5.24
C GLY B 868 25.75 -17.88 -4.48
N VAL B 869 25.71 -17.51 -3.21
CA VAL B 869 24.56 -17.75 -2.34
C VAL B 869 23.60 -16.56 -2.38
N VAL B 870 24.14 -15.36 -2.25
CA VAL B 870 23.37 -14.13 -2.38
C VAL B 870 22.84 -13.97 -3.82
N GLU B 871 23.52 -14.61 -4.78
CA GLU B 871 23.08 -14.64 -6.16
C GLU B 871 21.70 -15.28 -6.27
N MET B 872 21.51 -16.38 -5.57
CA MET B 872 20.24 -17.12 -5.60
C MET B 872 19.36 -16.79 -4.39
N LYS B 873 19.72 -15.70 -3.70
CA LYS B 873 18.94 -15.18 -2.58
C LYS B 873 18.10 -13.99 -3.06
N MET B 874 18.75 -13.08 -3.77
CA MET B 874 18.10 -11.91 -4.34
C MET B 874 17.41 -12.26 -5.66
N LEU B 875 17.63 -13.49 -6.13
CA LEU B 875 17.00 -13.98 -7.36
C LEU B 875 15.62 -14.57 -7.05
N SER B 876 15.49 -15.17 -5.87
CA SER B 876 14.23 -15.78 -5.45
C SER B 876 13.53 -14.92 -4.41
N GLY B 877 14.26 -13.96 -3.86
CA GLY B 877 13.70 -13.02 -2.90
C GLY B 877 12.83 -11.97 -3.58
N GLN B 878 13.28 -11.49 -4.74
CA GLN B 878 12.57 -10.43 -5.47
C GLN B 878 11.59 -11.01 -6.51
N ALA B 879 11.91 -12.16 -7.07
CA ALA B 879 11.01 -12.82 -8.02
C ALA B 879 9.71 -13.23 -7.33
N LEU B 880 9.84 -13.70 -6.09
CA LEU B 880 8.69 -14.07 -5.28
C LEU B 880 7.98 -12.82 -4.78
N LYS B 881 8.76 -11.82 -4.37
CA LYS B 881 8.21 -10.53 -3.97
C LYS B 881 7.44 -9.88 -5.11
N ASP B 882 7.90 -10.13 -6.35
CA ASP B 882 7.23 -9.60 -7.53
C ASP B 882 5.87 -10.28 -7.76
N LYS B 883 5.82 -11.60 -7.58
CA LYS B 883 4.58 -12.35 -7.73
C LYS B 883 3.58 -11.97 -6.64
N LYS B 884 4.12 -11.72 -5.44
CA LYS B 884 3.30 -11.36 -4.30
C LYS B 884 2.86 -9.90 -4.34
N GLU B 885 3.56 -9.06 -5.10
CA GLU B 885 3.08 -7.69 -5.31
C GLU B 885 2.25 -7.69 -6.57
N LEU B 886 2.13 -8.86 -7.18
CA LEU B 886 1.29 -9.07 -8.36
C LEU B 886 -0.02 -9.71 -7.96
N GLU B 887 -0.20 -9.94 -6.67
CA GLU B 887 -1.45 -10.52 -6.16
C GLU B 887 -2.57 -9.50 -6.25
N GLY B 888 -2.20 -8.22 -6.27
CA GLY B 888 -3.16 -7.15 -6.42
C GLY B 888 -3.93 -7.26 -7.72
N SER B 889 -3.23 -7.66 -8.78
CA SER B 889 -3.88 -7.91 -10.04
C SER B 889 -4.61 -9.25 -9.98
N GLY B 890 -4.02 -10.21 -9.28
CA GLY B 890 -4.57 -11.54 -9.16
C GLY B 890 -5.96 -11.61 -8.56
N LYS B 891 -6.18 -10.87 -7.47
CA LYS B 891 -7.48 -10.83 -6.82
C LYS B 891 -8.53 -10.28 -7.78
N ILE B 892 -8.21 -9.16 -8.39
CA ILE B 892 -9.09 -8.54 -9.36
C ILE B 892 -9.46 -9.53 -10.46
N ALA B 893 -8.45 -10.10 -11.10
CA ALA B 893 -8.68 -11.03 -12.21
C ALA B 893 -9.57 -12.19 -11.79
N THR B 894 -9.23 -12.83 -10.68
CA THR B 894 -9.97 -14.01 -10.25
C THR B 894 -11.41 -13.68 -9.87
N GLU B 895 -11.61 -12.56 -9.19
CA GLU B 895 -12.95 -12.11 -8.83
C GLU B 895 -13.78 -11.82 -10.07
N ALA B 896 -13.16 -11.22 -11.08
CA ALA B 896 -13.87 -10.91 -12.32
C ALA B 896 -14.20 -12.16 -13.13
N ILE B 897 -13.33 -13.15 -13.08
CA ILE B 897 -13.50 -14.36 -13.88
C ILE B 897 -14.49 -15.34 -13.23
N GLU B 898 -14.32 -15.57 -11.94
CA GLU B 898 -15.18 -16.51 -11.21
C GLU B 898 -16.66 -16.11 -11.26
N ASN B 899 -16.93 -14.82 -11.38
CA ASN B 899 -18.31 -14.32 -11.37
C ASN B 899 -18.66 -13.63 -12.68
N PHE B 900 -18.10 -14.12 -13.77
CA PHE B 900 -18.27 -13.54 -15.10
C PHE B 900 -19.73 -13.45 -15.45
N ARG B 901 -20.47 -14.49 -15.12
CA ARG B 901 -21.90 -14.58 -15.43
C ARG B 901 -22.69 -13.41 -14.85
N THR B 902 -22.20 -12.86 -13.74
CA THR B 902 -22.84 -11.71 -13.13
C THR B 902 -22.28 -10.41 -13.72
N VAL B 903 -20.96 -10.37 -13.87
CA VAL B 903 -20.28 -9.24 -14.48
C VAL B 903 -20.83 -9.01 -15.86
N VAL B 904 -20.95 -10.08 -16.62
CA VAL B 904 -21.46 -10.00 -17.97
C VAL B 904 -22.95 -9.69 -17.96
N SER B 905 -23.61 -9.94 -16.82
CA SER B 905 -25.03 -9.63 -16.67
C SER B 905 -25.23 -8.13 -16.54
N LEU B 906 -24.31 -7.50 -15.83
CA LEU B 906 -24.15 -6.06 -15.94
C LEU B 906 -23.21 -5.79 -17.08
N THR B 907 -22.81 -4.53 -17.19
CA THR B 907 -21.73 -4.19 -18.07
C THR B 907 -20.62 -3.68 -17.18
N ARG B 908 -19.85 -4.60 -16.66
CA ARG B 908 -18.71 -4.27 -15.84
C ARG B 908 -17.47 -5.01 -16.32
N GLU B 909 -17.47 -5.39 -17.59
CA GLU B 909 -16.31 -6.03 -18.18
C GLU B 909 -15.18 -5.01 -18.29
N GLN B 910 -15.49 -3.85 -18.87
CA GLN B 910 -14.48 -2.83 -19.12
C GLN B 910 -13.88 -2.27 -17.84
N LYS B 911 -14.74 -2.03 -16.86
CA LYS B 911 -14.31 -1.53 -15.57
C LYS B 911 -13.37 -2.52 -14.87
N PHE B 912 -13.65 -3.81 -15.03
CA PHE B 912 -12.78 -4.83 -14.46
C PHE B 912 -11.44 -4.85 -15.18
N GLU B 913 -11.48 -4.73 -16.50
CA GLU B 913 -10.24 -4.67 -17.27
C GLU B 913 -9.39 -3.46 -16.82
N THR B 914 -10.06 -2.34 -16.53
CA THR B 914 -9.36 -1.12 -16.13
C THR B 914 -8.76 -1.27 -14.74
N MET B 915 -9.52 -1.85 -13.83
CA MET B 915 -9.00 -2.11 -12.49
C MET B 915 -7.77 -3.02 -12.57
N TYR B 916 -7.85 -4.02 -13.44
CA TYR B 916 -6.75 -4.94 -13.66
C TYR B 916 -5.50 -4.22 -14.17
N ALA B 917 -5.71 -3.36 -15.16
CA ALA B 917 -4.65 -2.54 -15.72
C ALA B 917 -3.96 -1.66 -14.68
N GLN B 918 -4.75 -0.94 -13.90
CA GLN B 918 -4.19 -0.04 -12.89
C GLN B 918 -3.49 -0.82 -11.81
N SER B 919 -3.98 -2.03 -11.57
CA SER B 919 -3.32 -2.93 -10.65
C SER B 919 -1.96 -3.33 -11.22
N LEU B 920 -1.86 -3.34 -12.55
CA LEU B 920 -0.61 -3.74 -13.20
C LEU B 920 0.46 -2.65 -13.31
N GLN B 921 0.07 -1.40 -13.06
CA GLN B 921 1.01 -0.29 -13.16
C GLN B 921 2.20 -0.44 -12.21
N ILE B 922 1.96 -1.11 -11.09
CA ILE B 922 2.99 -1.23 -10.05
C ILE B 922 4.07 -2.28 -10.34
N PRO B 923 3.67 -3.51 -10.70
CA PRO B 923 4.73 -4.51 -10.95
C PRO B 923 5.47 -4.33 -12.28
N TYR B 924 4.94 -3.47 -13.14
CA TYR B 924 5.60 -3.18 -14.42
C TYR B 924 6.49 -1.94 -14.32
N ARG B 925 6.16 -1.05 -13.39
CA ARG B 925 6.95 0.15 -13.21
C ARG B 925 8.34 -0.23 -12.69
N ASN B 926 8.36 -1.10 -11.67
CA ASN B 926 9.60 -1.54 -11.07
C ASN B 926 10.32 -2.63 -11.86
N ALA B 927 9.74 -3.01 -13.00
CA ALA B 927 10.36 -4.02 -13.85
C ALA B 927 11.69 -3.51 -14.42
N MET B 928 11.75 -2.21 -14.64
CA MET B 928 12.99 -1.54 -15.07
C MET B 928 14.10 -1.81 -14.06
N LYS B 929 13.80 -1.48 -12.81
CA LYS B 929 14.75 -1.65 -11.71
C LYS B 929 15.07 -3.14 -11.50
N LYS B 930 14.06 -3.97 -11.67
CA LYS B 930 14.20 -5.42 -11.63
C LYS B 930 15.28 -5.89 -12.61
N ALA B 931 15.12 -5.52 -13.88
CA ALA B 931 16.08 -5.88 -14.93
C ALA B 931 17.48 -5.35 -14.64
N HIS B 932 17.58 -4.09 -14.23
CA HIS B 932 18.89 -3.55 -13.81
C HIS B 932 19.54 -4.44 -12.77
N VAL B 933 18.76 -4.83 -11.76
CA VAL B 933 19.27 -5.67 -10.67
C VAL B 933 19.80 -7.00 -11.17
N PHE B 934 18.98 -7.69 -11.95
CA PHE B 934 19.39 -8.96 -12.55
C PHE B 934 20.71 -8.79 -13.30
N GLY B 935 20.79 -7.73 -14.09
CA GLY B 935 22.00 -7.39 -14.82
C GLY B 935 23.24 -7.32 -13.93
N ILE B 936 23.26 -6.35 -13.03
CA ILE B 936 24.44 -6.16 -12.19
C ILE B 936 24.78 -7.39 -11.35
N THR B 937 23.78 -8.12 -10.88
CA THR B 937 24.09 -9.31 -10.11
C THR B 937 24.76 -10.41 -10.95
N PHE B 938 24.21 -10.66 -12.12
CA PHE B 938 24.76 -11.67 -13.01
C PHE B 938 26.19 -11.33 -13.39
N SER B 939 26.39 -10.05 -13.73
CA SER B 939 27.71 -9.56 -14.11
C SER B 939 28.73 -9.64 -12.98
N PHE B 940 28.33 -9.25 -11.77
CA PHE B 940 29.24 -9.34 -10.64
C PHE B 940 29.54 -10.79 -10.31
N THR B 941 28.63 -11.67 -10.68
CA THR B 941 28.86 -13.11 -10.54
C THR B 941 29.93 -13.58 -11.51
N GLN B 942 29.83 -13.15 -12.76
CA GLN B 942 30.77 -13.61 -13.79
C GLN B 942 32.18 -12.99 -13.66
N ALA B 943 32.24 -11.66 -13.72
CA ALA B 943 33.52 -10.94 -13.75
C ALA B 943 34.43 -11.22 -12.55
N MET B 944 33.83 -11.50 -11.40
CA MET B 944 34.59 -11.83 -10.19
C MET B 944 35.31 -13.16 -10.39
N MET B 945 34.59 -14.10 -11.00
CA MET B 945 35.15 -15.41 -11.36
C MET B 945 36.28 -15.27 -12.39
N TYR B 946 36.18 -14.29 -13.27
CA TYR B 946 37.29 -14.02 -14.20
C TYR B 946 38.48 -13.38 -13.48
N PHE B 947 38.19 -12.61 -12.45
CA PHE B 947 39.25 -11.96 -11.69
C PHE B 947 40.01 -12.99 -10.85
N SER B 948 39.34 -14.09 -10.51
CA SER B 948 40.01 -15.17 -9.77
C SER B 948 41.32 -15.58 -10.44
N TYR B 949 41.24 -15.92 -11.71
CA TYR B 949 42.40 -16.33 -12.50
C TYR B 949 43.50 -15.28 -12.49
N ALA B 950 43.10 -14.03 -12.78
CA ALA B 950 44.04 -12.94 -12.86
C ALA B 950 44.79 -12.74 -11.55
N ALA B 951 44.09 -12.88 -10.43
CA ALA B 951 44.72 -12.74 -9.11
C ALA B 951 45.67 -13.90 -8.84
N CYS B 952 45.15 -15.12 -8.95
CA CYS B 952 45.92 -16.30 -8.58
C CYS B 952 47.17 -16.53 -9.44
N PHE B 953 47.07 -16.31 -10.75
CA PHE B 953 48.20 -16.56 -11.62
C PHE B 953 49.26 -15.47 -11.54
N ARG B 954 48.81 -14.23 -11.33
CA ARG B 954 49.75 -13.13 -11.12
C ARG B 954 50.52 -13.37 -9.83
N PHE B 955 49.80 -13.64 -8.73
CA PHE B 955 50.46 -13.83 -7.44
C PHE B 955 51.37 -15.06 -7.45
N GLY B 956 50.86 -16.15 -8.00
CA GLY B 956 51.64 -17.37 -8.14
C GLY B 956 52.92 -17.09 -8.91
N ALA B 957 52.79 -16.39 -10.03
CA ALA B 957 53.95 -15.99 -10.82
C ALA B 957 54.93 -15.23 -9.95
N TYR B 958 54.46 -14.14 -9.34
CA TYR B 958 55.24 -13.35 -8.39
C TYR B 958 56.04 -14.25 -7.46
N LEU B 959 55.40 -15.29 -6.93
CA LEU B 959 56.08 -16.24 -6.06
C LEU B 959 57.22 -16.91 -6.81
N VAL B 960 56.88 -17.60 -7.89
CA VAL B 960 57.84 -18.42 -8.62
C VAL B 960 59.06 -17.65 -9.17
N THR B 961 58.82 -16.48 -9.75
CA THR B 961 59.88 -15.62 -10.29
C THR B 961 60.97 -15.40 -9.25
N GLN B 962 60.55 -14.89 -8.10
CA GLN B 962 61.46 -14.63 -7.01
C GLN B 962 61.95 -15.92 -6.39
N GLN B 963 61.43 -16.27 -5.23
CA GLN B 963 61.92 -17.44 -4.53
C GLN B 963 60.83 -18.48 -4.39
N LEU B 964 60.95 -19.36 -3.40
CA LEU B 964 59.93 -20.35 -3.10
C LEU B 964 59.61 -21.29 -4.26
N MET B 965 58.32 -21.39 -4.60
CA MET B 965 57.81 -22.45 -5.47
C MET B 965 56.63 -21.92 -6.33
N THR B 966 56.30 -22.54 -7.47
CA THR B 966 56.94 -23.76 -8.02
C THR B 966 57.42 -23.65 -9.49
N PHE B 967 56.55 -23.48 -10.50
CA PHE B 967 55.13 -23.07 -10.42
C PHE B 967 54.13 -24.22 -10.54
N GLU B 968 54.63 -25.41 -10.86
CA GLU B 968 53.79 -26.62 -11.02
C GLU B 968 52.72 -26.77 -9.92
N ASN B 969 53.18 -26.68 -8.68
CA ASN B 969 52.30 -26.86 -7.52
C ASN B 969 51.42 -25.64 -7.25
N VAL B 970 51.75 -24.53 -7.89
CA VAL B 970 50.88 -23.35 -7.84
C VAL B 970 49.62 -23.62 -8.67
N LEU B 971 49.79 -24.18 -9.86
CA LEU B 971 48.68 -24.65 -10.67
C LEU B 971 47.94 -25.77 -9.94
N LEU B 972 48.70 -26.62 -9.25
CA LEU B 972 48.07 -27.66 -8.41
C LEU B 972 47.11 -27.03 -7.42
N VAL B 973 47.60 -26.09 -6.63
CA VAL B 973 46.76 -25.38 -5.65
C VAL B 973 45.53 -24.76 -6.32
N PHE B 974 45.76 -24.09 -7.45
CA PHE B 974 44.68 -23.44 -8.19
C PHE B 974 43.55 -24.40 -8.55
N SER B 975 43.86 -25.40 -9.38
CA SER B 975 42.83 -26.36 -9.78
C SER B 975 42.33 -27.19 -8.60
N ALA B 976 43.05 -27.18 -7.48
CA ALA B 976 42.63 -27.94 -6.31
C ALA B 976 41.51 -27.22 -5.61
N ILE B 977 41.74 -25.96 -5.28
CA ILE B 977 40.77 -25.15 -4.55
C ILE B 977 39.62 -24.68 -5.43
N VAL B 978 39.94 -24.12 -6.59
CA VAL B 978 38.90 -23.64 -7.50
C VAL B 978 37.95 -24.77 -7.90
N PHE B 979 38.50 -25.87 -8.39
CA PHE B 979 37.66 -26.98 -8.86
C PHE B 979 37.13 -27.74 -7.66
N GLY B 980 37.77 -27.51 -6.52
CA GLY B 980 37.30 -28.04 -5.26
C GLY B 980 36.00 -27.37 -4.88
N ALA B 981 35.89 -26.09 -5.18
CA ALA B 981 34.71 -25.33 -4.86
C ALA B 981 33.64 -25.54 -5.93
N MET B 982 34.07 -25.76 -7.16
CA MET B 982 33.14 -25.92 -8.27
C MET B 982 32.52 -27.33 -8.31
N ALA B 983 33.32 -28.34 -7.98
CA ALA B 983 32.82 -29.71 -7.87
C ALA B 983 31.78 -29.82 -6.77
N VAL B 984 31.88 -28.94 -5.78
CA VAL B 984 30.85 -28.86 -4.74
C VAL B 984 29.52 -28.39 -5.33
N GLY B 985 29.59 -27.38 -6.19
CA GLY B 985 28.41 -26.88 -6.88
C GLY B 985 27.82 -27.93 -7.80
N GLN B 986 28.68 -28.68 -8.49
CA GLN B 986 28.25 -29.76 -9.38
C GLN B 986 27.63 -30.93 -8.61
N VAL B 987 28.13 -31.18 -7.41
CA VAL B 987 27.57 -32.21 -6.54
C VAL B 987 26.22 -31.75 -5.95
N SER B 988 26.07 -30.44 -5.82
CA SER B 988 24.82 -29.84 -5.34
C SER B 988 23.64 -30.06 -6.31
N SER B 989 23.95 -30.51 -7.53
CA SER B 989 22.93 -30.74 -8.54
C SER B 989 22.58 -32.22 -8.68
N PHE B 990 23.26 -33.06 -7.92
CA PHE B 990 23.01 -34.50 -7.96
C PHE B 990 21.79 -34.88 -7.13
N ALA B 991 21.87 -34.68 -5.82
CA ALA B 991 20.76 -34.98 -4.93
C ALA B 991 19.57 -34.07 -5.24
N PRO B 992 18.34 -34.59 -5.11
CA PRO B 992 17.10 -33.83 -5.30
C PRO B 992 17.00 -32.63 -4.36
N ASP B 993 15.94 -31.84 -4.51
CA ASP B 993 15.79 -30.63 -3.72
C ASP B 993 15.55 -30.93 -2.25
N TYR B 994 16.49 -30.53 -1.40
CA TYR B 994 16.42 -30.80 0.02
C TYR B 994 15.26 -30.05 0.67
N ALA B 995 14.90 -28.90 0.11
CA ALA B 995 13.77 -28.13 0.63
C ALA B 995 12.46 -28.90 0.41
N LYS B 996 12.22 -29.29 -0.83
CA LYS B 996 11.03 -30.04 -1.20
C LYS B 996 10.94 -31.35 -0.43
N ALA B 997 12.08 -32.04 -0.32
CA ALA B 997 12.16 -33.28 0.43
C ALA B 997 11.86 -33.06 1.91
N THR B 998 12.35 -31.95 2.46
CA THR B 998 12.15 -31.62 3.87
C THR B 998 10.69 -31.25 4.18
N VAL B 999 10.03 -30.56 3.26
CA VAL B 999 8.61 -30.25 3.44
C VAL B 999 7.80 -31.55 3.35
N SER B 1000 8.00 -32.27 2.23
CA SER B 1000 7.30 -33.53 1.96
C SER B 1000 7.56 -34.60 3.01
N ALA B 1001 8.61 -34.40 3.81
CA ALA B 1001 8.89 -35.30 4.92
C ALA B 1001 8.29 -34.77 6.21
N SER B 1002 8.32 -33.46 6.40
CA SER B 1002 7.72 -32.84 7.58
C SER B 1002 6.26 -33.21 7.68
N HIS B 1003 5.58 -33.18 6.54
CA HIS B 1003 4.20 -33.66 6.46
C HIS B 1003 4.06 -35.09 7.02
N ILE B 1004 4.91 -36.00 6.54
CA ILE B 1004 4.87 -37.41 6.95
C ILE B 1004 5.10 -37.55 8.46
N ILE B 1005 6.19 -36.95 8.93
CA ILE B 1005 6.55 -36.95 10.35
C ILE B 1005 5.37 -36.49 11.21
N ARG B 1006 4.64 -35.47 10.74
CA ARG B 1006 3.48 -34.98 11.48
C ARG B 1006 2.31 -35.97 11.45
N ILE B 1007 2.12 -36.61 10.30
CA ILE B 1007 1.00 -37.56 10.12
C ILE B 1007 1.12 -38.84 10.95
N ILE B 1008 2.31 -39.44 10.96
CA ILE B 1008 2.50 -40.68 11.68
C ILE B 1008 2.40 -40.48 13.20
N GLU B 1009 2.99 -39.38 13.69
CA GLU B 1009 3.00 -39.07 15.12
C GLU B 1009 1.73 -38.34 15.58
N LYS B 1010 0.74 -38.26 14.70
CA LYS B 1010 -0.55 -37.66 15.03
C LYS B 1010 -1.41 -38.62 15.85
N THR B 1011 -1.83 -38.18 17.02
CA THR B 1011 -2.72 -38.99 17.85
C THR B 1011 -4.13 -38.43 17.80
N PRO B 1012 -5.11 -39.27 17.43
CA PRO B 1012 -6.51 -38.86 17.26
C PRO B 1012 -7.25 -38.76 18.60
N GLU B 1013 -8.46 -38.19 18.58
CA GLU B 1013 -9.28 -38.14 19.78
C GLU B 1013 -9.75 -39.54 20.12
N ILE B 1014 -10.61 -40.08 19.27
CA ILE B 1014 -10.99 -41.49 19.36
C ILE B 1014 -9.96 -42.32 18.59
N ASP B 1015 -9.73 -43.54 19.04
CA ASP B 1015 -8.70 -44.38 18.44
C ASP B 1015 -9.14 -45.82 18.31
N SER B 1016 -9.22 -46.31 17.08
CA SER B 1016 -9.80 -47.62 16.80
C SER B 1016 -8.83 -48.79 17.06
N TYR B 1017 -7.74 -48.51 17.73
CA TYR B 1017 -6.72 -49.51 18.02
C TYR B 1017 -6.62 -49.75 19.54
N SER B 1018 -7.11 -48.78 20.31
CA SER B 1018 -6.97 -48.76 21.77
C SER B 1018 -7.73 -49.87 22.49
N THR B 1019 -7.01 -50.69 23.22
CA THR B 1019 -7.62 -51.76 24.00
C THR B 1019 -6.78 -52.12 25.23
N GLN B 1020 -7.31 -52.01 26.45
CA GLN B 1020 -8.65 -51.50 26.83
C GLN B 1020 -9.91 -52.25 26.33
N GLY B 1021 -11.08 -51.76 26.72
CA GLY B 1021 -12.33 -52.47 26.50
C GLY B 1021 -12.99 -52.79 27.82
N LEU B 1022 -14.14 -53.44 27.80
CA LEU B 1022 -14.84 -53.74 29.06
C LEU B 1022 -15.78 -54.95 29.09
N LYS B 1023 -16.89 -54.90 28.35
CA LYS B 1023 -18.02 -55.81 28.54
C LYS B 1023 -17.91 -57.15 27.81
N PRO B 1024 -17.69 -58.23 28.56
CA PRO B 1024 -17.49 -59.59 28.02
C PRO B 1024 -18.80 -60.37 27.89
N ASN B 1025 -19.76 -60.09 28.77
CA ASN B 1025 -20.97 -60.88 28.86
C ASN B 1025 -22.15 -60.27 28.09
N MET B 1026 -22.83 -59.31 28.75
CA MET B 1026 -24.10 -58.74 28.31
C MET B 1026 -24.20 -58.50 26.81
N LEU B 1027 -25.18 -59.16 26.20
CA LEU B 1027 -25.35 -59.10 24.75
C LEU B 1027 -26.60 -58.28 24.40
N GLU B 1028 -27.44 -58.02 25.41
CA GLU B 1028 -28.80 -57.49 25.21
C GLU B 1028 -29.04 -56.56 24.02
N GLY B 1029 -28.36 -55.41 24.02
CA GLY B 1029 -28.45 -54.48 22.91
C GLY B 1029 -29.58 -53.49 23.04
N ASN B 1030 -29.46 -52.58 24.01
CA ASN B 1030 -30.43 -51.50 24.21
C ASN B 1030 -29.84 -50.12 24.00
N VAL B 1031 -30.03 -49.57 22.81
CA VAL B 1031 -29.54 -48.25 22.49
C VAL B 1031 -30.37 -47.20 23.21
N GLN B 1032 -29.70 -46.20 23.77
CA GLN B 1032 -30.40 -45.09 24.42
C GLN B 1032 -29.61 -43.78 24.36
N PHE B 1033 -30.04 -42.86 23.52
CA PHE B 1033 -29.46 -41.54 23.43
C PHE B 1033 -30.14 -40.60 24.43
N SER B 1034 -29.36 -40.01 25.33
CA SER B 1034 -29.91 -39.13 26.37
C SER B 1034 -29.19 -37.79 26.39
N GLY B 1035 -29.93 -36.71 26.08
CA GLY B 1035 -29.41 -35.36 26.16
C GLY B 1035 -28.22 -35.10 25.27
N VAL B 1036 -28.12 -35.89 24.20
CA VAL B 1036 -26.98 -35.82 23.30
C VAL B 1036 -27.01 -34.58 22.38
N VAL B 1037 -26.19 -33.59 22.72
CA VAL B 1037 -25.98 -32.44 21.86
C VAL B 1037 -24.67 -32.58 21.10
N PHE B 1038 -24.73 -32.46 19.78
CA PHE B 1038 -23.57 -32.67 18.93
C PHE B 1038 -23.44 -31.59 17.85
N ASN B 1039 -22.19 -31.28 17.49
CA ASN B 1039 -21.90 -30.35 16.41
C ASN B 1039 -20.70 -30.84 15.60
N TYR B 1040 -20.84 -30.82 14.28
CA TYR B 1040 -19.75 -31.24 13.38
C TYR B 1040 -18.51 -30.37 13.51
N PRO B 1041 -17.36 -31.02 13.72
CA PRO B 1041 -16.05 -30.38 13.91
C PRO B 1041 -15.65 -29.46 12.76
N THR B 1042 -16.21 -29.72 11.58
CA THR B 1042 -15.97 -28.86 10.42
C THR B 1042 -16.95 -27.70 10.40
N ARG B 1043 -16.41 -26.50 10.64
CA ARG B 1043 -17.21 -25.27 10.72
C ARG B 1043 -18.34 -25.41 11.75
N PRO B 1044 -18.01 -25.23 13.04
CA PRO B 1044 -18.95 -25.40 14.15
C PRO B 1044 -20.05 -24.34 14.16
N SER B 1045 -20.75 -24.20 13.04
CA SER B 1045 -21.76 -23.15 12.90
C SER B 1045 -23.07 -23.59 13.53
N ILE B 1046 -23.85 -24.35 12.78
CA ILE B 1046 -25.16 -24.77 13.24
C ILE B 1046 -25.15 -26.24 13.67
N PRO B 1047 -25.17 -26.50 14.98
CA PRO B 1047 -25.18 -27.87 15.51
C PRO B 1047 -26.40 -28.64 15.04
N VAL B 1048 -26.23 -29.93 14.77
CA VAL B 1048 -27.32 -30.74 14.26
C VAL B 1048 -28.26 -31.19 15.38
N LEU B 1049 -27.70 -31.68 16.47
CA LEU B 1049 -28.50 -32.13 17.61
C LEU B 1049 -28.48 -31.11 18.74
N GLN B 1050 -29.66 -30.76 19.23
CA GLN B 1050 -29.78 -29.79 20.31
C GLN B 1050 -30.10 -30.48 21.63
N GLY B 1051 -29.49 -31.65 21.85
CA GLY B 1051 -29.69 -32.40 23.07
C GLY B 1051 -30.91 -33.30 23.03
N LEU B 1052 -31.36 -33.62 21.82
CA LEU B 1052 -32.50 -34.52 21.64
C LEU B 1052 -32.21 -35.88 22.26
N SER B 1053 -33.26 -36.61 22.62
CA SER B 1053 -33.07 -37.91 23.26
C SER B 1053 -34.13 -38.92 22.85
N LEU B 1054 -33.71 -40.16 22.71
CA LEU B 1054 -34.61 -41.26 22.36
C LEU B 1054 -34.03 -42.59 22.80
N GLU B 1055 -34.78 -43.67 22.63
CA GLU B 1055 -34.33 -44.99 23.04
C GLU B 1055 -35.06 -46.10 22.31
N VAL B 1056 -34.45 -47.28 22.29
CA VAL B 1056 -35.05 -48.46 21.69
C VAL B 1056 -34.62 -49.69 22.49
N LYS B 1057 -35.55 -50.61 22.74
CA LYS B 1057 -35.21 -51.82 23.47
C LYS B 1057 -35.00 -52.96 22.49
N LYS B 1058 -34.95 -54.19 23.00
CA LYS B 1058 -34.60 -55.35 22.18
C LYS B 1058 -35.77 -55.84 21.32
N GLY B 1059 -35.47 -56.18 20.07
CA GLY B 1059 -36.46 -56.76 19.17
C GLY B 1059 -37.24 -55.72 18.40
N GLN B 1060 -37.68 -54.68 19.11
CA GLN B 1060 -38.44 -53.58 18.53
C GLN B 1060 -37.60 -52.78 17.53
N THR B 1061 -38.28 -52.16 16.58
CA THR B 1061 -37.61 -51.42 15.50
C THR B 1061 -38.04 -49.96 15.49
N LEU B 1062 -37.10 -49.06 15.77
CA LEU B 1062 -37.36 -47.63 15.78
C LEU B 1062 -37.34 -47.08 14.35
N ALA B 1063 -38.03 -45.96 14.13
CA ALA B 1063 -37.98 -45.29 12.84
C ALA B 1063 -37.62 -43.84 13.06
N LEU B 1064 -37.03 -43.21 12.05
CA LEU B 1064 -36.63 -41.81 12.18
C LEU B 1064 -37.18 -40.94 11.07
N VAL B 1065 -37.81 -39.84 11.45
CA VAL B 1065 -38.41 -38.92 10.49
C VAL B 1065 -38.13 -37.46 10.81
N GLY B 1066 -37.87 -36.69 9.76
CA GLY B 1066 -37.55 -35.27 9.88
C GLY B 1066 -37.32 -34.66 8.51
N SER B 1067 -36.52 -33.59 8.48
CA SER B 1067 -36.22 -32.90 7.22
C SER B 1067 -34.86 -33.32 6.65
N SER B 1068 -34.85 -33.70 5.37
CA SER B 1068 -33.64 -34.11 4.66
C SER B 1068 -32.83 -35.21 5.36
N GLY B 1069 -31.55 -35.31 5.00
CA GLY B 1069 -30.64 -36.25 5.64
C GLY B 1069 -29.94 -35.63 6.83
N CYS B 1070 -30.56 -34.62 7.44
CA CYS B 1070 -29.98 -33.90 8.56
C CYS B 1070 -30.53 -34.40 9.90
N GLY B 1071 -29.68 -35.04 10.68
CA GLY B 1071 -30.09 -35.55 11.97
C GLY B 1071 -30.33 -37.05 11.97
N LYS B 1072 -30.99 -37.54 10.92
CA LYS B 1072 -31.31 -38.95 10.79
C LYS B 1072 -30.04 -39.81 10.73
N SER B 1073 -29.09 -39.39 9.92
CA SER B 1073 -27.85 -40.12 9.73
C SER B 1073 -26.89 -39.91 10.89
N THR B 1074 -27.01 -38.75 11.55
CA THR B 1074 -26.15 -38.42 12.69
C THR B 1074 -26.35 -39.41 13.85
N VAL B 1075 -27.58 -39.89 14.02
CA VAL B 1075 -27.88 -40.93 14.99
C VAL B 1075 -27.00 -42.15 14.73
N VAL B 1076 -27.14 -42.72 13.54
CA VAL B 1076 -26.39 -43.90 13.13
C VAL B 1076 -24.89 -43.64 13.28
N GLN B 1077 -24.45 -42.44 12.93
CA GLN B 1077 -23.04 -42.06 13.04
C GLN B 1077 -22.56 -42.11 14.48
N LEU B 1078 -23.39 -41.63 15.40
CA LEU B 1078 -22.99 -41.56 16.80
C LEU B 1078 -23.03 -42.93 17.46
N LEU B 1079 -23.92 -43.79 17.00
CA LEU B 1079 -23.94 -45.17 17.49
C LEU B 1079 -22.77 -45.96 16.91
N GLU B 1080 -22.34 -45.57 15.72
CA GLU B 1080 -21.15 -46.18 15.10
C GLU B 1080 -19.89 -45.54 15.67
N ARG B 1081 -20.08 -44.56 16.55
CA ARG B 1081 -18.98 -43.83 17.18
C ARG B 1081 -18.09 -43.18 16.12
N PHE B 1082 -18.70 -42.38 15.25
CA PHE B 1082 -17.93 -41.62 14.27
C PHE B 1082 -17.56 -40.28 14.86
N TYR B 1083 -18.31 -39.88 15.89
CA TYR B 1083 -18.06 -38.64 16.59
C TYR B 1083 -18.48 -38.75 18.06
N ASP B 1084 -17.88 -37.91 18.89
CA ASP B 1084 -18.31 -37.78 20.28
C ASP B 1084 -19.17 -36.53 20.39
N PRO B 1085 -20.35 -36.67 21.01
CA PRO B 1085 -21.20 -35.49 21.24
C PRO B 1085 -20.49 -34.44 22.12
N MET B 1086 -20.93 -33.19 22.03
CA MET B 1086 -20.34 -32.12 22.82
C MET B 1086 -20.68 -32.29 24.30
N ALA B 1087 -21.96 -32.44 24.60
CA ALA B 1087 -22.41 -32.82 25.93
C ALA B 1087 -23.47 -33.90 25.82
N GLY B 1088 -23.98 -34.37 26.96
CA GLY B 1088 -24.92 -35.48 26.96
C GLY B 1088 -24.21 -36.79 26.68
N SER B 1089 -24.91 -37.90 26.90
CA SER B 1089 -24.29 -39.21 26.77
C SER B 1089 -25.18 -40.23 26.06
N VAL B 1090 -24.56 -41.28 25.55
CA VAL B 1090 -25.28 -42.35 24.87
C VAL B 1090 -25.00 -43.73 25.47
N PHE B 1091 -26.02 -44.33 26.08
CA PHE B 1091 -25.87 -45.61 26.77
C PHE B 1091 -26.21 -46.79 25.86
N LEU B 1092 -25.38 -47.82 25.94
CA LEU B 1092 -25.71 -49.13 25.39
C LEU B 1092 -25.75 -50.13 26.54
N ASP B 1093 -26.89 -50.78 26.71
CA ASP B 1093 -27.09 -51.72 27.81
C ASP B 1093 -26.86 -51.07 29.17
N GLY B 1094 -27.13 -49.77 29.24
CA GLY B 1094 -26.97 -49.03 30.49
C GLY B 1094 -25.59 -48.46 30.66
N LYS B 1095 -24.67 -48.86 29.78
CA LYS B 1095 -23.30 -48.36 29.84
C LYS B 1095 -23.02 -47.34 28.73
N GLU B 1096 -22.36 -46.25 29.10
CA GLU B 1096 -22.03 -45.17 28.17
C GLU B 1096 -21.06 -45.67 27.09
N ILE B 1097 -21.22 -45.16 25.88
CA ILE B 1097 -20.42 -45.59 24.74
C ILE B 1097 -18.93 -45.24 24.89
N LYS B 1098 -18.64 -44.08 25.46
CA LYS B 1098 -17.26 -43.64 25.62
C LYS B 1098 -16.43 -44.63 26.45
N GLN B 1099 -17.10 -45.39 27.31
CA GLN B 1099 -16.45 -46.42 28.11
C GLN B 1099 -16.24 -47.71 27.30
N LEU B 1100 -17.17 -47.98 26.38
CA LEU B 1100 -17.11 -49.17 25.55
C LEU B 1100 -15.79 -49.24 24.79
N ASN B 1101 -15.34 -50.45 24.49
CA ASN B 1101 -14.24 -50.63 23.55
C ASN B 1101 -14.67 -50.09 22.19
N VAL B 1102 -13.86 -49.22 21.62
CA VAL B 1102 -14.18 -48.59 20.35
C VAL B 1102 -14.43 -49.62 19.26
N GLN B 1103 -13.62 -50.67 19.26
CA GLN B 1103 -13.69 -51.68 18.20
C GLN B 1103 -14.82 -52.68 18.43
N TRP B 1104 -15.11 -52.97 19.70
CA TRP B 1104 -16.14 -53.95 20.05
C TRP B 1104 -17.55 -53.42 19.78
N LEU B 1105 -17.73 -52.11 19.88
CA LEU B 1105 -19.04 -51.50 19.69
C LEU B 1105 -19.49 -51.68 18.24
N ARG B 1106 -18.59 -51.39 17.31
CA ARG B 1106 -18.90 -51.49 15.89
C ARG B 1106 -18.84 -52.94 15.42
N ALA B 1107 -18.39 -53.83 16.31
CA ALA B 1107 -18.22 -55.23 15.97
C ALA B 1107 -19.55 -55.92 15.65
N GLN B 1108 -20.52 -55.77 16.55
CA GLN B 1108 -21.88 -56.25 16.30
C GLN B 1108 -22.80 -55.07 15.95
N LEU B 1109 -22.46 -54.35 14.89
CA LEU B 1109 -23.29 -53.26 14.41
C LEU B 1109 -23.44 -53.32 12.89
N GLY B 1110 -24.53 -53.95 12.42
CA GLY B 1110 -24.80 -54.04 10.99
C GLY B 1110 -25.30 -52.73 10.44
N ILE B 1111 -24.68 -52.25 9.36
CA ILE B 1111 -24.99 -50.93 8.84
C ILE B 1111 -25.27 -50.96 7.33
N VAL B 1112 -26.23 -50.15 6.89
CA VAL B 1112 -26.53 -50.00 5.47
C VAL B 1112 -26.63 -48.51 5.10
N SER B 1113 -26.04 -48.14 3.96
CA SER B 1113 -26.00 -46.74 3.51
C SER B 1113 -26.83 -46.51 2.24
N GLN B 1114 -27.24 -45.27 2.03
CA GLN B 1114 -28.13 -44.89 0.92
C GLN B 1114 -27.55 -45.27 -0.44
N GLU B 1115 -26.23 -45.18 -0.55
CA GLU B 1115 -25.53 -45.58 -1.76
C GLU B 1115 -24.45 -46.58 -1.39
N PRO B 1116 -24.78 -47.87 -1.45
CA PRO B 1116 -23.85 -48.93 -1.04
C PRO B 1116 -22.63 -48.94 -1.93
N ILE B 1117 -21.46 -49.14 -1.34
CA ILE B 1117 -20.22 -49.13 -2.10
C ILE B 1117 -19.47 -50.45 -1.93
N LEU B 1118 -18.85 -50.91 -3.02
CA LEU B 1118 -18.15 -52.20 -3.01
C LEU B 1118 -16.66 -52.07 -3.32
N PHE B 1119 -15.89 -53.06 -2.89
CA PHE B 1119 -14.46 -53.11 -3.15
C PHE B 1119 -14.15 -53.98 -4.38
N ASP B 1120 -13.03 -53.71 -5.04
CA ASP B 1120 -12.62 -54.47 -6.21
C ASP B 1120 -12.15 -55.88 -5.85
N CYS B 1121 -13.11 -56.76 -5.57
CA CYS B 1121 -12.81 -58.13 -5.24
C CYS B 1121 -14.02 -59.04 -5.48
N SER B 1122 -13.89 -60.30 -5.07
CA SER B 1122 -14.95 -61.28 -5.22
C SER B 1122 -16.20 -60.91 -4.44
N ILE B 1123 -17.27 -61.65 -4.67
CA ILE B 1123 -18.49 -61.48 -3.90
C ILE B 1123 -18.31 -62.03 -2.48
N ALA B 1124 -17.79 -63.25 -2.39
CA ALA B 1124 -17.56 -63.91 -1.10
C ALA B 1124 -16.73 -63.05 -0.16
N GLU B 1125 -15.72 -62.37 -0.69
CA GLU B 1125 -14.88 -61.48 0.11
C GLU B 1125 -15.66 -60.25 0.58
N ASN B 1126 -16.46 -59.65 -0.30
CA ASN B 1126 -17.31 -58.52 0.09
C ASN B 1126 -18.25 -58.92 1.23
N ILE B 1127 -18.77 -60.15 1.14
CA ILE B 1127 -19.67 -60.69 2.15
C ILE B 1127 -18.96 -60.91 3.49
N ALA B 1128 -17.85 -61.64 3.47
CA ALA B 1128 -17.12 -61.95 4.69
C ALA B 1128 -16.27 -60.77 5.18
N TYR B 1129 -16.32 -59.65 4.44
CA TYR B 1129 -15.65 -58.43 4.87
C TYR B 1129 -16.44 -57.80 6.02
N GLY B 1130 -17.69 -58.22 6.16
CA GLY B 1130 -18.54 -57.77 7.24
C GLY B 1130 -17.94 -58.15 8.58
N ASP B 1131 -17.75 -59.44 8.79
CA ASP B 1131 -17.09 -59.92 9.99
C ASP B 1131 -15.63 -60.23 9.74
N ASN B 1132 -14.76 -59.33 10.16
CA ASN B 1132 -13.32 -59.52 10.05
C ASN B 1132 -12.80 -60.14 11.33
N SER B 1133 -11.47 -60.24 11.45
CA SER B 1133 -10.82 -60.84 12.61
C SER B 1133 -11.27 -62.27 12.87
N ARG B 1134 -11.83 -62.90 11.83
CA ARG B 1134 -12.28 -64.28 11.89
C ARG B 1134 -12.23 -64.87 10.49
N VAL B 1135 -11.62 -66.05 10.38
CA VAL B 1135 -11.46 -66.72 9.10
C VAL B 1135 -12.80 -67.11 8.45
N VAL B 1136 -13.90 -66.79 9.14
CA VAL B 1136 -15.27 -67.08 8.68
C VAL B 1136 -15.41 -68.51 8.14
N SER B 1137 -16.37 -68.73 7.25
CA SER B 1137 -16.53 -70.02 6.58
C SER B 1137 -17.21 -69.85 5.23
N TYR B 1138 -17.56 -70.96 4.61
CA TYR B 1138 -18.38 -70.93 3.39
C TYR B 1138 -19.84 -71.06 3.81
N GLU B 1139 -20.06 -71.84 4.87
CA GLU B 1139 -21.40 -72.08 5.39
C GLU B 1139 -21.98 -70.80 6.02
N GLU B 1140 -21.10 -69.98 6.57
CA GLU B 1140 -21.49 -68.68 7.12
C GLU B 1140 -21.95 -67.75 6.00
N ILE B 1141 -21.14 -67.68 4.94
CA ILE B 1141 -21.41 -66.83 3.79
C ILE B 1141 -22.67 -67.23 3.03
N VAL B 1142 -22.89 -68.54 2.86
CA VAL B 1142 -24.10 -69.03 2.20
C VAL B 1142 -25.33 -68.88 3.12
N ARG B 1143 -25.13 -69.02 4.42
CA ARG B 1143 -26.20 -68.79 5.39
C ARG B 1143 -26.65 -67.33 5.32
N ALA B 1144 -25.69 -66.44 5.08
CA ALA B 1144 -25.98 -65.02 4.93
C ALA B 1144 -26.50 -64.70 3.53
N ALA B 1145 -26.24 -65.59 2.59
CA ALA B 1145 -26.63 -65.39 1.20
C ALA B 1145 -28.09 -65.77 0.95
N LYS B 1146 -28.51 -66.92 1.48
CA LYS B 1146 -29.88 -67.39 1.31
C LYS B 1146 -30.86 -66.65 2.22
N GLU B 1147 -30.32 -65.77 3.06
CA GLU B 1147 -31.15 -64.94 3.92
C GLU B 1147 -31.33 -63.55 3.30
N ALA B 1148 -30.36 -63.17 2.47
CA ALA B 1148 -30.41 -61.90 1.74
C ALA B 1148 -31.05 -62.10 0.37
N ASN B 1149 -31.61 -63.28 0.15
CA ASN B 1149 -32.30 -63.64 -1.09
C ASN B 1149 -31.42 -63.55 -2.36
N ILE B 1150 -30.11 -63.51 -2.15
CA ILE B 1150 -29.15 -63.40 -3.25
C ILE B 1150 -28.57 -64.76 -3.65
N HIS B 1151 -29.06 -65.81 -3.00
CA HIS B 1151 -28.57 -67.16 -3.24
C HIS B 1151 -28.93 -67.70 -4.62
N GLN B 1152 -30.00 -67.17 -5.21
CA GLN B 1152 -30.46 -67.61 -6.51
C GLN B 1152 -29.61 -66.96 -7.60
N PHE B 1153 -29.08 -65.79 -7.28
CA PHE B 1153 -28.39 -64.96 -8.24
C PHE B 1153 -26.94 -65.38 -8.44
N ILE B 1154 -26.37 -66.07 -7.45
CA ILE B 1154 -24.95 -66.42 -7.48
C ILE B 1154 -24.68 -67.72 -8.24
N ASP B 1155 -25.58 -68.68 -8.14
CA ASP B 1155 -25.47 -69.94 -8.86
C ASP B 1155 -25.75 -69.72 -10.35
N SER B 1156 -26.67 -68.80 -10.64
CA SER B 1156 -27.05 -68.49 -12.01
C SER B 1156 -25.97 -67.67 -12.72
N LEU B 1157 -25.18 -66.96 -11.92
CA LEU B 1157 -24.12 -66.11 -12.41
C LEU B 1157 -22.89 -66.94 -12.76
N PRO B 1158 -22.16 -66.57 -13.84
CA PRO B 1158 -20.89 -67.21 -14.24
C PRO B 1158 -19.97 -67.55 -13.06
N ASP B 1159 -19.42 -68.77 -13.06
CA ASP B 1159 -18.74 -69.34 -11.88
C ASP B 1159 -19.70 -69.45 -10.70
N LYS B 1160 -19.29 -68.91 -9.54
CA LYS B 1160 -20.12 -68.93 -8.35
C LYS B 1160 -19.86 -67.66 -7.54
N TYR B 1161 -18.81 -67.73 -6.70
CA TYR B 1161 -18.37 -66.62 -5.87
C TYR B 1161 -17.16 -65.93 -6.50
N ASN B 1162 -16.59 -66.60 -7.51
CA ASN B 1162 -15.38 -66.13 -8.18
C ASN B 1162 -15.57 -64.82 -8.93
N THR B 1163 -16.81 -64.36 -9.05
CA THR B 1163 -17.11 -63.18 -9.84
C THR B 1163 -16.53 -61.88 -9.28
N ARG B 1164 -16.00 -61.04 -10.18
CA ARG B 1164 -15.40 -59.77 -9.81
C ARG B 1164 -16.41 -58.62 -9.92
N VAL B 1165 -16.82 -58.09 -8.78
CA VAL B 1165 -17.73 -56.96 -8.73
C VAL B 1165 -17.14 -55.84 -7.87
N GLY B 1166 -16.81 -54.71 -8.50
CA GLY B 1166 -16.99 -54.54 -9.93
C GLY B 1166 -16.09 -53.46 -10.49
N ASP B 1167 -15.81 -53.53 -11.79
CA ASP B 1167 -14.92 -52.57 -12.44
C ASP B 1167 -15.68 -51.38 -13.03
N LYS B 1168 -15.33 -50.18 -12.58
CA LYS B 1168 -15.94 -48.92 -13.01
C LYS B 1168 -17.38 -48.70 -12.52
N GLY B 1169 -18.01 -49.76 -12.00
CA GLY B 1169 -19.36 -49.65 -11.48
C GLY B 1169 -20.45 -49.72 -12.54
N THR B 1170 -20.24 -50.54 -13.56
CA THR B 1170 -21.21 -50.74 -14.63
C THR B 1170 -22.16 -51.90 -14.34
N GLN B 1171 -21.59 -53.10 -14.20
CA GLN B 1171 -22.35 -54.31 -13.88
C GLN B 1171 -22.93 -54.23 -12.45
N LEU B 1172 -24.05 -54.93 -12.24
CA LEU B 1172 -24.76 -54.94 -10.96
C LEU B 1172 -25.17 -53.53 -10.48
N SER B 1173 -26.38 -53.12 -10.84
CA SER B 1173 -26.91 -51.82 -10.46
C SER B 1173 -27.35 -51.81 -8.99
N GLY B 1174 -27.75 -50.62 -8.50
CA GLY B 1174 -28.04 -50.41 -7.10
C GLY B 1174 -29.04 -51.37 -6.44
N GLY B 1175 -29.97 -51.89 -7.24
CA GLY B 1175 -30.93 -52.85 -6.75
C GLY B 1175 -30.25 -54.12 -6.26
N GLN B 1176 -29.51 -54.75 -7.16
CA GLN B 1176 -28.77 -55.96 -6.84
C GLN B 1176 -27.65 -55.65 -5.86
N LYS B 1177 -26.97 -54.53 -6.10
CA LYS B 1177 -25.78 -54.11 -5.35
C LYS B 1177 -26.08 -53.86 -3.88
N GLN B 1178 -27.29 -53.38 -3.59
CA GLN B 1178 -27.70 -53.13 -2.21
C GLN B 1178 -28.00 -54.42 -1.46
N ARG B 1179 -28.57 -55.39 -2.17
CA ARG B 1179 -28.90 -56.69 -1.59
C ARG B 1179 -27.67 -57.38 -1.02
N ILE B 1180 -26.51 -57.05 -1.58
CA ILE B 1180 -25.25 -57.62 -1.11
C ILE B 1180 -24.90 -57.07 0.27
N ALA B 1181 -25.06 -55.76 0.46
CA ALA B 1181 -24.68 -55.10 1.71
C ALA B 1181 -25.41 -55.68 2.91
N ILE B 1182 -26.61 -56.19 2.65
CA ILE B 1182 -27.41 -56.87 3.65
C ILE B 1182 -26.70 -58.12 4.11
N ALA B 1183 -26.35 -58.98 3.15
CA ALA B 1183 -25.62 -60.21 3.42
C ALA B 1183 -24.29 -59.93 4.11
N ARG B 1184 -23.66 -58.82 3.74
CA ARG B 1184 -22.43 -58.38 4.39
C ARG B 1184 -22.66 -58.10 5.87
N ALA B 1185 -23.61 -57.19 6.15
CA ALA B 1185 -23.94 -56.82 7.52
C ALA B 1185 -24.57 -57.98 8.28
N LEU B 1186 -24.89 -59.07 7.58
CA LEU B 1186 -25.61 -60.19 8.16
C LEU B 1186 -24.68 -61.27 8.68
N VAL B 1187 -23.47 -61.31 8.15
CA VAL B 1187 -22.50 -62.33 8.52
C VAL B 1187 -22.10 -62.24 9.99
N ARG B 1188 -21.81 -61.02 10.44
CA ARG B 1188 -21.39 -60.80 11.81
C ARG B 1188 -22.52 -61.13 12.79
N GLN B 1189 -23.72 -61.32 12.26
CA GLN B 1189 -24.91 -61.57 13.07
C GLN B 1189 -25.06 -60.50 14.15
N PRO B 1190 -25.32 -59.25 13.73
CA PRO B 1190 -25.27 -58.11 14.65
C PRO B 1190 -26.57 -57.96 15.43
N HIS B 1191 -26.44 -57.55 16.69
CA HIS B 1191 -27.61 -57.38 17.54
C HIS B 1191 -28.31 -56.04 17.28
N ILE B 1192 -27.64 -55.16 16.52
CA ILE B 1192 -28.21 -53.86 16.18
C ILE B 1192 -28.10 -53.60 14.68
N LEU B 1193 -29.25 -53.44 14.02
CA LEU B 1193 -29.28 -53.12 12.59
C LEU B 1193 -29.55 -51.63 12.35
N LEU B 1194 -28.77 -51.01 11.48
CA LEU B 1194 -28.97 -49.60 11.14
C LEU B 1194 -29.22 -49.43 9.65
N LEU B 1195 -30.48 -49.18 9.29
CA LEU B 1195 -30.85 -48.99 7.91
C LEU B 1195 -31.01 -47.51 7.59
N ASP B 1196 -30.18 -46.99 6.68
CA ASP B 1196 -30.25 -45.57 6.33
C ASP B 1196 -30.60 -45.35 4.87
N GLU B 1197 -31.90 -45.15 4.60
CA GLU B 1197 -32.41 -44.87 3.26
C GLU B 1197 -31.95 -45.87 2.18
N ALA B 1198 -32.17 -47.16 2.45
CA ALA B 1198 -31.83 -48.21 1.51
C ALA B 1198 -32.75 -48.20 0.30
N THR B 1199 -34.05 -48.31 0.54
CA THR B 1199 -35.04 -48.30 -0.53
C THR B 1199 -35.51 -46.88 -0.87
N SER B 1200 -34.71 -45.88 -0.51
CA SER B 1200 -35.03 -44.49 -0.83
C SER B 1200 -34.38 -44.09 -2.14
N ALA B 1201 -33.18 -44.61 -2.38
CA ALA B 1201 -32.46 -44.36 -3.63
C ALA B 1201 -32.72 -45.48 -4.63
N LEU B 1202 -33.65 -46.36 -4.29
CA LEU B 1202 -33.95 -47.52 -5.13
C LEU B 1202 -35.19 -47.31 -5.99
N ASP B 1203 -35.20 -47.91 -7.17
CA ASP B 1203 -36.28 -47.73 -8.13
C ASP B 1203 -36.87 -49.05 -8.59
N THR B 1204 -37.58 -49.01 -9.72
CA THR B 1204 -38.31 -50.16 -10.28
C THR B 1204 -39.00 -51.07 -9.25
N GLU B 1205 -38.98 -52.38 -9.51
CA GLU B 1205 -39.63 -53.36 -8.64
C GLU B 1205 -38.64 -54.03 -7.69
N SER B 1206 -37.45 -53.46 -7.58
CA SER B 1206 -36.36 -54.05 -6.80
C SER B 1206 -36.57 -53.94 -5.27
N GLU B 1207 -37.00 -52.77 -4.81
CA GLU B 1207 -37.19 -52.53 -3.37
C GLU B 1207 -38.13 -53.54 -2.72
N LYS B 1208 -38.99 -54.15 -3.52
CA LYS B 1208 -39.92 -55.16 -3.01
C LYS B 1208 -39.17 -56.37 -2.49
N VAL B 1209 -38.46 -57.05 -3.39
CA VAL B 1209 -37.66 -58.22 -3.04
C VAL B 1209 -36.49 -57.84 -2.13
N VAL B 1210 -36.06 -56.59 -2.19
CA VAL B 1210 -35.02 -56.07 -1.31
C VAL B 1210 -35.48 -56.05 0.14
N GLN B 1211 -36.51 -55.26 0.42
CA GLN B 1211 -37.00 -55.13 1.78
C GLN B 1211 -37.70 -56.41 2.25
N GLU B 1212 -37.99 -57.29 1.29
CA GLU B 1212 -38.61 -58.59 1.60
C GLU B 1212 -37.66 -59.51 2.36
N ALA B 1213 -36.36 -59.23 2.27
CA ALA B 1213 -35.36 -59.98 3.03
C ALA B 1213 -34.92 -59.21 4.25
N LEU B 1214 -35.38 -57.96 4.37
CA LEU B 1214 -35.03 -57.11 5.50
C LEU B 1214 -35.78 -57.51 6.75
N ASP B 1215 -37.09 -57.73 6.61
CA ASP B 1215 -37.94 -58.04 7.75
C ASP B 1215 -37.54 -59.33 8.47
N LYS B 1216 -37.15 -60.36 7.71
CA LYS B 1216 -36.81 -61.67 8.28
C LYS B 1216 -35.50 -61.61 9.05
N ALA B 1217 -34.60 -60.72 8.61
CA ALA B 1217 -33.32 -60.52 9.25
C ALA B 1217 -33.43 -59.39 10.27
N ARG B 1218 -34.63 -58.86 10.42
CA ARG B 1218 -34.90 -57.77 11.35
C ARG B 1218 -35.44 -58.32 12.67
N GLU B 1219 -36.06 -59.49 12.60
CA GLU B 1219 -36.67 -60.12 13.76
C GLU B 1219 -35.63 -60.50 14.82
N GLY B 1220 -35.98 -60.27 16.08
CA GLY B 1220 -35.10 -60.59 17.19
C GLY B 1220 -33.89 -59.68 17.23
N ARG B 1221 -34.01 -58.55 16.54
CA ARG B 1221 -32.89 -57.61 16.41
C ARG B 1221 -33.36 -56.19 16.62
N THR B 1222 -32.63 -55.46 17.46
CA THR B 1222 -32.82 -54.03 17.63
C THR B 1222 -32.57 -53.38 16.27
N CYS B 1223 -33.47 -52.52 15.83
CA CYS B 1223 -33.32 -51.88 14.53
C CYS B 1223 -33.61 -50.38 14.59
N ILE B 1224 -32.98 -49.63 13.67
CA ILE B 1224 -33.25 -48.21 13.54
C ILE B 1224 -33.35 -47.87 12.06
N VAL B 1225 -34.58 -47.75 11.55
CA VAL B 1225 -34.80 -47.50 10.13
C VAL B 1225 -35.08 -46.04 9.81
N ILE B 1226 -34.35 -45.52 8.83
CA ILE B 1226 -34.58 -44.19 8.31
C ILE B 1226 -34.96 -44.29 6.84
N ALA B 1227 -36.12 -43.77 6.48
CA ALA B 1227 -36.55 -43.73 5.09
C ALA B 1227 -37.24 -42.41 4.80
N HIS B 1228 -37.40 -42.09 3.53
CA HIS B 1228 -38.21 -40.93 3.16
C HIS B 1228 -39.42 -41.46 2.40
N ARG B 1229 -39.56 -42.79 2.39
CA ARG B 1229 -40.70 -43.44 1.75
C ARG B 1229 -41.98 -43.30 2.58
N LEU B 1230 -41.83 -43.30 3.91
CA LEU B 1230 -42.96 -43.14 4.83
C LEU B 1230 -43.98 -44.28 4.83
N SER B 1231 -43.86 -45.18 3.85
CA SER B 1231 -44.88 -46.21 3.63
C SER B 1231 -44.68 -47.45 4.51
N THR B 1232 -43.43 -47.73 4.84
CA THR B 1232 -43.10 -48.87 5.69
C THR B 1232 -42.73 -48.42 7.10
N ILE B 1233 -43.04 -47.17 7.41
CA ILE B 1233 -42.78 -46.60 8.73
C ILE B 1233 -43.97 -46.91 9.65
N GLN B 1234 -45.15 -47.12 9.04
CA GLN B 1234 -46.36 -47.49 9.76
C GLN B 1234 -46.25 -48.89 10.36
N ASN B 1235 -45.20 -49.62 9.98
CA ASN B 1235 -44.95 -50.96 10.49
C ASN B 1235 -44.01 -50.92 11.69
N ALA B 1236 -43.40 -49.76 11.91
CA ALA B 1236 -42.42 -49.59 12.99
C ALA B 1236 -43.04 -49.53 14.37
N ASP B 1237 -42.35 -50.08 15.37
CA ASP B 1237 -42.80 -50.04 16.76
C ASP B 1237 -42.89 -48.62 17.28
N LEU B 1238 -41.79 -47.88 17.19
CA LEU B 1238 -41.74 -46.51 17.65
C LEU B 1238 -41.30 -45.59 16.53
N ILE B 1239 -42.04 -44.52 16.32
CA ILE B 1239 -41.70 -43.54 15.30
C ILE B 1239 -41.41 -42.19 15.97
N VAL B 1240 -40.21 -41.68 15.76
CA VAL B 1240 -39.80 -40.44 16.41
C VAL B 1240 -39.55 -39.30 15.41
N VAL B 1241 -40.32 -38.22 15.54
CA VAL B 1241 -40.16 -37.05 14.69
C VAL B 1241 -39.03 -36.15 15.20
N ILE B 1242 -38.07 -35.87 14.34
CA ILE B 1242 -36.93 -35.02 14.71
C ILE B 1242 -36.92 -33.73 13.88
N GLN B 1243 -37.25 -32.61 14.53
CA GLN B 1243 -37.22 -31.32 13.86
C GLN B 1243 -36.54 -30.29 14.75
N ASN B 1244 -35.88 -29.30 14.13
CA ASN B 1244 -35.21 -28.23 14.85
C ASN B 1244 -34.15 -28.75 15.83
N GLY B 1245 -33.63 -29.93 15.55
CA GLY B 1245 -32.60 -30.53 16.38
C GLY B 1245 -33.13 -31.27 17.60
N LYS B 1246 -34.45 -31.28 17.76
CA LYS B 1246 -35.07 -31.95 18.91
C LYS B 1246 -36.20 -32.89 18.49
N VAL B 1247 -36.78 -33.57 19.48
CA VAL B 1247 -37.91 -34.44 19.25
C VAL B 1247 -39.16 -33.77 19.80
N LYS B 1248 -40.07 -33.38 18.90
CA LYS B 1248 -41.32 -32.75 19.30
C LYS B 1248 -42.48 -33.75 19.24
N GLU B 1249 -42.21 -34.94 18.70
CA GLU B 1249 -43.24 -35.97 18.59
C GLU B 1249 -42.64 -37.38 18.76
N HIS B 1250 -43.32 -38.20 19.56
CA HIS B 1250 -42.86 -39.57 19.85
C HIS B 1250 -44.06 -40.46 20.18
N GLY B 1251 -43.97 -41.73 19.79
CA GLY B 1251 -45.07 -42.65 20.02
C GLY B 1251 -45.36 -43.49 18.80
N THR B 1252 -46.48 -44.19 18.81
CA THR B 1252 -46.79 -45.12 17.72
C THR B 1252 -47.40 -44.45 16.50
N HIS B 1253 -47.65 -45.25 15.47
CA HIS B 1253 -48.24 -44.79 14.23
C HIS B 1253 -49.62 -44.19 14.47
N GLN B 1254 -50.49 -44.96 15.11
CA GLN B 1254 -51.85 -44.54 15.39
C GLN B 1254 -51.91 -43.44 16.45
N GLN B 1255 -50.91 -43.44 17.32
CA GLN B 1255 -50.79 -42.41 18.34
C GLN B 1255 -50.50 -41.05 17.67
N LEU B 1256 -49.55 -41.06 16.74
CA LEU B 1256 -49.15 -39.85 16.03
C LEU B 1256 -50.15 -39.46 14.94
N LEU B 1257 -50.97 -40.42 14.54
CA LEU B 1257 -52.03 -40.17 13.57
C LEU B 1257 -53.23 -39.52 14.25
N ALA B 1258 -53.56 -40.02 15.44
CA ALA B 1258 -54.64 -39.44 16.22
C ALA B 1258 -54.22 -38.12 16.85
N GLN B 1259 -52.92 -37.95 17.04
CA GLN B 1259 -52.37 -36.73 17.64
C GLN B 1259 -52.55 -35.50 16.73
N LYS B 1260 -52.62 -35.75 15.43
CA LYS B 1260 -52.75 -34.69 14.41
C LYS B 1260 -51.61 -33.67 14.49
N GLY B 1261 -50.38 -34.15 14.39
CA GLY B 1261 -49.23 -33.28 14.50
C GLY B 1261 -48.55 -32.97 13.17
N ILE B 1262 -47.25 -32.67 13.23
CA ILE B 1262 -46.44 -32.44 12.03
C ILE B 1262 -46.32 -33.74 11.25
N TYR B 1263 -46.41 -34.85 11.98
CA TYR B 1263 -46.34 -36.19 11.40
C TYR B 1263 -47.53 -36.40 10.47
N PHE B 1264 -48.70 -35.98 10.93
CA PHE B 1264 -49.90 -36.04 10.11
C PHE B 1264 -49.81 -35.13 8.89
N SER B 1265 -49.14 -33.99 9.04
CA SER B 1265 -48.97 -33.05 7.94
C SER B 1265 -48.00 -33.58 6.89
N MET B 1266 -47.06 -34.42 7.32
CA MET B 1266 -46.03 -34.94 6.43
C MET B 1266 -46.48 -36.15 5.62
N VAL B 1267 -47.39 -36.95 6.19
CA VAL B 1267 -47.88 -38.13 5.51
C VAL B 1267 -49.04 -37.72 4.60
N SER B 1268 -49.52 -36.49 4.78
CA SER B 1268 -50.64 -35.98 4.02
C SER B 1268 -50.22 -35.52 2.62
N VAL B 1269 -49.01 -35.00 2.51
CA VAL B 1269 -48.52 -34.45 1.25
C VAL B 1269 -48.13 -35.53 0.23
N GLN B 1270 -48.52 -36.77 0.49
CA GLN B 1270 -48.20 -37.88 -0.42
C GLN B 1270 -49.01 -37.82 -1.71
N ALA B 1271 -50.18 -37.18 -1.65
CA ALA B 1271 -51.11 -37.05 -2.77
C ALA B 1271 -51.51 -38.40 -3.35
SE1 2J8 C . -2.33 29.16 37.59
SE2 2J8 C . -4.06 26.65 46.04
SE3 2J8 C . -10.01 25.02 40.09
C01 2J8 C . -7.60 25.97 39.38
C02 2J8 C . -6.48 26.65 38.64
N03 2J8 C . -6.45 28.04 38.43
C04 2J8 C . -5.40 28.83 37.72
C05 2J8 C . -4.03 28.56 38.39
C07 2J8 C . -1.50 28.34 39.04
C08 2J8 C . -2.45 27.79 39.87
C09 2J8 C . -2.07 27.07 41.16
N10 2J8 C . -2.32 27.68 42.39
C11 2J8 C . -2.06 27.17 43.73
C12 2J8 C . -3.33 26.42 44.25
C14 2J8 C . -5.36 25.44 45.55
C15 2J8 C . -5.15 25.03 44.28
C16 2J8 C . -6.11 24.08 43.64
N17 2J8 C . -7.29 24.65 43.21
C18 2J8 C . -8.41 24.12 42.56
C19 2J8 C . -8.42 24.82 41.19
C21 2J8 C . -8.87 25.92 38.90
N22 2J8 C . -7.39 25.37 40.63
N23 2J8 C . -4.07 25.59 43.58
N24 2J8 C . -3.80 27.90 39.51
O25 2J8 C . -5.55 25.93 38.23
O26 2J8 C . -1.54 25.94 41.13
O27 2J8 C . -5.86 22.86 43.54
C28 2J8 C . -5.80 30.38 37.64
C29 2J8 C . -5.10 31.27 38.68
C30 2J8 C . -5.76 31.03 36.23
C31 2J8 C . -1.55 28.32 44.75
C32 2J8 C . -0.04 28.27 45.07
C33 2J8 C . -1.88 29.75 44.38
C34 2J8 C . -9.73 24.50 43.37
C35 2J8 C . -9.49 25.07 44.78
C36 2J8 C . -10.74 23.40 43.47
SE1 2J8 D . -10.63 18.15 42.42
SE3 2J8 D . -8.72 17.56 51.38
C01 2J8 D . -9.95 17.74 49.00
C02 2J8 D . -10.57 18.33 47.74
N03 2J8 D . -9.73 18.53 46.62
C04 2J8 D . -9.99 19.08 45.29
C05 2J8 D . -10.79 18.11 44.38
C07 2J8 D . -11.86 16.76 42.41
C08 2J8 D . -12.22 16.45 43.68
C19 2J8 D . -9.32 15.99 50.35
C21 2J8 D . -9.42 18.55 49.97
N22 2J8 D . -9.87 16.35 49.23
N24 2J8 D . -11.63 17.18 44.73
O25 2J8 D . -11.76 18.66 47.70
C28 2J8 D . -8.58 19.53 44.69
C29 2J8 D . -7.66 18.39 44.31
C30 2J8 D . -8.57 20.58 43.59
SE1 2J8 E . 28.02 -34.69 -10.46
SE2 2J8 E . 37.12 -34.30 -12.12
SE3 2J8 E . 31.18 -31.07 -18.37
C01 2J8 E . 30.23 -31.47 -15.87
C02 2J8 E . 29.30 -31.60 -14.65
N03 2J8 E . 28.78 -32.85 -14.30
C04 2J8 E . 27.90 -33.26 -13.20
C05 2J8 E . 28.76 -33.67 -11.98
C07 2J8 E . 29.75 -34.61 -9.75
C08 2J8 E . 30.58 -33.92 -10.59
C09 2J8 E . 32.07 -33.74 -10.24
N10 2J8 E . 33.04 -34.61 -10.75
C11 2J8 E . 34.46 -34.60 -10.52
C12 2J8 E . 35.23 -33.97 -11.74
C14 2J8 E . 36.90 -33.21 -13.61
C15 2J8 E . 35.61 -32.77 -13.67
C16 2J8 E . 35.12 -31.87 -14.78
N17 2J8 E . 34.41 -32.41 -15.84
C18 2J8 E . 33.86 -31.73 -17.01
C19 2J8 E . 32.32 -31.55 -16.85
C21 2J8 E . 29.77 -31.15 -17.11
N22 2J8 E . 31.62 -31.69 -15.75
N23 2J8 E . 34.73 -33.19 -12.65
N24 2J8 E . 30.03 -33.43 -11.79
O25 2J8 E . 29.03 -30.59 -13.97
O26 2J8 E . 32.41 -32.79 -9.51
O27 2J8 E . 35.35 -30.65 -14.75
C28 2J8 E . 26.83 -34.36 -13.73
C29 2J8 E . 27.34 -35.78 -14.03
C30 2J8 E . 25.49 -34.43 -13.01
C31 2J8 E . 35.03 -36.05 -10.19
C32 2J8 E . 36.16 -36.07 -9.23
C33 2J8 E . 34.04 -37.12 -9.70
C34 2J8 E . 34.17 -32.51 -18.35
C35 2J8 E . 34.78 -33.90 -18.19
C36 2J8 E . 34.91 -31.71 -19.43
SE1 2J8 F . 35.31 -23.16 -17.19
SE3 2J8 F . 43.49 -25.81 -14.43
C01 2J8 F . 41.36 -25.11 -15.85
C02 2J8 F . 40.08 -25.18 -16.67
N03 2J8 F . 38.85 -25.07 -16.04
C04 2J8 F . 37.53 -25.08 -16.60
C05 2J8 F . 37.13 -23.63 -16.76
C07 2J8 F . 35.90 -21.40 -17.12
C08 2J8 F . 37.22 -21.34 -16.84
C19 2J8 F . 42.95 -23.94 -14.67
C21 2J8 F . 42.02 -26.24 -15.48
N22 2J8 F . 41.87 -23.88 -15.40
N24 2J8 F . 37.88 -22.56 -16.64
O25 2J8 F . 40.15 -25.39 -17.89
C28 2J8 F . 36.54 -25.93 -15.67
C29 2J8 F . 36.13 -25.28 -14.33
C30 2J8 F . 35.31 -26.50 -16.38
#